data_6UZY
#
_entry.id   6UZY
#
_cell.length_a   1.00
_cell.length_b   1.00
_cell.length_c   1.00
_cell.angle_alpha   90.00
_cell.angle_beta   90.00
_cell.angle_gamma   90.00
#
_symmetry.space_group_name_H-M   'P 1'
#
loop_
_entity.id
_entity.type
_entity.pdbx_description
1 polymer Pannexin
2 non-polymer '[(2~{R})-1-[2-azanylethoxy(oxidanyl)phosphoryl]oxy-3-hexadecanoyloxy-propan-2-yl] (~{Z})-octadec-9-enoate'
3 non-polymer HEXADECANE
#
_entity_poly.entity_id   1
_entity_poly.type   'polypeptide(L)'
_entity_poly.pdbx_seq_one_letter_code
;MAIAHIATEYVFSDFLLKDPPESKYKGLRLELAVDKLVSCIAVGLPLLLISLAFAQEITLGSQISCFAPTSFSWRQAAYV
DSFCWAAVQQKHLSQSDSGNVPLWLHKFFPYILLLVAVLLYLPNLFWRFTAAPHLSSDLKFVMEELDKCYNRDIKDIKAA
NNLNSSDKRDGLNSPVVSENLQQSLWEIPLSHYKYPIVEQYLKTKNNSYGLIIKYLICRVVTLIIVFTACIYLGYYISLF
SLTDEFTCNIRTGILRNDTALPPLVQCKLIAVGVFRLLSYINLIIYVLIMPFIIYAMLVPFRKTANVLKVYEVLPTFSVQ
QAPSKTYDDHSLFLLFLEENVSELKSYKFLKVLENIKNTGENFDTIQYLTSLGTVKTDTVDGKLAFKCTSEVPNNTEQNE
VELTVQPSSDNAKTEEKKVRQRLLDSSCSNSLEVLFQ
;
_entity_poly.pdbx_strand_id   A,B,C,D,E,F,G
#
# COMPACT_ATOMS: atom_id res chain seq x y z
N TYR A 25 0.02 31.42 -0.84
CA TYR A 25 0.41 30.91 -2.15
C TYR A 25 0.65 29.42 -2.10
N LYS A 26 -0.38 28.67 -1.70
CA LYS A 26 -0.26 27.22 -1.69
C LYS A 26 -0.41 26.65 -3.09
N GLY A 27 -1.40 27.11 -3.83
CA GLY A 27 -1.69 26.58 -5.14
C GLY A 27 -1.06 27.34 -6.30
N LEU A 28 0.26 27.45 -6.29
CA LEU A 28 0.99 28.09 -7.37
C LEU A 28 1.28 27.03 -8.42
N ARG A 29 0.91 27.29 -9.68
CA ARG A 29 0.83 26.21 -10.66
C ARG A 29 2.18 25.84 -11.25
N LEU A 30 2.93 26.82 -11.75
CA LEU A 30 4.25 26.65 -12.38
C LEU A 30 4.27 25.77 -13.63
N GLU A 31 3.11 25.41 -14.17
CA GLU A 31 3.01 24.66 -15.41
C GLU A 31 1.77 25.14 -16.15
N LEU A 32 1.92 25.40 -17.46
CA LEU A 32 0.78 25.82 -18.32
C LEU A 32 -0.20 24.65 -18.40
N ALA A 33 -1.50 24.95 -18.39
CA ALA A 33 -2.53 23.87 -18.40
C ALA A 33 -2.38 23.00 -19.65
N VAL A 34 -2.18 23.63 -20.81
CA VAL A 34 -2.01 22.87 -22.09
C VAL A 34 -0.82 21.92 -21.97
N ASP A 35 0.32 22.42 -21.48
CA ASP A 35 1.56 21.62 -21.31
C ASP A 35 1.31 20.46 -20.35
N LYS A 36 0.60 20.73 -19.24
CA LYS A 36 0.32 19.67 -18.24
C LYS A 36 -0.55 18.59 -18.88
N LEU A 37 -1.56 18.98 -19.65
CA LEU A 37 -2.46 18.00 -20.32
C LEU A 37 -1.68 17.18 -21.34
N VAL A 38 -0.85 17.83 -22.16
CA VAL A 38 -0.06 17.17 -23.23
C VAL A 38 0.87 16.11 -22.63
N SER A 39 1.64 16.47 -21.60
CA SER A 39 2.59 15.53 -20.95
C SER A 39 1.86 14.28 -20.46
N CYS A 40 0.71 14.44 -19.79
CA CYS A 40 -0.03 13.28 -19.23
C CYS A 40 -0.49 12.36 -20.36
N ILE A 41 -1.01 12.94 -21.45
CA ILE A 41 -1.50 12.14 -22.62
C ILE A 41 -0.29 11.39 -23.19
N ALA A 42 0.80 12.12 -23.49
CA ALA A 42 2.01 11.54 -24.12
C ALA A 42 2.74 10.52 -23.23
N VAL A 43 2.48 10.52 -21.93
CA VAL A 43 3.15 9.57 -21.05
C VAL A 43 2.22 8.47 -20.60
N GLY A 44 1.01 8.81 -20.16
CA GLY A 44 0.08 7.81 -19.68
C GLY A 44 -0.59 6.99 -20.75
N LEU A 45 -0.44 7.34 -22.03
CA LEU A 45 -1.04 6.50 -23.05
C LEU A 45 -0.17 5.28 -23.39
N PRO A 46 1.14 5.40 -23.66
CA PRO A 46 1.94 4.18 -23.88
C PRO A 46 2.04 3.29 -22.67
N LEU A 47 1.90 3.83 -21.45
CA LEU A 47 1.94 2.97 -20.28
C LEU A 47 0.74 2.03 -20.22
N LEU A 48 -0.46 2.54 -20.47
CA LEU A 48 -1.61 1.65 -20.49
C LEU A 48 -1.60 0.75 -21.72
N LEU A 49 -1.04 1.22 -22.84
CA LEU A 49 -0.97 0.36 -24.01
C LEU A 49 -0.03 -0.83 -23.80
N ILE A 50 1.13 -0.59 -23.19
CA ILE A 50 2.00 -1.74 -22.93
C ILE A 50 1.56 -2.53 -21.72
N SER A 51 0.75 -1.96 -20.82
CA SER A 51 0.16 -2.79 -19.77
C SER A 51 -0.83 -3.77 -20.37
N LEU A 52 -1.63 -3.32 -21.33
CA LEU A 52 -2.50 -4.22 -22.07
C LEU A 52 -1.71 -5.26 -22.85
N ALA A 53 -0.62 -4.84 -23.50
CA ALA A 53 0.16 -5.78 -24.29
C ALA A 53 0.82 -6.83 -23.41
N PHE A 54 1.32 -6.43 -22.25
CA PHE A 54 1.94 -7.40 -21.34
C PHE A 54 0.93 -8.34 -20.71
N ALA A 55 -0.26 -7.84 -20.37
CA ALA A 55 -1.30 -8.73 -19.87
C ALA A 55 -1.72 -9.74 -20.93
N GLN A 56 -1.84 -9.29 -22.19
CA GLN A 56 -2.13 -10.20 -23.29
C GLN A 56 -1.02 -11.22 -23.49
N GLU A 57 0.24 -10.82 -23.30
CA GLU A 57 1.36 -11.73 -23.49
C GLU A 57 1.45 -12.77 -22.38
N ILE A 58 1.03 -12.43 -21.16
CA ILE A 58 0.97 -13.44 -20.09
C ILE A 58 -0.30 -14.30 -20.17
N THR A 59 -1.37 -13.83 -20.81
CA THR A 59 -2.46 -14.78 -21.06
C THR A 59 -2.12 -15.74 -22.18
N LEU A 60 -1.65 -15.23 -23.32
CA LEU A 60 -1.38 -16.10 -24.46
C LEU A 60 -0.11 -16.93 -24.29
N GLY A 61 0.77 -16.53 -23.37
CA GLY A 61 1.96 -17.32 -23.08
C GLY A 61 3.13 -17.04 -24.00
N SER A 62 2.97 -17.32 -25.29
CA SER A 62 4.03 -17.16 -26.27
C SER A 62 3.63 -16.14 -27.32
N GLN A 63 4.60 -15.74 -28.15
CA GLN A 63 4.34 -14.73 -29.20
C GLN A 63 4.48 -15.32 -30.60
N ILE A 64 4.76 -16.63 -30.70
CA ILE A 64 4.90 -17.26 -32.00
C ILE A 64 4.30 -18.66 -31.92
N SER A 65 3.93 -19.21 -33.07
CA SER A 65 3.42 -20.58 -33.13
C SER A 65 3.88 -21.19 -34.44
N CYS A 66 4.74 -22.18 -34.38
CA CYS A 66 5.24 -22.88 -35.56
C CYS A 66 4.53 -24.21 -35.73
N PHE A 67 4.57 -24.73 -36.95
CA PHE A 67 3.94 -26.00 -37.28
C PHE A 67 5.04 -27.05 -37.37
N ALA A 68 5.38 -27.64 -36.23
CA ALA A 68 6.39 -28.69 -36.20
C ALA A 68 5.82 -29.98 -36.77
N PRO A 69 6.66 -30.83 -37.38
CA PRO A 69 6.17 -32.10 -37.92
C PRO A 69 5.73 -33.05 -36.82
N THR A 70 5.04 -34.12 -37.26
CA THR A 70 4.34 -35.01 -36.34
C THR A 70 5.28 -35.87 -35.50
N SER A 71 6.49 -36.14 -35.99
CA SER A 71 7.43 -37.00 -35.30
C SER A 71 8.28 -36.25 -34.28
N PHE A 72 7.86 -35.06 -33.88
CA PHE A 72 8.59 -34.24 -32.93
C PHE A 72 7.98 -34.37 -31.55
N SER A 73 8.81 -34.59 -30.54
CA SER A 73 8.35 -34.50 -29.16
C SER A 73 8.08 -33.05 -28.78
N TRP A 74 7.64 -32.85 -27.54
CA TRP A 74 7.35 -31.49 -27.08
C TRP A 74 8.60 -30.62 -27.10
N ARG A 75 9.73 -31.15 -26.63
CA ARG A 75 10.92 -30.31 -26.48
C ARG A 75 11.51 -29.91 -27.82
N GLN A 76 11.46 -30.80 -28.81
CA GLN A 76 11.95 -30.44 -30.14
C GLN A 76 11.07 -29.39 -30.79
N ALA A 77 9.74 -29.50 -30.63
CA ALA A 77 8.85 -28.48 -31.16
C ALA A 77 9.02 -27.15 -30.43
N ALA A 78 9.28 -27.20 -29.13
CA ALA A 78 9.57 -25.98 -28.38
C ALA A 78 10.86 -25.34 -28.85
N TYR A 79 11.86 -26.18 -29.18
CA TYR A 79 13.08 -25.67 -29.79
C TYR A 79 12.81 -25.02 -31.13
N VAL A 80 11.93 -25.60 -31.93
CA VAL A 80 11.61 -25.03 -33.24
C VAL A 80 10.92 -23.68 -33.07
N ASP A 81 9.99 -23.61 -32.13
CA ASP A 81 9.26 -22.36 -31.82
C ASP A 81 10.17 -21.24 -31.28
N SER A 82 11.08 -21.57 -30.37
CA SER A 82 11.98 -20.56 -29.82
C SER A 82 13.14 -20.26 -30.75
N PHE A 83 13.45 -21.16 -31.68
CA PHE A 83 14.50 -20.89 -32.65
C PHE A 83 14.00 -19.97 -33.75
N CYS A 84 12.81 -20.25 -34.30
CA CYS A 84 12.25 -19.37 -35.31
C CYS A 84 11.77 -18.05 -34.73
N TRP A 85 11.63 -17.97 -33.41
CA TRP A 85 11.29 -16.69 -32.79
C TRP A 85 12.51 -15.80 -32.62
N ALA A 86 13.62 -16.36 -32.16
CA ALA A 86 14.84 -15.60 -31.92
C ALA A 86 15.72 -15.47 -33.16
N ALA A 87 15.20 -15.79 -34.34
CA ALA A 87 15.95 -15.62 -35.57
C ALA A 87 15.40 -14.51 -36.45
N LEU A 103 9.89 -8.86 -38.71
CA LEU A 103 11.21 -8.51 -38.35
C LEU A 103 11.51 -8.13 -36.90
N TRP A 104 12.60 -7.38 -36.69
CA TRP A 104 13.02 -6.97 -35.33
C TRP A 104 12.04 -5.92 -34.77
N LEU A 105 11.32 -5.22 -35.66
CA LEU A 105 10.35 -4.18 -35.25
C LEU A 105 9.27 -4.83 -34.35
N HIS A 106 8.66 -5.92 -34.84
CA HIS A 106 7.62 -6.62 -34.11
C HIS A 106 7.97 -7.19 -32.73
N LYS A 107 9.17 -7.74 -32.61
CA LYS A 107 9.62 -8.34 -31.36
C LYS A 107 9.99 -7.30 -30.30
N PHE A 108 10.39 -6.11 -30.75
CA PHE A 108 10.79 -5.04 -29.83
C PHE A 108 9.71 -3.96 -29.72
N PHE A 109 8.45 -4.33 -29.76
CA PHE A 109 7.40 -3.33 -29.68
C PHE A 109 7.19 -2.78 -28.26
N PRO A 110 6.96 -3.62 -27.22
CA PRO A 110 6.69 -3.02 -25.90
C PRO A 110 7.91 -2.35 -25.27
N TYR A 111 9.12 -2.82 -25.57
CA TYR A 111 10.31 -2.14 -25.05
C TYR A 111 10.46 -0.76 -25.67
N ILE A 112 10.15 -0.63 -26.96
CA ILE A 112 10.24 0.67 -27.61
C ILE A 112 9.17 1.62 -27.09
N LEU A 113 7.95 1.11 -26.86
CA LEU A 113 6.92 2.00 -26.34
C LEU A 113 7.18 2.40 -24.90
N LEU A 114 7.75 1.52 -24.07
CA LEU A 114 8.10 1.94 -22.72
C LEU A 114 9.28 2.91 -22.73
N LEU A 115 10.22 2.74 -23.66
CA LEU A 115 11.29 3.72 -23.80
C LEU A 115 10.76 5.09 -24.19
N VAL A 116 9.75 5.12 -25.05
CA VAL A 116 9.15 6.40 -25.43
C VAL A 116 8.41 7.03 -24.26
N ALA A 117 7.72 6.21 -23.43
CA ALA A 117 7.04 6.75 -22.27
C ALA A 117 8.03 7.33 -21.25
N VAL A 118 9.16 6.64 -21.03
CA VAL A 118 10.13 7.15 -20.07
C VAL A 118 10.83 8.40 -20.61
N LEU A 119 11.18 8.40 -21.89
CA LEU A 119 11.82 9.58 -22.48
C LEU A 119 10.87 10.77 -22.56
N LEU A 120 9.55 10.54 -22.56
CA LEU A 120 8.62 11.66 -22.49
C LEU A 120 8.32 12.10 -21.07
N TYR A 121 8.51 11.23 -20.08
CA TYR A 121 8.47 11.70 -18.71
C TYR A 121 9.72 12.48 -18.32
N LEU A 122 10.83 12.28 -19.02
CA LEU A 122 12.06 12.99 -18.69
C LEU A 122 12.01 14.52 -18.76
N PRO A 123 11.37 15.18 -19.74
CA PRO A 123 11.45 16.65 -19.79
C PRO A 123 10.77 17.37 -18.64
N ASN A 124 9.65 16.86 -18.11
CA ASN A 124 9.07 17.58 -16.99
C ASN A 124 9.86 17.35 -15.71
N LEU A 125 10.60 16.25 -15.62
CA LEU A 125 11.57 16.09 -14.54
C LEU A 125 12.70 17.11 -14.66
N PHE A 126 13.17 17.34 -15.88
CA PHE A 126 14.20 18.35 -16.11
C PHE A 126 13.71 19.74 -15.73
N TRP A 127 12.47 20.07 -16.12
CA TRP A 127 11.91 21.37 -15.79
C TRP A 127 11.64 21.51 -14.31
N ARG A 128 11.24 20.42 -13.64
CA ARG A 128 10.95 20.50 -12.22
C ARG A 128 12.20 20.66 -11.39
N PHE A 129 13.28 19.98 -11.77
CA PHE A 129 14.50 20.10 -10.98
C PHE A 129 15.29 21.36 -11.30
N THR A 130 15.24 21.84 -12.55
CA THR A 130 16.17 22.88 -12.93
C THR A 130 15.57 24.28 -12.88
N ALA A 131 14.37 24.48 -13.42
CA ALA A 131 13.82 25.83 -13.54
C ALA A 131 12.54 26.09 -12.76
N ALA A 132 11.96 25.09 -12.13
CA ALA A 132 10.73 25.31 -11.38
C ALA A 132 10.93 25.98 -10.02
N PRO A 133 11.98 25.72 -9.23
CA PRO A 133 12.13 26.50 -7.99
C PRO A 133 12.68 27.90 -8.19
N HIS A 134 13.31 28.20 -9.32
CA HIS A 134 13.75 29.56 -9.59
C HIS A 134 12.63 30.44 -10.11
N LEU A 135 11.47 29.86 -10.41
CA LEU A 135 10.32 30.59 -10.90
C LEU A 135 9.28 30.80 -9.82
N SER A 136 9.17 29.87 -8.87
CA SER A 136 8.20 30.01 -7.79
C SER A 136 8.53 31.21 -6.91
N SER A 137 9.80 31.44 -6.63
CA SER A 137 10.18 32.60 -5.82
C SER A 137 9.93 33.91 -6.55
N ASP A 138 10.13 33.93 -7.87
CA ASP A 138 9.87 35.16 -8.62
C ASP A 138 8.39 35.46 -8.69
N LEU A 139 7.57 34.43 -8.89
CA LEU A 139 6.13 34.62 -8.89
C LEU A 139 5.64 35.10 -7.53
N LYS A 140 6.17 34.52 -6.45
CA LYS A 140 5.75 34.94 -5.13
C LYS A 140 6.21 36.36 -4.81
N PHE A 141 7.39 36.75 -5.29
CA PHE A 141 7.86 38.12 -5.09
C PHE A 141 6.98 39.12 -5.82
N VAL A 142 6.68 38.86 -7.09
CA VAL A 142 5.88 39.82 -7.86
C VAL A 142 4.46 39.90 -7.34
N MET A 143 3.89 38.77 -6.90
CA MET A 143 2.54 38.80 -6.36
C MET A 143 2.47 39.54 -5.03
N GLU A 144 3.46 39.32 -4.14
CA GLU A 144 3.46 40.05 -2.88
C GLU A 144 3.71 41.53 -3.08
N GLU A 145 4.56 41.87 -4.05
CA GLU A 145 4.84 43.26 -4.38
C GLU A 145 3.60 43.98 -4.90
N LEU A 146 2.81 43.31 -5.73
CA LEU A 146 1.60 43.90 -6.29
C LEU A 146 0.55 44.08 -5.21
N ASP A 147 0.39 43.10 -4.32
CA ASP A 147 -0.57 43.23 -3.22
C ASP A 147 -0.17 44.38 -2.29
N LYS A 148 1.11 44.50 -1.96
CA LYS A 148 1.54 45.57 -1.07
C LYS A 148 1.41 46.93 -1.72
N CYS A 149 1.64 47.05 -3.03
CA CYS A 149 1.46 48.33 -3.70
C CYS A 149 -0.01 48.73 -3.71
N TYR A 150 -0.91 47.76 -3.94
CA TYR A 150 -2.34 48.07 -3.89
C TYR A 150 -2.77 48.51 -2.50
N ASN A 151 -2.30 47.85 -1.45
CA ASN A 151 -2.69 48.23 -0.10
C ASN A 151 -2.11 49.58 0.30
N ARG A 152 -0.87 49.88 -0.11
CA ARG A 152 -0.33 51.21 0.17
C ARG A 152 -1.08 52.30 -0.57
N ASP A 153 -1.53 52.02 -1.81
CA ASP A 153 -2.28 53.04 -2.52
C ASP A 153 -3.68 53.23 -1.93
N ILE A 154 -4.31 52.17 -1.43
CA ILE A 154 -5.61 52.32 -0.77
C ILE A 154 -5.47 53.06 0.55
N LYS A 155 -4.41 52.78 1.31
CA LYS A 155 -4.18 53.53 2.55
C LYS A 155 -3.76 54.97 2.29
N ASP A 156 -3.20 55.26 1.11
CA ASP A 156 -2.86 56.64 0.79
C ASP A 156 -4.04 57.42 0.22
N ILE A 157 -5.01 56.74 -0.40
CA ILE A 157 -6.19 57.44 -0.90
C ILE A 157 -7.18 57.70 0.23
N LYS A 158 -7.43 56.69 1.07
CA LYS A 158 -8.44 56.80 2.12
C LYS A 158 -7.98 57.66 3.30
N ALA A 159 -6.71 58.04 3.36
CA ALA A 159 -6.21 58.87 4.46
C ALA A 159 -5.68 60.21 3.97
N ALA A 160 -6.07 60.64 2.78
CA ALA A 160 -5.65 61.94 2.25
C ALA A 160 -6.71 62.51 1.32
N PRO A 196 8.58 52.67 -8.53
CA PRO A 196 8.03 51.54 -9.27
C PRO A 196 8.97 50.34 -9.18
N ILE A 197 8.72 49.44 -8.24
CA ILE A 197 9.62 48.32 -8.04
C ILE A 197 9.29 47.16 -8.96
N VAL A 198 8.02 46.88 -9.20
CA VAL A 198 7.64 45.74 -10.02
C VAL A 198 7.92 46.02 -11.49
N GLU A 199 7.81 47.27 -11.94
CA GLU A 199 8.14 47.57 -13.31
C GLU A 199 9.65 47.48 -13.54
N GLN A 200 10.44 47.91 -12.56
CA GLN A 200 11.89 47.79 -12.69
C GLN A 200 12.38 46.36 -12.51
N TYR A 201 11.61 45.52 -11.81
CA TYR A 201 11.97 44.11 -11.70
C TYR A 201 11.56 43.33 -12.93
N LEU A 202 10.52 43.79 -13.62
CA LEU A 202 10.16 43.11 -14.90
C LEU A 202 11.21 43.54 -15.94
N LYS A 203 11.75 44.75 -15.76
CA LYS A 203 12.78 45.31 -16.69
C LYS A 203 14.06 44.49 -16.57
N THR A 204 14.37 43.99 -15.36
CA THR A 204 15.59 43.15 -15.18
C THR A 204 15.46 41.86 -16.02
N LYS A 205 14.25 41.30 -16.10
CA LYS A 205 14.01 40.06 -16.87
C LYS A 205 13.65 40.42 -18.32
N ASN A 206 14.47 41.26 -18.97
CA ASN A 206 14.22 41.67 -20.34
C ASN A 206 15.36 41.29 -21.28
N ASN A 207 16.54 41.00 -20.75
CA ASN A 207 17.69 40.61 -21.56
C ASN A 207 18.46 39.47 -20.90
N SER A 208 17.74 38.43 -20.45
CA SER A 208 18.38 37.35 -19.73
C SER A 208 18.45 36.05 -20.51
N TYR A 209 17.34 35.63 -21.15
CA TYR A 209 17.25 34.41 -21.95
C TYR A 209 17.63 33.17 -21.15
N GLY A 210 17.19 33.11 -19.90
CA GLY A 210 17.57 32.01 -19.04
C GLY A 210 16.47 31.00 -18.82
N LEU A 211 15.23 31.50 -18.76
CA LEU A 211 14.05 30.63 -18.52
C LEU A 211 13.41 30.20 -19.86
N ILE A 212 13.59 30.99 -20.92
CA ILE A 212 13.03 30.62 -22.21
C ILE A 212 13.82 29.48 -22.84
N ILE A 213 15.11 29.39 -22.51
CA ILE A 213 16.00 28.34 -23.07
C ILE A 213 15.57 26.97 -22.55
N LYS A 214 15.50 26.81 -21.22
CA LYS A 214 15.11 25.50 -20.62
C LYS A 214 13.70 25.14 -21.07
N TYR A 215 12.79 26.12 -21.10
CA TYR A 215 11.39 25.87 -21.52
C TYR A 215 11.37 25.37 -22.97
N LEU A 216 12.14 26.02 -23.85
CA LEU A 216 12.19 25.62 -25.28
C LEU A 216 12.78 24.21 -25.39
N ILE A 217 13.81 23.91 -24.60
CA ILE A 217 14.46 22.56 -24.63
C ILE A 217 13.43 21.51 -24.22
N CYS A 218 12.61 21.82 -23.22
CA CYS A 218 11.57 20.87 -22.73
C CYS A 218 10.53 20.62 -23.83
N ARG A 219 10.18 21.67 -24.59
CA ARG A 219 9.17 21.54 -25.64
C ARG A 219 9.73 20.91 -26.91
N VAL A 220 10.98 21.22 -27.28
CA VAL A 220 11.57 20.64 -28.47
C VAL A 220 11.90 19.17 -28.26
N VAL A 221 12.34 18.79 -27.05
CA VAL A 221 12.59 17.38 -26.77
C VAL A 221 11.29 16.58 -26.80
N THR A 222 10.21 17.14 -26.25
CA THR A 222 8.92 16.47 -26.32
C THR A 222 8.44 16.33 -27.76
N LEU A 223 8.62 17.36 -28.58
CA LEU A 223 8.19 17.30 -29.97
C LEU A 223 9.01 16.29 -30.77
N ILE A 224 10.32 16.22 -30.52
CA ILE A 224 11.16 15.28 -31.26
C ILE A 224 10.84 13.83 -30.89
N ILE A 225 10.63 13.56 -29.60
CA ILE A 225 10.30 12.19 -29.20
C ILE A 225 8.94 11.79 -29.73
N VAL A 226 7.97 12.72 -29.72
CA VAL A 226 6.64 12.40 -30.21
C VAL A 226 6.68 12.17 -31.73
N PHE A 227 7.47 12.94 -32.46
CA PHE A 227 7.54 12.78 -33.90
C PHE A 227 8.28 11.50 -34.29
N THR A 228 9.32 11.12 -33.54
CA THR A 228 10.02 9.88 -33.84
C THR A 228 9.15 8.66 -33.52
N ALA A 229 8.41 8.71 -32.41
CA ALA A 229 7.47 7.62 -32.13
C ALA A 229 6.35 7.56 -33.16
N CYS A 230 5.96 8.71 -33.72
CA CYS A 230 4.95 8.69 -34.78
C CYS A 230 5.51 8.08 -36.07
N ILE A 231 6.77 8.36 -36.39
CA ILE A 231 7.41 7.72 -37.54
C ILE A 231 7.47 6.22 -37.37
N TYR A 232 7.88 5.76 -36.18
CA TYR A 232 7.99 4.31 -35.95
C TYR A 232 6.64 3.63 -36.00
N LEU A 233 5.62 4.23 -35.40
CA LEU A 233 4.29 3.63 -35.42
C LEU A 233 3.61 3.75 -36.78
N GLY A 234 4.10 4.63 -37.65
CA GLY A 234 3.59 4.62 -39.01
C GLY A 234 4.27 3.54 -39.84
N TYR A 235 5.56 3.37 -39.60
CA TYR A 235 6.31 2.33 -40.33
C TYR A 235 5.88 0.93 -39.91
N TYR A 236 5.40 0.76 -38.67
CA TYR A 236 4.94 -0.54 -38.24
C TYR A 236 3.66 -0.95 -38.96
N ILE A 237 2.74 -0.02 -39.18
CA ILE A 237 1.55 -0.35 -39.94
C ILE A 237 1.89 -0.48 -41.42
N SER A 238 2.86 0.28 -41.91
CA SER A 238 3.29 0.08 -43.30
C SER A 238 4.06 -1.22 -43.49
N LEU A 239 4.49 -1.88 -42.42
CA LEU A 239 5.22 -3.14 -42.54
C LEU A 239 4.29 -4.35 -42.39
N PHE A 240 3.65 -4.49 -41.24
CA PHE A 240 2.87 -5.68 -40.93
C PHE A 240 1.40 -5.49 -41.32
N SER A 241 1.19 -5.18 -42.60
CA SER A 241 -0.16 -5.01 -43.12
C SER A 241 -0.66 -6.23 -43.86
N LEU A 242 0.23 -7.14 -44.27
CA LEU A 242 -0.17 -8.34 -44.98
C LEU A 242 0.89 -9.41 -44.73
N THR A 243 0.46 -10.67 -44.93
CA THR A 243 1.24 -11.91 -44.75
C THR A 243 2.16 -11.87 -43.53
N ASP A 244 1.53 -11.72 -42.36
CA ASP A 244 2.25 -11.69 -41.09
C ASP A 244 2.97 -13.00 -40.77
N GLU A 245 2.51 -14.12 -41.34
CA GLU A 245 3.22 -15.38 -41.17
C GLU A 245 4.48 -15.41 -42.02
N PHE A 246 5.38 -16.31 -41.69
CA PHE A 246 6.64 -16.40 -42.41
C PHE A 246 7.17 -17.82 -42.35
N THR A 247 8.06 -18.13 -43.30
CA THR A 247 8.75 -19.40 -43.30
C THR A 247 10.07 -19.29 -42.56
N CYS A 248 10.53 -20.42 -42.04
CA CYS A 248 11.72 -20.42 -41.20
C CYS A 248 12.48 -21.72 -41.40
N ASN A 249 13.80 -21.62 -41.51
CA ASN A 249 14.66 -22.79 -41.63
C ASN A 249 15.21 -23.16 -40.27
N ILE A 250 15.46 -24.46 -40.09
CA ILE A 250 15.90 -25.00 -38.81
C ILE A 250 17.36 -25.44 -38.86
N ARG A 251 17.78 -26.01 -39.98
CA ARG A 251 19.12 -26.62 -40.06
C ARG A 251 20.22 -25.57 -40.10
N THR A 252 20.73 -25.18 -38.94
CA THR A 252 21.90 -24.32 -38.84
C THR A 252 22.91 -25.01 -37.94
N GLY A 253 24.03 -25.43 -38.52
CA GLY A 253 25.08 -26.06 -37.75
C GLY A 253 25.16 -27.57 -37.90
N ILE A 254 24.97 -28.29 -36.79
CA ILE A 254 25.12 -29.74 -36.80
C ILE A 254 23.94 -30.39 -37.53
N LEU A 255 22.77 -29.76 -37.50
CA LEU A 255 21.56 -30.33 -38.06
C LEU A 255 21.45 -30.17 -39.57
N ARG A 256 22.53 -29.80 -40.25
CA ARG A 256 22.51 -29.56 -41.69
C ARG A 256 22.79 -30.82 -42.50
N ASN A 257 22.63 -32.00 -41.93
CA ASN A 257 22.92 -33.23 -42.65
C ASN A 257 21.75 -34.19 -42.69
N ASP A 258 20.98 -34.31 -41.60
CA ASP A 258 19.91 -35.29 -41.57
C ASP A 258 18.69 -34.80 -42.34
N THR A 259 17.98 -35.74 -42.94
CA THR A 259 16.79 -35.44 -43.71
C THR A 259 15.50 -35.63 -42.91
N ALA A 260 15.61 -35.99 -41.63
CA ALA A 260 14.42 -36.13 -40.80
C ALA A 260 13.81 -34.78 -40.48
N LEU A 261 14.62 -33.73 -40.44
CA LEU A 261 14.14 -32.38 -40.20
C LEU A 261 13.61 -31.77 -41.50
N PRO A 262 12.55 -30.98 -41.42
CA PRO A 262 11.97 -30.40 -42.64
C PRO A 262 12.83 -29.27 -43.16
N PRO A 263 12.77 -28.98 -44.45
CA PRO A 263 13.58 -27.87 -44.98
C PRO A 263 13.07 -26.50 -44.55
N LEU A 264 11.75 -26.31 -44.47
CA LEU A 264 11.17 -25.03 -44.08
C LEU A 264 9.90 -25.29 -43.30
N VAL A 265 9.75 -24.62 -42.16
CA VAL A 265 8.53 -24.68 -41.37
C VAL A 265 7.76 -23.39 -41.56
N GLN A 266 6.43 -23.50 -41.52
CA GLN A 266 5.54 -22.35 -41.62
C GLN A 266 5.18 -21.91 -40.21
N CYS A 267 5.40 -20.64 -39.90
CA CYS A 267 5.27 -20.20 -38.53
C CYS A 267 4.57 -18.85 -38.51
N LYS A 268 3.75 -18.64 -37.48
CA LYS A 268 2.84 -17.50 -37.43
C LYS A 268 3.15 -16.63 -36.23
N LEU A 269 3.19 -15.32 -36.44
CA LEU A 269 3.26 -14.34 -35.36
C LEU A 269 1.85 -14.08 -34.87
N ILE A 270 1.62 -14.26 -33.57
CA ILE A 270 0.26 -14.38 -33.06
C ILE A 270 -0.23 -13.14 -32.33
N ALA A 271 0.64 -12.16 -32.07
CA ALA A 271 0.24 -10.94 -31.38
C ALA A 271 0.22 -9.74 -32.30
N VAL A 272 0.37 -9.93 -33.61
CA VAL A 272 0.41 -8.80 -34.53
C VAL A 272 -0.99 -8.27 -34.84
N GLY A 273 -2.02 -8.99 -34.44
CA GLY A 273 -3.38 -8.52 -34.66
C GLY A 273 -3.78 -7.41 -33.73
N VAL A 274 -3.35 -7.49 -32.47
CA VAL A 274 -3.66 -6.46 -31.50
C VAL A 274 -2.64 -5.33 -31.52
N PHE A 275 -1.45 -5.56 -32.08
CA PHE A 275 -0.46 -4.50 -32.16
C PHE A 275 -0.83 -3.47 -33.20
N ARG A 276 -1.61 -3.83 -34.23
CA ARG A 276 -2.06 -2.82 -35.18
C ARG A 276 -3.13 -1.93 -34.56
N LEU A 277 -3.96 -2.47 -33.67
CA LEU A 277 -4.89 -1.61 -32.94
C LEU A 277 -4.15 -0.69 -31.99
N LEU A 278 -3.21 -1.24 -31.21
CA LEU A 278 -2.44 -0.43 -30.28
C LEU A 278 -1.48 0.52 -30.99
N SER A 279 -1.26 0.33 -32.28
CA SER A 279 -0.48 1.30 -33.04
C SER A 279 -1.35 2.35 -33.72
N TYR A 280 -2.57 1.99 -34.15
CA TYR A 280 -3.46 3.00 -34.71
C TYR A 280 -3.93 3.98 -33.64
N ILE A 281 -4.21 3.50 -32.44
CA ILE A 281 -4.61 4.41 -31.36
C ILE A 281 -3.47 5.36 -31.00
N ASN A 282 -2.27 4.80 -30.80
CA ASN A 282 -1.09 5.57 -30.43
C ASN A 282 -0.54 6.40 -31.57
N LEU A 283 -1.02 6.21 -32.80
CA LEU A 283 -0.68 7.11 -33.88
C LEU A 283 -1.69 8.25 -34.00
N ILE A 284 -2.98 7.95 -33.84
CA ILE A 284 -4.00 8.99 -33.97
C ILE A 284 -3.89 10.00 -32.84
N ILE A 285 -3.69 9.52 -31.61
CA ILE A 285 -3.58 10.46 -30.49
C ILE A 285 -2.29 11.27 -30.58
N TYR A 286 -1.20 10.64 -31.03
CA TYR A 286 0.06 11.37 -31.16
C TYR A 286 0.05 12.36 -32.31
N VAL A 287 -0.79 12.15 -33.33
CA VAL A 287 -0.94 13.20 -34.32
C VAL A 287 -1.82 14.32 -33.79
N LEU A 288 -2.82 14.00 -32.97
CA LEU A 288 -3.65 15.07 -32.41
C LEU A 288 -2.95 15.87 -31.33
N ILE A 289 -1.87 15.33 -30.72
CA ILE A 289 -1.14 16.08 -29.70
C ILE A 289 -0.31 17.20 -30.32
N MET A 290 0.46 16.88 -31.35
CA MET A 290 1.52 17.71 -31.93
C MET A 290 1.16 19.16 -32.31
N PRO A 291 -0.06 19.48 -32.76
CA PRO A 291 -0.40 20.90 -32.91
C PRO A 291 -0.34 21.69 -31.61
N PHE A 292 -0.64 21.06 -30.48
CA PHE A 292 -0.56 21.79 -29.22
C PHE A 292 0.88 22.01 -28.78
N ILE A 293 1.79 21.11 -29.12
CA ILE A 293 3.20 21.35 -28.82
C ILE A 293 3.76 22.45 -29.71
N ILE A 294 3.36 22.45 -30.99
CA ILE A 294 3.79 23.50 -31.89
C ILE A 294 3.22 24.85 -31.46
N TYR A 295 2.00 24.86 -30.95
CA TYR A 295 1.39 26.10 -30.46
C TYR A 295 2.05 26.57 -29.18
N ALA A 296 2.43 25.64 -28.30
CA ALA A 296 3.08 26.02 -27.06
C ALA A 296 4.50 26.51 -27.27
N MET A 297 5.16 26.10 -28.36
CA MET A 297 6.48 26.63 -28.64
C MET A 297 6.45 28.08 -29.12
N LEU A 298 5.31 28.57 -29.57
CA LEU A 298 5.18 29.97 -30.01
C LEU A 298 4.80 30.79 -28.79
N VAL A 299 5.81 31.25 -28.06
CA VAL A 299 5.59 32.00 -26.82
C VAL A 299 5.10 33.43 -27.08
N PRO A 300 5.78 34.29 -27.85
CA PRO A 300 5.30 35.68 -27.92
C PRO A 300 4.08 35.89 -28.81
N PHE A 301 3.63 34.87 -29.53
CA PHE A 301 2.44 34.99 -30.36
C PHE A 301 1.19 34.48 -29.67
N ARG A 302 1.23 34.32 -28.35
CA ARG A 302 0.05 33.99 -27.58
C ARG A 302 -0.63 35.28 -27.12
N LYS A 303 -1.66 35.13 -26.29
CA LYS A 303 -2.44 36.26 -25.83
C LYS A 303 -1.84 36.75 -24.52
N THR A 304 -1.17 37.90 -24.56
CA THR A 304 -0.38 38.40 -23.45
C THR A 304 -0.79 39.83 -23.10
N ALA A 305 -0.21 40.34 -22.01
CA ALA A 305 -0.27 41.75 -21.60
C ALA A 305 -1.69 42.22 -21.34
N ASN A 306 -2.44 41.44 -20.55
CA ASN A 306 -3.77 41.84 -20.11
C ASN A 306 -3.82 42.25 -18.64
N VAL A 307 -2.74 42.06 -17.89
CA VAL A 307 -2.72 42.11 -16.44
C VAL A 307 -2.16 43.43 -15.93
N LEU A 308 -1.21 44.03 -16.64
CA LEU A 308 -0.73 45.33 -16.21
C LEU A 308 -1.69 46.45 -16.60
N LYS A 309 -2.47 46.25 -17.67
CA LYS A 309 -3.47 47.25 -18.06
C LYS A 309 -4.57 47.39 -17.02
N VAL A 310 -4.78 46.36 -16.21
CA VAL A 310 -5.68 46.49 -15.07
C VAL A 310 -5.03 47.32 -13.99
N TYR A 311 -3.73 47.16 -13.78
CA TYR A 311 -3.04 47.80 -12.68
C TYR A 311 -2.59 49.23 -12.97
N GLU A 312 -2.74 49.71 -14.21
CA GLU A 312 -2.40 51.11 -14.46
C GLU A 312 -3.43 52.11 -13.90
N VAL A 313 -4.48 51.63 -13.24
CA VAL A 313 -5.41 52.53 -12.57
C VAL A 313 -4.74 53.23 -11.40
N LEU A 314 -3.86 52.51 -10.70
CA LEU A 314 -3.12 53.09 -9.60
C LEU A 314 -2.10 54.10 -10.11
N PRO A 315 -1.97 55.27 -9.48
CA PRO A 315 -0.98 56.25 -9.94
C PRO A 315 0.47 55.85 -9.68
N THR A 316 0.72 54.91 -8.76
CA THR A 316 2.07 54.43 -8.51
C THR A 316 2.40 53.16 -9.28
N PHE A 317 1.59 52.84 -10.30
CA PHE A 317 1.78 51.68 -11.19
C PHE A 317 1.87 50.35 -10.45
N SER A 324 5.88 43.31 -26.95
CA SER A 324 6.17 41.94 -26.51
C SER A 324 6.12 40.98 -27.68
N LYS A 325 7.20 40.96 -28.45
CA LYS A 325 7.30 40.08 -29.61
C LYS A 325 8.57 39.26 -29.66
N THR A 326 9.59 39.60 -28.88
CA THR A 326 10.84 38.88 -28.90
C THR A 326 10.84 37.78 -27.82
N TYR A 327 11.84 36.91 -27.89
CA TYR A 327 11.84 35.64 -27.17
C TYR A 327 12.63 35.68 -25.88
N ASP A 328 12.76 36.82 -25.22
CA ASP A 328 13.37 36.78 -23.90
C ASP A 328 12.33 36.34 -22.88
N ASP A 329 12.78 36.05 -21.66
CA ASP A 329 11.92 35.41 -20.70
C ASP A 329 11.01 36.39 -19.94
N HIS A 330 10.98 37.65 -20.35
CA HIS A 330 9.92 38.53 -19.88
C HIS A 330 8.57 38.09 -20.43
N SER A 331 8.54 37.64 -21.69
CA SER A 331 7.31 37.11 -22.27
C SER A 331 6.86 35.84 -21.56
N LEU A 332 7.79 34.93 -21.29
CA LEU A 332 7.43 33.71 -20.59
C LEU A 332 7.01 33.98 -19.16
N PHE A 333 7.65 34.94 -18.49
CA PHE A 333 7.21 35.27 -17.15
C PHE A 333 5.85 35.93 -17.16
N LEU A 334 5.54 36.70 -18.19
CA LEU A 334 4.20 37.27 -18.28
C LEU A 334 3.16 36.19 -18.54
N LEU A 335 3.50 35.16 -19.30
CA LEU A 335 2.58 34.03 -19.47
C LEU A 335 2.35 33.31 -18.15
N PHE A 336 3.41 33.08 -17.39
CA PHE A 336 3.26 32.41 -16.10
C PHE A 336 2.62 33.30 -15.07
N LEU A 337 2.57 34.61 -15.28
CA LEU A 337 1.90 35.52 -14.37
C LEU A 337 0.42 35.68 -14.69
N GLU A 338 0.05 35.76 -15.97
CA GLU A 338 -1.36 35.74 -16.33
C GLU A 338 -1.99 34.38 -16.12
N GLU A 339 -1.18 33.32 -16.01
CA GLU A 339 -1.77 32.00 -15.80
C GLU A 339 -2.32 31.83 -14.40
N ASN A 340 -1.73 32.50 -13.39
CA ASN A 340 -2.31 32.50 -12.04
C ASN A 340 -2.38 33.92 -11.50
N VAL A 341 -3.44 34.63 -11.89
CA VAL A 341 -3.88 35.82 -11.19
C VAL A 341 -5.05 35.50 -10.25
N SER A 342 -5.25 34.23 -9.96
CA SER A 342 -6.24 33.84 -8.96
C SER A 342 -5.75 34.16 -7.56
N GLU A 343 -4.45 34.07 -7.33
CA GLU A 343 -3.89 34.34 -6.01
C GLU A 343 -3.85 35.81 -5.68
N LEU A 344 -3.89 36.68 -6.68
CA LEU A 344 -3.92 38.12 -6.46
C LEU A 344 -5.33 38.52 -6.06
N LYS A 345 -5.51 38.90 -4.79
CA LYS A 345 -6.82 39.34 -4.34
C LYS A 345 -7.15 40.75 -4.81
N SER A 346 -6.15 41.57 -5.08
CA SER A 346 -6.38 42.92 -5.58
C SER A 346 -6.86 42.94 -7.03
N TYR A 347 -6.65 41.85 -7.77
CA TYR A 347 -6.97 41.83 -9.18
C TYR A 347 -8.46 41.94 -9.42
N LYS A 348 -9.28 41.33 -8.56
CA LYS A 348 -10.72 41.39 -8.75
C LYS A 348 -11.25 42.81 -8.51
N PHE A 349 -10.77 43.47 -7.47
CA PHE A 349 -11.17 44.84 -7.19
C PHE A 349 -10.75 45.77 -8.31
N LEU A 350 -9.53 45.60 -8.83
CA LEU A 350 -9.09 46.48 -9.90
C LEU A 350 -9.80 46.18 -11.20
N LYS A 351 -10.23 44.93 -11.42
CA LYS A 351 -11.01 44.62 -12.61
C LYS A 351 -12.41 45.22 -12.52
N VAL A 352 -12.99 45.22 -11.32
CA VAL A 352 -14.28 45.88 -11.11
C VAL A 352 -14.17 47.38 -11.38
N LEU A 353 -13.13 48.02 -10.81
CA LEU A 353 -12.95 49.45 -11.02
C LEU A 353 -12.56 49.78 -12.45
N GLU A 354 -12.00 48.83 -13.19
CA GLU A 354 -11.82 49.02 -14.62
C GLU A 354 -13.15 48.96 -15.34
N ASN A 355 -14.03 48.04 -14.93
CA ASN A 355 -15.34 47.93 -15.57
C ASN A 355 -16.22 49.15 -15.30
N ILE A 356 -16.02 49.82 -14.16
CA ILE A 356 -16.69 51.09 -13.94
C ILE A 356 -16.14 52.16 -14.86
N LYS A 357 -14.83 52.12 -15.12
CA LYS A 357 -14.16 53.13 -15.94
C LYS A 357 -14.32 52.92 -17.44
N ASN A 358 -15.23 52.05 -17.87
CA ASN A 358 -15.46 51.85 -19.29
C ASN A 358 -16.91 52.14 -19.66
N TYR B 25 12.85 27.98 5.60
CA TYR B 25 13.78 27.17 4.81
C TYR B 25 13.31 25.74 4.71
N LYS B 26 12.10 25.56 4.17
CA LYS B 26 11.61 24.21 3.97
C LYS B 26 12.24 23.56 2.74
N GLY B 27 12.30 24.30 1.64
CA GLY B 27 12.81 23.76 0.38
C GLY B 27 14.27 24.03 0.12
N LEU B 28 15.13 23.58 1.02
CA LEU B 28 16.58 23.71 0.85
C LEU B 28 17.06 22.49 0.07
N ARG B 29 17.77 22.72 -1.02
CA ARG B 29 17.97 21.65 -2.01
C ARG B 29 19.07 20.67 -1.62
N LEU B 30 20.26 21.18 -1.29
CA LEU B 30 21.44 20.40 -0.91
C LEU B 30 21.95 19.43 -1.98
N GLU B 31 21.45 19.52 -3.21
CA GLU B 31 21.94 18.72 -4.33
C GLU B 31 21.85 19.57 -5.58
N LEU B 32 22.93 19.56 -6.38
CA LEU B 32 22.97 20.31 -7.66
C LEU B 32 21.95 19.67 -8.62
N ALA B 33 21.25 20.48 -9.41
CA ALA B 33 20.20 19.94 -10.30
C ALA B 33 20.80 18.92 -11.28
N VAL B 34 21.95 19.24 -11.87
CA VAL B 34 22.63 18.32 -12.83
C VAL B 34 22.92 16.99 -12.14
N ASP B 35 23.50 17.03 -10.94
CA ASP B 35 23.86 15.81 -10.17
C ASP B 35 22.59 15.00 -9.87
N LYS B 36 21.50 15.67 -9.47
CA LYS B 36 20.23 14.98 -9.14
C LYS B 36 19.69 14.28 -10.40
N LEU B 37 19.75 14.96 -11.55
CA LEU B 37 19.25 14.37 -12.82
C LEU B 37 20.11 13.16 -13.21
N VAL B 38 21.44 13.30 -13.12
CA VAL B 38 22.41 12.23 -13.51
C VAL B 38 22.16 10.97 -12.68
N SER B 39 22.09 11.11 -11.35
CA SER B 39 21.87 9.95 -10.44
C SER B 39 20.60 9.20 -10.81
N CYS B 40 19.49 9.91 -11.06
CA CYS B 40 18.19 9.26 -11.37
C CYS B 40 18.32 8.46 -12.68
N ILE B 41 18.95 9.06 -13.69
CA ILE B 41 19.13 8.40 -15.02
C ILE B 41 19.98 7.14 -14.79
N ALA B 42 21.15 7.30 -14.15
CA ALA B 42 22.10 6.19 -13.92
C ALA B 42 21.56 5.09 -12.99
N VAL B 43 20.51 5.37 -12.22
CA VAL B 43 19.98 4.35 -11.33
C VAL B 43 18.65 3.81 -11.85
N GLY B 44 17.74 4.68 -12.24
CA GLY B 44 16.44 4.23 -12.71
C GLY B 44 16.42 3.64 -14.10
N LEU B 45 17.52 3.72 -14.85
CA LEU B 45 17.51 3.07 -16.16
C LEU B 45 17.81 1.57 -16.08
N PRO B 46 18.86 1.10 -15.38
CA PRO B 46 19.02 -0.36 -15.26
C PRO B 46 17.93 -1.05 -14.49
N LEU B 47 17.22 -0.34 -13.60
CA LEU B 47 16.12 -0.99 -12.88
C LEU B 47 14.97 -1.31 -13.82
N LEU B 48 14.58 -0.39 -14.70
CA LEU B 48 13.53 -0.72 -15.65
C LEU B 48 14.02 -1.68 -16.71
N LEU B 49 15.31 -1.65 -17.07
CA LEU B 49 15.82 -2.60 -18.05
C LEU B 49 15.79 -4.03 -17.50
N ILE B 50 16.21 -4.22 -16.25
CA ILE B 50 16.12 -5.58 -15.71
C ILE B 50 14.72 -5.96 -15.29
N SER B 51 13.83 -4.99 -15.05
CA SER B 51 12.43 -5.34 -14.85
C SER B 51 11.83 -5.90 -16.13
N LEU B 52 12.16 -5.28 -17.26
CA LEU B 52 11.76 -5.83 -18.56
C LEU B 52 12.37 -7.19 -18.80
N ALA B 53 13.66 -7.35 -18.48
CA ALA B 53 14.32 -8.63 -18.72
C ALA B 53 13.73 -9.73 -17.86
N PHE B 54 13.40 -9.44 -16.60
CA PHE B 54 12.81 -10.44 -15.73
C PHE B 54 11.38 -10.78 -16.13
N ALA B 55 10.60 -9.78 -16.58
CA ALA B 55 9.26 -10.09 -17.08
C ALA B 55 9.33 -10.96 -18.33
N GLN B 56 10.28 -10.67 -19.22
CA GLN B 56 10.49 -11.52 -20.39
C GLN B 56 10.92 -12.93 -20.00
N GLU B 57 11.73 -13.06 -18.95
CA GLU B 57 12.20 -14.38 -18.55
C GLU B 57 11.10 -15.21 -17.89
N ILE B 58 10.14 -14.56 -17.21
CA ILE B 58 8.99 -15.30 -16.67
C ILE B 58 7.92 -15.56 -17.74
N THR B 59 7.86 -14.77 -18.82
CA THR B 59 6.99 -15.20 -19.91
C THR B 59 7.59 -16.35 -20.69
N LEU B 60 8.85 -16.25 -21.10
CA LEU B 60 9.45 -17.30 -21.92
C LEU B 60 9.81 -18.54 -21.12
N GLY B 61 9.88 -18.44 -19.80
CA GLY B 61 10.13 -19.60 -18.96
C GLY B 61 11.59 -19.95 -18.80
N SER B 62 12.25 -20.31 -19.90
CA SER B 62 13.64 -20.74 -19.87
C SER B 62 14.50 -19.79 -20.69
N GLN B 63 15.83 -19.95 -20.58
CA GLN B 63 16.77 -19.06 -21.30
C GLN B 63 17.57 -19.86 -22.35
N ILE B 64 17.30 -21.15 -22.49
CA ILE B 64 18.02 -21.95 -23.47
C ILE B 64 17.05 -22.95 -24.09
N SER B 65 17.39 -23.44 -25.28
CA SER B 65 16.57 -24.47 -25.93
C SER B 65 17.50 -25.38 -26.71
N CYS B 66 17.61 -26.64 -26.28
CA CYS B 66 18.46 -27.61 -26.95
C CYS B 66 17.61 -28.54 -27.79
N PHE B 67 18.26 -29.18 -28.76
CA PHE B 67 17.59 -30.11 -29.67
C PHE B 67 17.93 -31.53 -29.23
N ALA B 68 17.15 -32.05 -28.29
CA ALA B 68 17.34 -33.40 -27.82
C ALA B 68 16.87 -34.40 -28.87
N PRO B 69 17.48 -35.59 -28.93
CA PRO B 69 17.05 -36.60 -29.89
C PRO B 69 15.65 -37.14 -29.58
N THR B 70 15.11 -37.86 -30.55
CA THR B 70 13.70 -38.25 -30.53
C THR B 70 13.39 -39.31 -29.48
N SER B 71 14.37 -40.12 -29.08
CA SER B 71 14.15 -41.19 -28.14
C SER B 71 14.29 -40.74 -26.69
N PHE B 72 14.22 -39.43 -26.44
CA PHE B 72 14.35 -38.88 -25.09
C PHE B 72 12.97 -38.56 -24.54
N SER B 73 12.74 -38.96 -23.29
CA SER B 73 11.55 -38.52 -22.58
C SER B 73 11.68 -37.05 -22.20
N TRP B 74 10.65 -36.53 -21.54
CA TRP B 74 10.68 -35.12 -21.13
C TRP B 74 11.81 -34.86 -20.15
N ARG B 75 12.01 -35.75 -19.17
CA ARG B 75 12.96 -35.47 -18.10
C ARG B 75 14.39 -35.53 -18.61
N GLN B 76 14.69 -36.44 -19.54
CA GLN B 76 16.03 -36.50 -20.11
C GLN B 76 16.33 -35.27 -20.95
N ALA B 77 15.35 -34.79 -21.72
CA ALA B 77 15.55 -33.58 -22.50
C ALA B 77 15.69 -32.35 -21.60
N ALA B 78 14.94 -32.33 -20.49
CA ALA B 78 15.10 -31.26 -19.51
C ALA B 78 16.47 -31.30 -18.87
N TYR B 79 16.99 -32.50 -18.62
CA TYR B 79 18.36 -32.64 -18.15
C TYR B 79 19.36 -32.10 -19.17
N VAL B 80 19.12 -32.38 -20.45
CA VAL B 80 20.03 -31.90 -21.50
C VAL B 80 20.01 -30.37 -21.56
N ASP B 81 18.82 -29.79 -21.48
CA ASP B 81 18.64 -28.34 -21.48
C ASP B 81 19.28 -27.63 -20.28
N SER B 82 19.10 -28.19 -19.07
CA SER B 82 19.68 -27.59 -17.88
C SER B 82 21.16 -27.92 -17.72
N PHE B 83 21.63 -28.99 -18.38
CA PHE B 83 23.05 -29.31 -18.34
C PHE B 83 23.83 -28.41 -19.28
N CYS B 84 23.36 -28.25 -20.52
CA CYS B 84 24.04 -27.36 -21.44
C CYS B 84 23.85 -25.89 -21.08
N TRP B 85 22.90 -25.58 -20.20
CA TRP B 85 22.77 -24.21 -19.72
C TRP B 85 23.77 -23.90 -18.61
N ALA B 86 23.93 -24.81 -17.65
CA ALA B 86 24.82 -24.60 -16.52
C ALA B 86 26.27 -25.01 -16.81
N ALA B 87 26.61 -25.24 -18.08
CA ALA B 87 27.98 -25.56 -18.44
C ALA B 87 28.66 -24.44 -19.21
N LEU B 103 28.95 -17.37 -23.36
CA LEU B 103 29.67 -17.56 -22.14
C LEU B 103 29.02 -17.15 -20.83
N TRP B 104 29.86 -16.91 -19.81
CA TRP B 104 29.35 -16.52 -18.47
C TRP B 104 28.78 -15.10 -18.49
N LEU B 105 29.20 -14.29 -19.47
CA LEU B 105 28.71 -12.90 -19.61
C LEU B 105 27.19 -12.91 -19.81
N HIS B 106 26.71 -13.70 -20.78
CA HIS B 106 25.29 -13.79 -21.07
C HIS B 106 24.36 -14.28 -19.97
N LYS B 107 24.82 -15.26 -19.19
CA LYS B 107 24.01 -15.82 -18.10
C LYS B 107 23.93 -14.89 -16.89
N PHE B 108 24.95 -14.06 -16.71
CA PHE B 108 24.99 -13.14 -15.57
C PHE B 108 24.67 -11.70 -15.98
N PHE B 109 23.77 -11.52 -16.92
CA PHE B 109 23.44 -10.16 -17.36
C PHE B 109 22.56 -9.40 -16.35
N PRO B 110 21.39 -9.90 -15.92
CA PRO B 110 20.57 -9.09 -15.02
C PRO B 110 21.15 -8.92 -13.64
N TYR B 111 21.94 -9.88 -13.14
CA TYR B 111 22.58 -9.69 -11.85
C TYR B 111 23.64 -8.60 -11.92
N ILE B 112 24.36 -8.52 -13.03
CA ILE B 112 25.38 -7.48 -13.17
C ILE B 112 24.72 -6.11 -13.32
N LEU B 113 23.62 -6.02 -14.07
CA LEU B 113 22.96 -4.73 -14.19
C LEU B 113 22.30 -4.28 -12.89
N LEU B 114 21.76 -5.20 -12.10
CA LEU B 114 21.23 -4.79 -10.81
C LEU B 114 22.34 -4.42 -9.83
N LEU B 115 23.50 -5.08 -9.93
CA LEU B 115 24.64 -4.67 -9.11
C LEU B 115 25.10 -3.27 -9.48
N VAL B 116 25.06 -2.93 -10.77
CA VAL B 116 25.45 -1.58 -11.18
C VAL B 116 24.43 -0.55 -10.69
N ALA B 117 23.14 -0.90 -10.72
CA ALA B 117 22.12 0.02 -10.20
C ALA B 117 22.27 0.27 -8.71
N VAL B 118 22.57 -0.78 -7.94
CA VAL B 118 22.74 -0.61 -6.49
C VAL B 118 24.01 0.15 -6.18
N LEU B 119 25.10 -0.16 -6.87
CA LEU B 119 26.36 0.55 -6.64
C LEU B 119 26.28 2.00 -7.10
N LEU B 120 25.37 2.35 -8.00
CA LEU B 120 25.19 3.76 -8.35
C LEU B 120 24.21 4.47 -7.43
N TYR B 121 23.31 3.74 -6.76
CA TYR B 121 22.54 4.35 -5.69
C TYR B 121 23.36 4.60 -4.45
N LEU B 122 24.45 3.84 -4.26
CA LEU B 122 25.27 4.01 -3.06
C LEU B 122 25.88 5.40 -2.84
N PRO B 123 26.41 6.13 -3.84
CA PRO B 123 27.06 7.42 -3.52
C PRO B 123 26.13 8.50 -3.00
N ASN B 124 24.88 8.58 -3.46
CA ASN B 124 24.04 9.62 -2.88
C ASN B 124 23.58 9.25 -1.47
N LEU B 125 23.55 7.97 -1.14
CA LEU B 125 23.36 7.55 0.24
C LEU B 125 24.54 7.98 1.10
N PHE B 126 25.76 7.83 0.58
CA PHE B 126 26.95 8.28 1.30
C PHE B 126 26.93 9.78 1.52
N TRP B 127 26.55 10.55 0.49
CA TRP B 127 26.48 12.00 0.62
C TRP B 127 25.36 12.43 1.55
N ARG B 128 24.24 11.71 1.54
CA ARG B 128 23.12 12.09 2.39
C ARG B 128 23.41 11.82 3.85
N PHE B 129 24.08 10.71 4.16
CA PHE B 129 24.35 10.40 5.55
C PHE B 129 25.54 11.17 6.08
N THR B 130 26.55 11.45 5.26
CA THR B 130 27.80 11.96 5.80
C THR B 130 27.93 13.48 5.72
N ALA B 131 27.62 14.09 4.58
CA ALA B 131 27.89 15.50 4.39
C ALA B 131 26.65 16.38 4.17
N ALA B 132 25.48 15.80 4.05
CA ALA B 132 24.30 16.62 3.83
C ALA B 132 23.76 17.33 5.07
N PRO B 133 23.77 16.75 6.28
CA PRO B 133 23.34 17.54 7.44
C PRO B 133 24.36 18.55 7.94
N HIS B 134 25.64 18.40 7.58
CA HIS B 134 26.63 19.41 7.96
C HIS B 134 26.61 20.60 7.02
N LEU B 135 25.87 20.52 5.92
CA LEU B 135 25.76 21.59 4.95
C LEU B 135 24.46 22.37 5.09
N SER B 136 23.40 21.70 5.52
CA SER B 136 22.12 22.37 5.69
C SER B 136 22.18 23.43 6.79
N SER B 137 22.88 23.15 7.88
CA SER B 137 23.02 24.14 8.94
C SER B 137 23.87 25.31 8.50
N ASP B 138 24.89 25.08 7.69
CA ASP B 138 25.73 26.18 7.22
C ASP B 138 24.97 27.07 6.25
N LEU B 139 24.18 26.46 5.37
CA LEU B 139 23.36 27.24 4.46
C LEU B 139 22.32 28.05 5.21
N LYS B 140 21.70 27.45 6.22
CA LYS B 140 20.69 28.19 6.99
C LYS B 140 21.32 29.31 7.79
N PHE B 141 22.54 29.11 8.31
CA PHE B 141 23.22 30.17 9.05
C PHE B 141 23.57 31.33 8.13
N VAL B 142 24.14 31.06 6.96
CA VAL B 142 24.54 32.15 6.07
C VAL B 142 23.32 32.88 5.52
N MET B 143 22.24 32.16 5.24
CA MET B 143 21.03 32.82 4.74
C MET B 143 20.38 33.69 5.82
N GLU B 144 20.31 33.20 7.07
CA GLU B 144 19.74 34.03 8.12
C GLU B 144 20.61 35.23 8.44
N GLU B 145 21.93 35.05 8.36
CA GLU B 145 22.86 36.13 8.60
C GLU B 145 22.72 37.24 7.54
N LEU B 146 22.53 36.85 6.28
CA LEU B 146 22.39 37.81 5.20
C LEU B 146 21.06 38.56 5.32
N ASP B 147 19.98 37.85 5.65
CA ASP B 147 18.70 38.53 5.85
C ASP B 147 18.76 39.51 7.02
N LYS B 148 19.39 39.13 8.13
CA LYS B 148 19.46 40.03 9.27
C LYS B 148 20.35 41.23 8.99
N CYS B 149 21.42 41.05 8.22
CA CYS B 149 22.26 42.20 7.87
C CYS B 149 21.51 43.16 6.96
N TYR B 150 20.72 42.64 6.02
CA TYR B 150 19.92 43.52 5.16
C TYR B 150 18.88 44.29 5.98
N ASN B 151 18.21 43.62 6.92
CA ASN B 151 17.20 44.31 7.72
C ASN B 151 17.81 45.34 8.65
N ARG B 152 18.99 45.05 9.23
CA ARG B 152 19.65 46.05 10.06
C ARG B 152 20.12 47.23 9.25
N ASP B 153 20.56 47.01 8.01
CA ASP B 153 20.96 48.14 7.19
C ASP B 153 19.77 48.98 6.74
N ILE B 154 18.63 48.36 6.48
CA ILE B 154 17.44 49.12 6.12
C ILE B 154 16.92 49.91 7.32
N LYS B 155 16.94 49.31 8.52
CA LYS B 155 16.53 50.05 9.70
C LYS B 155 17.53 51.13 10.08
N ASP B 156 18.80 51.00 9.66
CA ASP B 156 19.76 52.06 9.92
C ASP B 156 19.72 53.18 8.89
N ILE B 157 19.27 52.89 7.67
CA ILE B 157 19.15 53.95 6.68
C ILE B 157 17.86 54.75 6.89
N LYS B 158 16.75 54.05 7.12
CA LYS B 158 15.46 54.71 7.24
C LYS B 158 15.26 55.44 8.56
N ALA B 159 16.16 55.27 9.54
CA ALA B 159 16.06 55.94 10.82
C ALA B 159 17.24 56.88 11.09
N ALA B 160 17.97 57.27 10.05
CA ALA B 160 19.09 58.18 10.20
C ALA B 160 19.29 59.02 8.94
N PRO B 196 31.68 42.49 9.93
CA PRO B 196 31.40 41.60 8.81
C PRO B 196 31.45 40.15 9.25
N ILE B 197 30.31 39.57 9.59
CA ILE B 197 30.30 38.21 10.11
C ILE B 197 30.27 37.18 8.99
N VAL B 198 29.51 37.43 7.92
CA VAL B 198 29.40 36.44 6.85
C VAL B 198 30.68 36.40 6.02
N GLU B 199 31.39 37.50 5.88
CA GLU B 199 32.66 37.45 5.17
C GLU B 199 33.72 36.71 5.97
N GLN B 200 33.71 36.90 7.29
CA GLN B 200 34.65 36.17 8.14
C GLN B 200 34.28 34.70 8.30
N TYR B 201 33.01 34.37 8.13
CA TYR B 201 32.61 32.97 8.17
C TYR B 201 32.87 32.27 6.85
N LEU B 202 32.88 33.02 5.75
CA LEU B 202 33.25 32.39 4.46
C LEU B 202 34.77 32.20 4.48
N LYS B 203 35.47 33.09 5.20
CA LYS B 203 36.95 33.04 5.32
C LYS B 203 37.35 31.79 6.10
N THR B 204 36.54 31.36 7.07
CA THR B 204 36.85 30.12 7.83
C THR B 204 36.83 28.92 6.89
N LYS B 205 35.91 28.90 5.91
CA LYS B 205 35.81 27.77 4.95
C LYS B 205 36.70 28.06 3.73
N ASN B 206 37.97 28.39 3.97
CA ASN B 206 38.90 28.68 2.90
C ASN B 206 40.10 27.74 2.89
N ASN B 207 40.38 27.05 4.00
CA ASN B 207 41.50 26.12 4.09
C ASN B 207 41.07 24.86 4.86
N SER B 208 39.93 24.29 4.50
CA SER B 208 39.40 23.14 5.23
C SER B 208 39.48 21.84 4.44
N TYR B 209 39.05 21.85 3.17
CA TYR B 209 39.07 20.68 2.29
C TYR B 209 38.27 19.51 2.87
N GLY B 210 37.14 19.80 3.48
CA GLY B 210 36.36 18.77 4.12
C GLY B 210 35.13 18.36 3.36
N LEU B 211 34.51 19.33 2.68
CA LEU B 211 33.27 19.07 1.90
C LEU B 211 33.60 18.78 0.43
N ILE B 212 34.74 19.26 -0.07
CA ILE B 212 35.13 19.00 -1.45
C ILE B 212 35.61 17.57 -1.61
N ILE B 213 36.15 16.99 -0.53
CA ILE B 213 36.67 15.59 -0.56
C ILE B 213 35.52 14.61 -0.74
N LYS B 214 34.51 14.67 0.13
CA LYS B 214 33.36 13.74 0.06
C LYS B 214 32.63 13.95 -1.28
N TYR B 215 32.47 15.21 -1.69
CA TYR B 215 31.77 15.50 -2.98
C TYR B 215 32.55 14.87 -4.13
N LEU B 216 33.89 15.01 -4.13
CA LEU B 216 34.74 14.45 -5.21
C LEU B 216 34.62 12.92 -5.20
N ILE B 217 34.62 12.32 -4.01
CA ILE B 217 34.52 10.84 -3.87
C ILE B 217 33.19 10.38 -4.46
N CYS B 218 32.11 11.12 -4.21
CA CYS B 218 30.76 10.77 -4.74
C CYS B 218 30.76 10.84 -6.27
N ARG B 219 31.47 11.83 -6.84
CA ARG B 219 31.50 11.99 -8.29
C ARG B 219 32.46 11.01 -8.96
N VAL B 220 33.61 10.73 -8.34
CA VAL B 220 34.57 9.81 -8.94
C VAL B 220 34.05 8.37 -8.86
N VAL B 221 33.36 8.01 -7.77
CA VAL B 221 32.79 6.68 -7.68
C VAL B 221 31.68 6.50 -8.72
N THR B 222 30.85 7.52 -8.92
CA THR B 222 29.82 7.46 -9.97
C THR B 222 30.45 7.33 -11.35
N LEU B 223 31.52 8.08 -11.62
CA LEU B 223 32.16 8.01 -12.93
C LEU B 223 32.82 6.65 -13.16
N ILE B 224 33.45 6.07 -12.13
CA ILE B 224 34.11 4.79 -12.29
C ILE B 224 33.09 3.68 -12.53
N ILE B 225 31.98 3.68 -11.79
CA ILE B 225 30.98 2.64 -11.99
C ILE B 225 30.32 2.78 -13.36
N VAL B 226 30.07 4.02 -13.80
CA VAL B 226 29.46 4.22 -15.11
C VAL B 226 30.42 3.81 -16.22
N PHE B 227 31.71 4.07 -16.06
CA PHE B 227 32.66 3.70 -17.10
C PHE B 227 32.89 2.19 -17.15
N THR B 228 32.89 1.52 -16.00
CA THR B 228 33.04 0.06 -16.01
C THR B 228 31.80 -0.63 -16.59
N ALA B 229 30.61 -0.13 -16.26
CA ALA B 229 29.41 -0.67 -16.90
C ALA B 229 29.39 -0.40 -18.40
N CYS B 230 29.96 0.72 -18.83
CA CYS B 230 30.04 0.99 -20.27
C CYS B 230 31.02 0.05 -20.95
N ILE B 231 32.14 -0.28 -20.28
CA ILE B 231 33.07 -1.27 -20.85
C ILE B 231 32.41 -2.63 -20.97
N TYR B 232 31.68 -3.06 -19.93
CA TYR B 232 31.04 -4.37 -19.98
C TYR B 232 29.95 -4.43 -21.05
N LEU B 233 29.14 -3.38 -21.16
CA LEU B 233 28.10 -3.38 -22.18
C LEU B 233 28.64 -3.15 -23.58
N GLY B 234 29.87 -2.69 -23.72
CA GLY B 234 30.48 -2.66 -25.04
C GLY B 234 31.03 -4.02 -25.41
N TYR B 235 31.62 -4.69 -24.41
CA TYR B 235 32.17 -6.02 -24.65
C TYR B 235 31.07 -7.05 -24.91
N TYR B 236 29.87 -6.83 -24.37
CA TYR B 236 28.78 -7.76 -24.62
C TYR B 236 28.31 -7.69 -26.07
N ILE B 237 28.24 -6.49 -26.65
CA ILE B 237 27.89 -6.40 -28.06
C ILE B 237 29.06 -6.86 -28.93
N SER B 238 30.29 -6.64 -28.49
CA SER B 238 31.42 -7.18 -29.24
C SER B 238 31.53 -8.70 -29.14
N LEU B 239 30.81 -9.32 -28.21
CA LEU B 239 30.86 -10.78 -28.07
C LEU B 239 29.71 -11.46 -28.81
N PHE B 240 28.47 -11.17 -28.43
CA PHE B 240 27.31 -11.87 -28.97
C PHE B 240 26.73 -11.13 -30.18
N SER B 241 27.58 -10.94 -31.18
CA SER B 241 27.17 -10.30 -32.42
C SER B 241 26.87 -11.28 -33.53
N LEU B 242 27.36 -12.52 -33.42
CA LEU B 242 27.12 -13.54 -34.43
C LEU B 242 27.19 -14.91 -33.77
N THR B 243 26.57 -15.88 -34.45
CA THR B 243 26.44 -17.30 -34.05
C THR B 243 26.21 -17.48 -32.55
N ASP B 244 25.09 -16.94 -32.10
CA ASP B 244 24.69 -17.04 -30.69
C ASP B 244 24.41 -18.48 -30.25
N GLU B 245 24.07 -19.37 -31.18
CA GLU B 245 23.91 -20.77 -30.83
C GLU B 245 25.26 -21.42 -30.63
N PHE B 246 25.25 -22.59 -29.98
CA PHE B 246 26.50 -23.28 -29.70
C PHE B 246 26.23 -24.77 -29.58
N THR B 247 27.29 -25.54 -29.74
CA THR B 247 27.25 -26.98 -29.55
C THR B 247 27.61 -27.33 -28.12
N CYS B 248 27.10 -28.47 -27.65
CA CYS B 248 27.28 -28.85 -26.27
C CYS B 248 27.38 -30.36 -26.17
N ASN B 249 28.31 -30.84 -25.35
CA ASN B 249 28.49 -32.26 -25.11
C ASN B 249 27.76 -32.66 -23.83
N ILE B 250 27.29 -33.90 -23.80
CA ILE B 250 26.49 -34.40 -22.70
C ILE B 250 27.26 -35.41 -21.85
N ARG B 251 28.07 -36.26 -22.50
CA ARG B 251 28.72 -37.36 -21.81
C ARG B 251 29.84 -36.89 -20.89
N THR B 252 29.52 -36.59 -19.64
CA THR B 252 30.52 -36.30 -18.61
C THR B 252 30.28 -37.23 -17.43
N GLY B 253 31.20 -38.14 -17.20
CA GLY B 253 31.09 -39.05 -16.06
C GLY B 253 30.66 -40.45 -16.43
N ILE B 254 29.51 -40.88 -15.90
CA ILE B 254 29.05 -42.24 -16.10
C ILE B 254 28.54 -42.44 -17.53
N LEU B 255 28.04 -41.37 -18.15
CA LEU B 255 27.44 -41.46 -19.48
C LEU B 255 28.46 -41.47 -20.61
N ARG B 256 29.74 -41.67 -20.32
CA ARG B 256 30.79 -41.64 -21.31
C ARG B 256 31.03 -43.00 -21.98
N ASN B 257 30.07 -43.92 -21.90
CA ASN B 257 30.26 -45.23 -22.48
C ASN B 257 29.19 -45.61 -23.48
N ASP B 258 27.93 -45.26 -23.22
CA ASP B 258 26.86 -45.68 -24.10
C ASP B 258 26.81 -44.84 -25.36
N THR B 259 26.39 -45.47 -26.45
CA THR B 259 26.29 -44.80 -27.75
C THR B 259 24.88 -44.34 -28.05
N ALA B 260 23.93 -44.54 -27.12
CA ALA B 260 22.58 -44.06 -27.33
C ALA B 260 22.51 -42.54 -27.24
N LEU B 261 23.40 -41.93 -26.46
CA LEU B 261 23.46 -40.48 -26.33
C LEU B 261 24.24 -39.88 -27.49
N PRO B 262 23.83 -38.72 -27.99
CA PRO B 262 24.53 -38.12 -29.13
C PRO B 262 25.85 -37.52 -28.71
N PRO B 263 26.81 -37.41 -29.64
CA PRO B 263 28.10 -36.82 -29.26
C PRO B 263 28.02 -35.33 -29.02
N LEU B 264 27.22 -34.60 -29.79
CA LEU B 264 27.09 -33.16 -29.64
C LEU B 264 25.67 -32.75 -29.96
N VAL B 265 25.07 -31.94 -29.10
CA VAL B 265 23.74 -31.38 -29.35
C VAL B 265 23.90 -29.92 -29.73
N GLN B 266 23.00 -29.46 -30.60
CA GLN B 266 22.95 -28.07 -31.03
C GLN B 266 21.95 -27.33 -30.15
N CYS B 267 22.37 -26.23 -29.54
CA CYS B 267 21.53 -25.61 -28.54
C CYS B 267 21.60 -24.10 -28.72
N LYS B 268 20.48 -23.43 -28.48
CA LYS B 268 20.31 -22.02 -28.82
C LYS B 268 20.03 -21.21 -27.56
N LEU B 269 20.72 -20.08 -27.43
CA LEU B 269 20.41 -19.09 -26.40
C LEU B 269 19.30 -18.19 -26.92
N ILE B 270 18.21 -18.09 -26.17
CA ILE B 270 16.97 -17.56 -26.73
C ILE B 270 16.65 -16.15 -26.27
N ALA B 271 17.39 -15.60 -25.32
CA ALA B 271 17.15 -14.24 -24.84
C ALA B 271 18.23 -13.27 -25.27
N VAL B 272 19.14 -13.68 -26.16
CA VAL B 272 20.23 -12.81 -26.58
C VAL B 272 19.77 -11.79 -27.61
N GLY B 273 18.57 -11.94 -28.16
CA GLY B 273 18.06 -10.99 -29.11
C GLY B 273 17.61 -9.70 -28.48
N VAL B 274 16.99 -9.79 -27.30
CA VAL B 274 16.55 -8.60 -26.60
C VAL B 274 17.64 -8.01 -25.72
N PHE B 275 18.66 -8.80 -25.38
CA PHE B 275 19.75 -8.26 -24.57
C PHE B 275 20.63 -7.32 -25.37
N ARG B 276 20.70 -7.46 -26.69
CA ARG B 276 21.44 -6.49 -27.47
C ARG B 276 20.72 -5.16 -27.56
N LEU B 277 19.38 -5.18 -27.57
CA LEU B 277 18.63 -3.92 -27.48
C LEU B 277 18.81 -3.28 -26.12
N LEU B 278 18.66 -4.06 -25.05
CA LEU B 278 18.84 -3.53 -23.70
C LEU B 278 20.27 -3.17 -23.40
N SER B 279 21.23 -3.60 -24.22
CA SER B 279 22.60 -3.16 -24.07
C SER B 279 22.91 -1.94 -24.92
N TYR B 280 22.31 -1.81 -26.10
CA TYR B 280 22.53 -0.61 -26.89
C TYR B 280 21.90 0.62 -26.24
N ILE B 281 20.72 0.46 -25.64
CA ILE B 281 20.09 1.58 -24.94
C ILE B 281 20.93 2.00 -23.74
N ASN B 282 21.32 1.03 -22.92
CA ASN B 282 22.11 1.28 -21.73
C ASN B 282 23.55 1.66 -22.02
N LEU B 283 24.01 1.51 -23.26
CA LEU B 283 25.30 2.04 -23.64
C LEU B 283 25.20 3.47 -24.17
N ILE B 284 24.17 3.76 -24.96
CA ILE B 284 24.02 5.11 -25.52
C ILE B 284 23.72 6.11 -24.42
N ILE B 285 22.82 5.77 -23.49
CA ILE B 285 22.50 6.70 -22.43
C ILE B 285 23.69 6.88 -21.49
N TYR B 286 24.42 5.81 -21.21
CA TYR B 286 25.58 5.93 -20.33
C TYR B 286 26.74 6.66 -20.98
N VAL B 287 26.82 6.69 -22.31
CA VAL B 287 27.81 7.56 -22.93
C VAL B 287 27.34 9.02 -22.88
N LEU B 288 26.03 9.26 -23.03
CA LEU B 288 25.56 10.63 -22.95
C LEU B 288 25.57 11.20 -21.54
N ILE B 289 25.62 10.35 -20.51
CA ILE B 289 25.68 10.85 -19.13
C ILE B 289 27.05 11.43 -18.82
N MET B 290 28.12 10.68 -19.10
CA MET B 290 29.49 10.92 -18.67
C MET B 290 30.09 12.31 -18.88
N PRO B 291 29.75 13.05 -19.96
CA PRO B 291 30.20 14.46 -20.01
C PRO B 291 29.65 15.30 -18.87
N PHE B 292 28.45 15.01 -18.36
CA PHE B 292 27.93 15.80 -17.25
C PHE B 292 28.63 15.47 -15.94
N ILE B 293 29.08 14.22 -15.76
CA ILE B 293 29.85 13.90 -14.57
C ILE B 293 31.23 14.53 -14.63
N ILE B 294 31.85 14.52 -15.82
CA ILE B 294 33.14 15.18 -15.98
C ILE B 294 33.01 16.68 -15.77
N TYR B 295 31.90 17.27 -16.21
CA TYR B 295 31.69 18.70 -16.00
C TYR B 295 31.41 19.01 -14.54
N ALA B 296 30.69 18.14 -13.85
CA ALA B 296 30.40 18.38 -12.44
C ALA B 296 31.63 18.19 -11.55
N MET B 297 32.61 17.41 -12.00
CA MET B 297 33.83 17.29 -11.21
C MET B 297 34.70 18.54 -11.30
N LEU B 298 34.48 19.40 -12.28
CA LEU B 298 35.24 20.65 -12.40
C LEU B 298 34.51 21.73 -11.61
N VAL B 299 34.82 21.81 -10.32
CA VAL B 299 34.13 22.73 -9.42
C VAL B 299 34.55 24.18 -9.64
N PRO B 300 35.84 24.58 -9.59
CA PRO B 300 36.14 26.02 -9.67
C PRO B 300 36.06 26.59 -11.07
N PHE B 301 35.86 25.78 -12.10
CA PHE B 301 35.73 26.26 -13.47
C PHE B 301 34.28 26.42 -13.88
N ARG B 302 33.35 26.44 -12.93
CA ARG B 302 31.97 26.74 -13.22
C ARG B 302 31.73 28.24 -13.10
N LYS B 303 30.47 28.64 -13.20
CA LYS B 303 30.10 30.06 -13.16
C LYS B 303 29.79 30.42 -11.70
N THR B 304 30.69 31.16 -11.06
CA THR B 304 30.62 31.43 -9.63
C THR B 304 30.69 32.93 -9.38
N ALA B 305 30.50 33.29 -8.09
CA ALA B 305 30.74 34.63 -7.55
C ALA B 305 29.85 35.69 -8.21
N ASN B 306 28.55 35.40 -8.28
CA ASN B 306 27.58 36.37 -8.77
C ASN B 306 26.71 36.96 -7.66
N VAL B 307 26.81 36.43 -6.44
CA VAL B 307 25.86 36.66 -5.37
C VAL B 307 26.37 37.69 -4.36
N LEU B 308 27.68 37.73 -4.12
CA LEU B 308 28.20 38.76 -3.24
C LEU B 308 28.30 40.11 -3.93
N LYS B 309 28.46 40.12 -5.26
CA LYS B 309 28.49 41.39 -6.00
C LYS B 309 27.15 42.10 -5.94
N VAL B 310 26.07 41.37 -5.71
CA VAL B 310 24.79 42.02 -5.45
C VAL B 310 24.78 42.64 -4.06
N TYR B 311 25.39 41.98 -3.10
CA TYR B 311 25.32 42.41 -1.70
C TYR B 311 26.37 43.47 -1.34
N GLU B 312 27.30 43.80 -2.23
CA GLU B 312 28.22 44.89 -1.93
C GLU B 312 27.59 46.27 -1.99
N VAL B 313 26.30 46.38 -2.30
CA VAL B 313 25.62 47.67 -2.26
C VAL B 313 25.51 48.17 -0.83
N LEU B 314 25.31 47.25 0.11
CA LEU B 314 25.25 47.61 1.52
C LEU B 314 26.63 48.01 2.02
N PRO B 315 26.74 49.10 2.81
CA PRO B 315 28.05 49.51 3.33
C PRO B 315 28.62 48.58 4.38
N THR B 316 27.80 47.75 5.03
CA THR B 316 28.28 46.79 6.01
C THR B 316 28.50 45.41 5.40
N PHE B 317 28.57 45.33 4.07
CA PHE B 317 28.84 44.08 3.33
C PHE B 317 27.88 42.95 3.66
N SER B 324 38.80 32.77 -7.05
CA SER B 324 38.15 31.48 -6.82
C SER B 324 38.55 30.48 -7.89
N LYS B 325 39.73 29.90 -7.75
CA LYS B 325 40.25 28.92 -8.70
C LYS B 325 40.75 27.64 -8.06
N THR B 326 40.99 27.63 -6.74
CA THR B 326 41.50 26.45 -6.07
C THR B 326 40.35 25.62 -5.53
N TYR B 327 40.68 24.40 -5.09
CA TYR B 327 39.70 23.35 -4.83
C TYR B 327 39.33 23.23 -3.36
N ASP B 328 39.40 24.29 -2.57
CA ASP B 328 38.89 24.19 -1.22
C ASP B 328 37.37 24.34 -1.25
N ASP B 329 36.72 24.06 -0.13
CA ASP B 329 35.27 23.97 -0.13
C ASP B 329 34.58 25.32 0.02
N HIS B 330 35.32 26.42 -0.05
CA HIS B 330 34.69 27.72 -0.23
C HIS B 330 34.04 27.81 -1.60
N SER B 331 34.70 27.25 -2.63
CA SER B 331 34.12 27.20 -3.96
C SER B 331 32.86 26.36 -4.00
N LEU B 332 32.91 25.18 -3.38
CA LEU B 332 31.74 24.32 -3.35
C LEU B 332 30.60 24.93 -2.54
N PHE B 333 30.93 25.61 -1.44
CA PHE B 333 29.87 26.26 -0.69
C PHE B 333 29.29 27.44 -1.46
N LEU B 334 30.09 28.13 -2.27
CA LEU B 334 29.54 29.18 -3.10
C LEU B 334 28.64 28.62 -4.18
N LEU B 335 28.97 27.43 -4.71
CA LEU B 335 28.07 26.79 -5.67
C LEU B 335 26.75 26.42 -5.02
N PHE B 336 26.80 25.86 -3.82
CA PHE B 336 25.59 25.49 -3.11
C PHE B 336 24.82 26.70 -2.61
N LEU B 337 25.46 27.86 -2.53
CA LEU B 337 24.77 29.09 -2.13
C LEU B 337 24.13 29.81 -3.31
N GLU B 338 24.81 29.86 -4.47
CA GLU B 338 24.16 30.39 -5.66
C GLU B 338 23.09 29.45 -6.19
N GLU B 339 23.10 28.18 -5.79
CA GLU B 339 22.08 27.27 -6.29
C GLU B 339 20.72 27.53 -5.67
N ASN B 340 20.67 28.02 -4.43
CA ASN B 340 19.40 28.43 -3.83
C ASN B 340 19.54 29.81 -3.20
N VAL B 341 19.41 30.84 -4.04
CA VAL B 341 19.13 32.19 -3.57
C VAL B 341 17.64 32.52 -3.74
N SER B 342 16.82 31.49 -3.92
CA SER B 342 15.38 31.68 -3.92
C SER B 342 14.85 31.95 -2.52
N GLU B 343 15.48 31.36 -1.52
CA GLU B 343 15.03 31.54 -0.15
C GLU B 343 15.42 32.90 0.42
N LEU B 344 16.42 33.56 -0.16
CA LEU B 344 16.80 34.90 0.27
C LEU B 344 15.80 35.90 -0.28
N LYS B 345 14.98 36.48 0.59
CA LYS B 345 14.02 37.49 0.15
C LYS B 345 14.69 38.82 -0.14
N SER B 346 15.82 39.12 0.49
CA SER B 346 16.54 40.36 0.24
C SER B 346 17.23 40.39 -1.11
N TYR B 347 17.43 39.22 -1.72
CA TYR B 347 18.17 39.15 -2.97
C TYR B 347 17.45 39.84 -4.11
N LYS B 348 16.12 39.75 -4.14
CA LYS B 348 15.37 40.38 -5.22
C LYS B 348 15.43 41.89 -5.11
N PHE B 349 15.28 42.43 -3.90
CA PHE B 349 15.39 43.87 -3.69
C PHE B 349 16.77 44.38 -4.04
N LEU B 350 17.81 43.65 -3.65
CA LEU B 350 19.14 44.12 -3.96
C LEU B 350 19.48 43.97 -5.44
N LYS B 351 18.87 42.99 -6.13
CA LYS B 351 19.06 42.89 -7.56
C LYS B 351 18.37 44.02 -8.30
N VAL B 352 17.20 44.43 -7.81
CA VAL B 352 16.49 45.59 -8.38
C VAL B 352 17.33 46.85 -8.19
N LEU B 353 17.85 47.06 -6.98
CA LEU B 353 18.65 48.25 -6.71
C LEU B 353 20.00 48.20 -7.42
N GLU B 354 20.48 47.00 -7.79
CA GLU B 354 21.63 46.91 -8.67
C GLU B 354 21.26 47.32 -10.09
N ASN B 355 20.08 46.92 -10.55
CA ASN B 355 19.65 47.28 -11.90
C ASN B 355 19.40 48.78 -12.04
N ILE B 356 19.00 49.45 -10.95
CA ILE B 356 18.93 50.90 -10.98
C ILE B 356 20.32 51.51 -11.07
N LYS B 357 21.30 50.90 -10.41
CA LYS B 357 22.66 51.41 -10.34
C LYS B 357 23.49 51.09 -11.59
N ASN B 358 22.88 50.64 -12.67
CA ASN B 358 23.63 50.36 -13.89
C ASN B 358 23.07 51.18 -15.05
N TYR C 25 15.23 20.67 18.08
CA TYR C 25 16.02 19.46 17.97
C TYR C 25 15.23 18.34 17.30
N LYS C 26 14.77 18.60 16.08
CA LYS C 26 14.07 17.57 15.34
C LYS C 26 15.04 16.56 14.76
N GLY C 27 16.11 17.05 14.13
CA GLY C 27 17.06 16.18 13.46
C GLY C 27 18.25 15.78 14.29
N LEU C 28 18.02 15.13 15.42
CA LEU C 28 19.08 14.62 16.26
C LEU C 28 19.42 13.22 15.78
N ARG C 29 20.71 12.97 15.51
CA ARG C 29 21.06 11.79 14.71
C ARG C 29 21.10 10.51 15.54
N LEU C 30 21.83 10.52 16.65
CA LEU C 30 22.00 9.37 17.56
C LEU C 30 22.66 8.14 16.93
N GLU C 31 23.22 8.26 15.73
CA GLU C 31 23.96 7.19 15.09
C GLU C 31 25.09 7.82 14.28
N LEU C 32 26.29 7.25 14.42
CA LEU C 32 27.48 7.72 13.66
C LEU C 32 27.23 7.43 12.18
N ALA C 33 27.65 8.35 11.29
CA ALA C 33 27.37 8.18 9.84
C ALA C 33 28.01 6.88 9.33
N VAL C 34 29.26 6.60 9.73
CA VAL C 34 29.97 5.36 9.30
C VAL C 34 29.16 4.13 9.73
N ASP C 35 28.71 4.10 10.99
CA ASP C 35 27.94 2.97 11.55
C ASP C 35 26.63 2.81 10.77
N LYS C 36 25.96 3.92 10.47
CA LYS C 36 24.67 3.88 9.74
C LYS C 36 24.91 3.30 8.33
N LEU C 37 25.98 3.72 7.67
CA LEU C 37 26.29 3.23 6.30
C LEU C 37 26.61 1.72 6.36
N VAL C 38 27.45 1.32 7.32
CA VAL C 38 27.88 -0.11 7.48
C VAL C 38 26.67 -1.02 7.67
N SER C 39 25.79 -0.69 8.61
CA SER C 39 24.58 -1.50 8.90
C SER C 39 23.73 -1.70 7.64
N CYS C 40 23.49 -0.63 6.87
CA CYS C 40 22.64 -0.72 5.67
C CYS C 40 23.29 -1.67 4.64
N ILE C 41 24.60 -1.54 4.44
CA ILE C 41 25.35 -2.40 3.47
C ILE C 41 25.23 -3.85 3.95
N ALA C 42 25.58 -4.10 5.22
CA ALA C 42 25.58 -5.46 5.80
C ALA C 42 24.19 -6.10 5.90
N VAL C 43 23.13 -5.30 5.82
CA VAL C 43 21.79 -5.87 5.91
C VAL C 43 21.10 -5.87 4.56
N GLY C 44 21.14 -4.76 3.82
CA GLY C 44 20.47 -4.69 2.55
C GLY C 44 21.16 -5.42 1.42
N LEU C 45 22.38 -5.90 1.61
CA LEU C 45 23.01 -6.66 0.53
C LEU C 45 22.55 -8.13 0.49
N PRO C 46 22.55 -8.89 1.60
CA PRO C 46 22.00 -10.25 1.51
C PRO C 46 20.52 -10.30 1.21
N LEU C 47 19.76 -9.25 1.53
CA LEU C 47 18.33 -9.27 1.20
C LEU C 47 18.11 -9.21 -0.31
N LEU C 48 18.84 -8.34 -1.02
CA LEU C 48 18.70 -8.33 -2.47
C LEU C 48 19.32 -9.55 -3.11
N LEU C 49 20.39 -10.10 -2.50
CA LEU C 49 20.99 -11.31 -3.07
C LEU C 49 20.05 -12.50 -2.96
N ILE C 50 19.37 -12.68 -1.83
CA ILE C 50 18.44 -13.79 -1.76
C ILE C 50 17.12 -13.48 -2.45
N SER C 51 16.78 -12.21 -2.67
CA SER C 51 15.64 -11.91 -3.52
C SER C 51 15.91 -12.34 -4.96
N LEU C 52 17.13 -12.08 -5.43
CA LEU C 52 17.53 -12.58 -6.75
C LEU C 52 17.55 -14.10 -6.79
N ALA C 53 18.06 -14.74 -5.74
CA ALA C 53 18.14 -16.20 -5.72
C ALA C 53 16.74 -16.82 -5.70
N PHE C 54 15.82 -16.24 -4.95
CA PHE C 54 14.45 -16.77 -4.91
C PHE C 54 13.71 -16.54 -6.20
N ALA C 55 13.91 -15.38 -6.85
CA ALA C 55 13.29 -15.16 -8.15
C ALA C 55 13.84 -16.15 -9.19
N GLN C 56 15.15 -16.41 -9.16
CA GLN C 56 15.74 -17.42 -10.03
C GLN C 56 15.18 -18.82 -9.74
N GLU C 57 14.93 -19.13 -8.47
CA GLU C 57 14.43 -20.45 -8.11
C GLU C 57 12.97 -20.64 -8.52
N ILE C 58 12.17 -19.57 -8.54
CA ILE C 58 10.81 -19.68 -9.06
C ILE C 58 10.75 -19.60 -10.59
N THR C 59 11.75 -19.03 -11.25
CA THR C 59 11.77 -19.19 -12.71
C THR C 59 12.22 -20.60 -13.11
N LEU C 60 13.32 -21.07 -12.55
CA LEU C 60 13.84 -22.39 -12.95
C LEU C 60 13.04 -23.54 -12.37
N GLY C 61 12.23 -23.30 -11.35
CA GLY C 61 11.36 -24.33 -10.80
C GLY C 61 12.02 -25.24 -9.79
N SER C 62 13.03 -25.98 -10.22
CA SER C 62 13.72 -26.94 -9.37
C SER C 62 15.18 -26.56 -9.21
N GLN C 63 15.86 -27.24 -8.28
CA GLN C 63 17.30 -26.95 -8.01
C GLN C 63 18.19 -28.13 -8.39
N ILE C 64 17.61 -29.21 -8.93
CA ILE C 64 18.40 -30.36 -9.32
C ILE C 64 17.82 -30.94 -10.60
N SER C 65 18.64 -31.69 -11.33
CA SER C 65 18.16 -32.36 -12.54
C SER C 65 18.91 -33.67 -12.67
N CYS C 66 18.20 -34.78 -12.54
CA CYS C 66 18.79 -36.11 -12.65
C CYS C 66 18.47 -36.70 -14.01
N PHE C 67 19.27 -37.69 -14.41
CA PHE C 67 19.10 -38.36 -15.69
C PHE C 67 18.45 -39.72 -15.41
N ALA C 68 17.13 -39.73 -15.35
CA ALA C 68 16.40 -40.96 -15.15
C ALA C 68 16.41 -41.81 -16.41
N PRO C 69 16.37 -43.14 -16.29
CA PRO C 69 16.35 -44.00 -17.47
C PRO C 69 15.06 -43.85 -18.26
N THR C 70 15.09 -44.41 -19.48
CA THR C 70 14.04 -44.17 -20.47
C THR C 70 12.72 -44.84 -20.12
N SER C 71 12.75 -45.92 -19.34
CA SER C 71 11.54 -46.67 -19.01
C SER C 71 10.83 -46.12 -17.78
N PHE C 72 11.14 -44.88 -17.39
CA PHE C 72 10.53 -44.26 -16.23
C PHE C 72 9.43 -43.32 -16.66
N SER C 73 8.28 -43.41 -16.00
CA SER C 73 7.23 -42.42 -16.18
C SER C 73 7.64 -41.10 -15.53
N TRP C 74 6.76 -40.11 -15.63
CA TRP C 74 7.06 -38.80 -15.05
C TRP C 74 7.21 -38.90 -13.53
N ARG C 75 6.31 -39.65 -12.87
CA ARG C 75 6.30 -39.65 -11.41
C ARG C 75 7.50 -40.37 -10.84
N GLN C 76 7.96 -41.44 -11.49
CA GLN C 76 9.16 -42.13 -11.04
C GLN C 76 10.40 -41.27 -11.21
N ALA C 77 10.49 -40.54 -12.31
CA ALA C 77 11.62 -39.63 -12.51
C ALA C 77 11.58 -38.47 -11.53
N ALA C 78 10.38 -37.98 -11.22
CA ALA C 78 10.23 -36.95 -10.19
C ALA C 78 10.64 -37.47 -8.83
N TYR C 79 10.33 -38.73 -8.54
CA TYR C 79 10.81 -39.36 -7.32
C TYR C 79 12.33 -39.45 -7.30
N VAL C 80 12.94 -39.76 -8.44
CA VAL C 80 14.40 -39.86 -8.50
C VAL C 80 15.04 -38.49 -8.26
N ASP C 81 14.45 -37.46 -8.88
CA ASP C 81 14.93 -36.09 -8.71
C ASP C 81 14.78 -35.54 -7.28
N SER C 82 13.65 -35.81 -6.63
CA SER C 82 13.45 -35.33 -5.26
C SER C 82 14.12 -36.24 -4.24
N PHE C 83 14.45 -37.47 -4.60
CA PHE C 83 15.17 -38.35 -3.71
C PHE C 83 16.65 -38.01 -3.70
N CYS C 84 17.26 -37.83 -4.88
CA CYS C 84 18.65 -37.44 -4.92
C CYS C 84 18.87 -35.99 -4.49
N TRP C 85 17.80 -35.20 -4.42
CA TRP C 85 17.94 -33.85 -3.90
C TRP C 85 17.94 -33.83 -2.38
N ALA C 86 17.04 -34.59 -1.75
CA ALA C 86 16.91 -34.62 -0.30
C ALA C 86 17.85 -35.62 0.35
N ALA C 87 18.83 -36.14 -0.37
CA ALA C 87 19.80 -37.06 0.21
C ALA C 87 21.18 -36.45 0.31
N LEU C 103 26.95 -30.79 -1.12
CA LEU C 103 26.51 -31.09 0.20
C LEU C 103 25.38 -30.27 0.80
N TRP C 104 25.30 -30.26 2.14
CA TRP C 104 24.24 -29.52 2.85
C TRP C 104 24.45 -28.01 2.73
N LEU C 105 25.70 -27.60 2.46
CA LEU C 105 26.04 -26.15 2.31
C LEU C 105 25.22 -25.56 1.16
N HIS C 106 25.26 -26.20 -0.01
CA HIS C 106 24.53 -25.73 -1.19
C HIS C 106 23.01 -25.63 -1.09
N LYS C 107 22.39 -26.58 -0.42
CA LYS C 107 20.93 -26.61 -0.27
C LYS C 107 20.43 -25.58 0.74
N PHE C 108 21.27 -25.22 1.70
CA PHE C 108 20.90 -24.26 2.73
C PHE C 108 21.53 -22.89 2.50
N PHE C 109 21.68 -22.48 1.27
CA PHE C 109 22.30 -21.18 1.01
C PHE C 109 21.38 -19.99 1.29
N PRO C 110 20.16 -19.90 0.74
CA PRO C 110 19.36 -18.69 1.00
C PRO C 110 18.86 -18.59 2.42
N TYR C 111 18.63 -19.71 3.11
CA TYR C 111 18.24 -19.65 4.51
C TYR C 111 19.37 -19.11 5.38
N ILE C 112 20.60 -19.50 5.06
CA ILE C 112 21.75 -19.00 5.83
C ILE C 112 21.97 -17.52 5.57
N LEU C 113 21.82 -17.08 4.31
CA LEU C 113 22.01 -15.67 4.03
C LEU C 113 20.89 -14.81 4.62
N LEU C 114 19.65 -15.30 4.66
CA LEU C 114 18.61 -14.53 5.33
C LEU C 114 18.80 -14.52 6.85
N LEU C 115 19.32 -15.62 7.41
CA LEU C 115 19.65 -15.62 8.83
C LEU C 115 20.74 -14.60 9.15
N VAL C 116 21.72 -14.46 8.26
CA VAL C 116 22.77 -13.46 8.47
C VAL C 116 22.20 -12.04 8.36
N ALA C 117 21.28 -11.82 7.42
CA ALA C 117 20.66 -10.49 7.30
C ALA C 117 19.85 -10.14 8.53
N VAL C 118 19.09 -11.10 9.08
CA VAL C 118 18.29 -10.81 10.26
C VAL C 118 19.18 -10.61 11.49
N LEU C 119 20.20 -11.45 11.64
CA LEU C 119 21.11 -11.29 12.77
C LEU C 119 21.95 -10.02 12.69
N LEU C 120 22.13 -9.45 11.50
CA LEU C 120 22.79 -8.17 11.39
C LEU C 120 21.84 -6.99 11.56
N TYR C 121 20.55 -7.17 11.31
CA TYR C 121 19.58 -6.15 11.68
C TYR C 121 19.35 -6.11 13.19
N LEU C 122 19.61 -7.21 13.89
CA LEU C 122 19.38 -7.23 15.33
C LEU C 122 20.16 -6.21 16.18
N PRO C 123 21.46 -5.91 15.92
CA PRO C 123 22.15 -4.99 16.83
C PRO C 123 21.65 -3.56 16.82
N ASN C 124 21.20 -3.02 15.69
CA ASN C 124 20.70 -1.66 15.76
C ASN C 124 19.32 -1.61 16.38
N LEU C 125 18.57 -2.70 16.36
CA LEU C 125 17.36 -2.80 17.16
C LEU C 125 17.68 -2.79 18.64
N PHE C 126 18.74 -3.50 19.04
CA PHE C 126 19.18 -3.50 20.43
C PHE C 126 19.61 -2.11 20.88
N TRP C 127 20.36 -1.41 20.03
CA TRP C 127 20.81 -0.06 20.36
C TRP C 127 19.65 0.92 20.37
N ARG C 128 18.67 0.75 19.49
CA ARG C 128 17.54 1.68 19.45
C ARG C 128 16.63 1.51 20.64
N PHE C 129 16.41 0.28 21.08
CA PHE C 129 15.51 0.09 22.22
C PHE C 129 16.20 0.34 23.54
N THR C 130 17.49 0.07 23.66
CA THR C 130 18.11 0.07 24.98
C THR C 130 18.84 1.37 25.30
N ALA C 131 19.67 1.89 24.39
CA ALA C 131 20.52 3.03 24.71
C ALA C 131 20.24 4.29 23.91
N ALA C 132 19.37 4.25 22.93
CA ALA C 132 19.10 5.44 22.13
C ALA C 132 18.19 6.47 22.82
N PRO C 133 17.16 6.12 23.60
CA PRO C 133 16.42 7.17 24.31
C PRO C 133 17.13 7.72 25.53
N HIS C 134 18.10 7.02 26.10
CA HIS C 134 18.86 7.54 27.22
C HIS C 134 19.95 8.50 26.76
N LEU C 135 20.21 8.58 25.46
CA LEU C 135 21.21 9.46 24.89
C LEU C 135 20.62 10.72 24.30
N SER C 136 19.39 10.62 23.78
CA SER C 136 18.74 11.79 23.18
C SER C 136 18.47 12.85 24.22
N SER C 137 18.06 12.46 25.42
CA SER C 137 17.80 13.44 26.47
C SER C 137 19.10 14.08 26.95
N ASP C 138 20.20 13.33 26.98
CA ASP C 138 21.46 13.91 27.42
C ASP C 138 22.00 14.90 26.38
N LEU C 139 21.87 14.54 25.10
CA LEU C 139 22.27 15.46 24.05
C LEU C 139 21.43 16.73 24.07
N LYS C 140 20.12 16.60 24.27
CA LYS C 140 19.27 17.78 24.31
C LYS C 140 19.56 18.63 25.53
N PHE C 141 19.89 18.02 26.67
CA PHE C 141 20.24 18.79 27.86
C PHE C 141 21.53 19.57 27.65
N VAL C 142 22.57 18.92 27.12
CA VAL C 142 23.85 19.61 26.96
C VAL C 142 23.75 20.70 25.90
N MET C 143 22.98 20.46 24.83
CA MET C 143 22.82 21.49 23.82
C MET C 143 22.04 22.69 24.33
N GLU C 144 20.96 22.45 25.09
CA GLU C 144 20.21 23.57 25.63
C GLU C 144 21.02 24.34 26.68
N GLU C 145 21.81 23.62 27.46
CA GLU C 145 22.67 24.24 28.46
C GLU C 145 23.73 25.14 27.82
N LEU C 146 24.31 24.69 26.70
CA LEU C 146 25.32 25.47 26.01
C LEU C 146 24.72 26.71 25.37
N ASP C 147 23.54 26.57 24.77
CA ASP C 147 22.86 27.73 24.19
C ASP C 147 22.50 28.76 25.26
N LYS C 148 21.99 28.31 26.41
CA LYS C 148 21.63 29.24 27.46
C LYS C 148 22.84 29.91 28.08
N CYS C 149 23.97 29.20 28.20
CA CYS C 149 25.18 29.83 28.71
C CYS C 149 25.71 30.89 27.76
N TYR C 150 25.64 30.61 26.44
CA TYR C 150 26.06 31.62 25.47
C TYR C 150 25.17 32.86 25.53
N ASN C 151 23.85 32.66 25.64
CA ASN C 151 22.95 33.82 25.68
C ASN C 151 23.11 34.61 26.96
N ARG C 152 23.34 33.95 28.10
CA ARG C 152 23.58 34.67 29.34
C ARG C 152 24.90 35.45 29.28
N ASP C 153 25.92 34.88 28.63
CA ASP C 153 27.17 35.62 28.53
C ASP C 153 27.06 36.81 27.58
N ILE C 154 26.27 36.68 26.51
CA ILE C 154 26.07 37.81 25.61
C ILE C 154 25.25 38.91 26.29
N LYS C 155 24.22 38.52 27.05
CA LYS C 155 23.46 39.52 27.80
C LYS C 155 24.26 40.13 28.94
N ASP C 156 25.27 39.44 29.45
CA ASP C 156 26.12 40.02 30.48
C ASP C 156 27.23 40.89 29.93
N ILE C 157 27.66 40.66 28.69
CA ILE C 157 28.67 41.52 28.08
C ILE C 157 28.04 42.80 27.55
N LYS C 158 26.91 42.67 26.85
CA LYS C 158 26.28 43.82 26.21
C LYS C 158 25.57 44.74 27.18
N ALA C 159 25.40 44.35 28.45
CA ALA C 159 24.73 45.17 29.44
C ALA C 159 25.66 45.55 30.60
N ALA C 160 26.97 45.45 30.41
CA ALA C 160 27.92 45.83 31.43
C ALA C 160 29.23 46.33 30.81
N PRO C 196 29.77 26.46 36.49
CA PRO C 196 30.00 25.61 35.32
C PRO C 196 29.18 24.34 35.40
N ILE C 197 28.00 24.35 34.77
CA ILE C 197 27.10 23.20 34.88
C ILE C 197 27.43 22.13 33.84
N VAL C 198 27.79 22.52 32.62
CA VAL C 198 28.06 21.54 31.58
C VAL C 198 29.39 20.84 31.80
N GLU C 199 30.37 21.53 32.39
CA GLU C 199 31.62 20.86 32.70
C GLU C 199 31.44 19.87 33.84
N GLN C 200 30.62 20.21 34.84
CA GLN C 200 30.36 19.28 35.93
C GLN C 200 29.43 18.14 35.51
N TYR C 201 28.62 18.34 34.48
CA TYR C 201 27.79 17.27 33.97
C TYR C 201 28.57 16.34 33.05
N LEU C 202 29.62 16.86 32.41
CA LEU C 202 30.47 15.96 31.59
C LEU C 202 31.34 15.16 32.58
N LYS C 203 31.63 15.77 33.74
CA LYS C 203 32.45 15.12 34.80
C LYS C 203 31.68 13.93 35.38
N THR C 204 30.35 14.03 35.46
CA THR C 204 29.54 12.89 35.97
C THR C 204 29.69 11.68 35.04
N LYS C 205 29.77 11.92 33.72
CA LYS C 205 29.92 10.81 32.74
C LYS C 205 31.40 10.54 32.51
N ASN C 206 32.16 10.32 33.59
CA ASN C 206 33.59 10.05 33.47
C ASN C 206 33.97 8.71 34.09
N ASN C 207 33.12 8.13 34.93
CA ASN C 207 33.39 6.84 35.55
C ASN C 207 32.11 6.00 35.58
N SER C 208 31.42 5.91 34.46
CA SER C 208 30.14 5.20 34.41
C SER C 208 30.21 3.89 33.63
N TYR C 209 30.80 3.90 32.44
CA TYR C 209 30.95 2.71 31.57
C TYR C 209 29.60 2.08 31.25
N GLY C 210 28.59 2.91 30.99
CA GLY C 210 27.27 2.38 30.75
C GLY C 210 26.85 2.42 29.30
N LEU C 211 27.31 3.45 28.59
CA LEU C 211 26.96 3.64 27.15
C LEU C 211 28.04 3.03 26.24
N ILE C 212 29.28 2.92 26.74
CA ILE C 212 30.35 2.33 25.94
C ILE C 212 30.19 0.83 25.86
N ILE C 213 29.57 0.23 26.88
CA ILE C 213 29.37 -1.25 26.94
C ILE C 213 28.39 -1.68 25.85
N LYS C 214 27.19 -1.07 25.84
CA LYS C 214 26.15 -1.44 24.84
C LYS C 214 26.69 -1.14 23.43
N TYR C 215 27.37 -0.01 23.27
CA TYR C 215 27.91 0.37 21.94
C TYR C 215 28.93 -0.67 21.49
N LEU C 216 29.82 -1.10 22.39
CA LEU C 216 30.86 -2.11 22.06
C LEU C 216 30.17 -3.44 21.70
N ILE C 217 29.12 -3.81 22.45
CA ILE C 217 28.38 -5.08 22.19
C ILE C 217 27.77 -5.01 20.79
N CYS C 218 27.22 -3.86 20.41
CA CYS C 218 26.61 -3.69 19.07
C CYS C 218 27.67 -3.84 17.98
N ARG C 219 28.88 -3.33 18.22
CA ARG C 219 29.94 -3.39 17.21
C ARG C 219 30.61 -4.77 17.18
N VAL C 220 30.80 -5.40 18.33
CA VAL C 220 31.43 -6.73 18.35
C VAL C 220 30.49 -7.79 17.78
N VAL C 221 29.19 -7.67 18.05
CA VAL C 221 28.24 -8.62 17.46
C VAL C 221 28.17 -8.46 15.95
N THR C 222 28.21 -7.23 15.45
CA THR C 222 28.25 -7.00 14.01
C THR C 222 29.51 -7.57 13.39
N LEU C 223 30.66 -7.38 14.05
CA LEU C 223 31.91 -7.89 13.52
C LEU C 223 31.95 -9.41 13.53
N ILE C 224 31.42 -10.05 14.56
CA ILE C 224 31.43 -11.51 14.63
C ILE C 224 30.52 -12.11 13.57
N ILE C 225 29.33 -11.54 13.37
CA ILE C 225 28.43 -12.08 12.36
C ILE C 225 29.00 -11.88 10.97
N VAL C 226 29.62 -10.72 10.72
CA VAL C 226 30.21 -10.47 9.41
C VAL C 226 31.38 -11.39 9.15
N PHE C 227 32.19 -11.67 10.17
CA PHE C 227 33.35 -12.54 9.99
C PHE C 227 32.92 -14.00 9.80
N THR C 228 31.87 -14.45 10.50
CA THR C 228 31.41 -15.82 10.31
C THR C 228 30.76 -16.00 8.94
N ALA C 229 29.99 -15.01 8.48
CA ALA C 229 29.46 -15.09 7.13
C ALA C 229 30.56 -15.05 6.08
N CYS C 230 31.65 -14.33 6.35
CA CYS C 230 32.79 -14.33 5.42
C CYS C 230 33.48 -15.68 5.40
N ILE C 231 33.61 -16.35 6.55
CA ILE C 231 34.17 -17.69 6.57
C ILE C 231 33.30 -18.66 5.77
N TYR C 232 31.98 -18.60 5.96
CA TYR C 232 31.09 -19.52 5.24
C TYR C 232 31.12 -19.27 3.74
N LEU C 233 31.11 -17.99 3.33
CA LEU C 233 31.14 -17.70 1.91
C LEU C 233 32.51 -17.92 1.29
N GLY C 234 33.55 -18.03 2.09
CA GLY C 234 34.83 -18.45 1.54
C GLY C 234 34.89 -19.95 1.38
N TYR C 235 34.33 -20.67 2.35
CA TYR C 235 34.31 -22.12 2.28
C TYR C 235 33.40 -22.62 1.16
N TYR C 236 32.36 -21.85 0.82
CA TYR C 236 31.48 -22.27 -0.27
C TYR C 236 32.19 -22.21 -1.61
N ILE C 237 33.02 -21.19 -1.85
CA ILE C 237 33.78 -21.15 -3.08
C ILE C 237 34.92 -22.16 -3.04
N SER C 238 35.47 -22.43 -1.85
CA SER C 238 36.47 -23.49 -1.77
C SER C 238 35.88 -24.87 -1.92
N LEU C 239 34.55 -25.01 -1.84
CA LEU C 239 33.92 -26.32 -1.99
C LEU C 239 33.44 -26.56 -3.42
N PHE C 240 32.52 -25.72 -3.90
CA PHE C 240 31.87 -25.94 -5.20
C PHE C 240 32.62 -25.21 -6.31
N SER C 241 33.91 -25.53 -6.45
CA SER C 241 34.74 -24.94 -7.49
C SER C 241 34.91 -25.86 -8.68
N LEU C 242 34.65 -27.17 -8.52
CA LEU C 242 34.79 -28.11 -9.61
C LEU C 242 33.85 -29.28 -9.35
N THR C 243 33.53 -29.99 -10.45
CA THR C 243 32.63 -31.16 -10.51
C THR C 243 31.39 -31.02 -9.61
N ASP C 244 30.60 -30.00 -9.92
CA ASP C 244 29.37 -29.74 -9.19
C ASP C 244 28.33 -30.84 -9.33
N GLU C 245 28.40 -31.63 -10.40
CA GLU C 245 27.52 -32.78 -10.54
C GLU C 245 27.96 -33.91 -9.62
N PHE C 246 27.05 -34.86 -9.38
CA PHE C 246 27.36 -35.95 -8.49
C PHE C 246 26.53 -37.17 -8.87
N THR C 247 27.00 -38.33 -8.43
CA THR C 247 26.28 -39.57 -8.61
C THR C 247 25.40 -39.84 -7.40
N CYS C 248 24.32 -40.58 -7.62
CA CYS C 248 23.35 -40.81 -6.56
C CYS C 248 22.75 -42.20 -6.72
N ASN C 249 22.59 -42.90 -5.61
CA ASN C 249 21.98 -44.22 -5.60
C ASN C 249 20.50 -44.09 -5.24
N ILE C 250 19.69 -45.00 -5.77
CA ILE C 250 18.25 -44.97 -5.59
C ILE C 250 17.77 -46.08 -4.67
N ARG C 251 18.37 -47.27 -4.77
CA ARG C 251 17.88 -48.43 -4.04
C ARG C 251 18.15 -48.36 -2.55
N THR C 252 17.22 -47.77 -1.79
CA THR C 252 17.27 -47.78 -0.34
C THR C 252 15.96 -48.35 0.18
N GLY C 253 16.02 -49.54 0.78
CA GLY C 253 14.82 -50.14 1.34
C GLY C 253 14.25 -51.26 0.53
N ILE C 254 13.00 -51.10 0.08
CA ILE C 254 12.31 -52.16 -0.65
C ILE C 254 12.89 -52.33 -2.06
N LEU C 255 13.41 -51.24 -2.63
CA LEU C 255 13.89 -51.25 -4.01
C LEU C 255 15.29 -51.85 -4.15
N ARG C 256 15.80 -52.53 -3.14
CA ARG C 256 17.16 -53.08 -3.16
C ARG C 256 17.22 -54.48 -3.74
N ASN C 257 16.21 -54.89 -4.49
CA ASN C 257 16.19 -56.24 -5.05
C ASN C 257 16.05 -56.27 -6.56
N ASP C 258 15.23 -55.40 -7.14
CA ASP C 258 14.99 -55.45 -8.57
C ASP C 258 16.14 -54.84 -9.35
N THR C 259 16.38 -55.39 -10.54
CA THR C 259 17.44 -54.92 -11.41
C THR C 259 16.95 -53.95 -12.47
N ALA C 260 15.65 -53.62 -12.46
CA ALA C 260 15.14 -52.65 -13.42
C ALA C 260 15.63 -51.24 -13.10
N LEU C 261 15.90 -50.96 -11.83
CA LEU C 261 16.41 -49.67 -11.41
C LEU C 261 17.93 -49.62 -11.62
N PRO C 262 18.47 -48.47 -12.02
CA PRO C 262 19.91 -48.37 -12.28
C PRO C 262 20.69 -48.34 -10.98
N PRO C 263 21.95 -48.76 -10.99
CA PRO C 263 22.73 -48.72 -9.75
C PRO C 263 23.12 -47.31 -9.34
N LEU C 264 23.42 -46.44 -10.28
CA LEU C 264 23.80 -45.06 -9.98
C LEU C 264 23.30 -44.15 -11.08
N VAL C 265 22.66 -43.05 -10.69
CA VAL C 265 22.21 -42.03 -11.64
C VAL C 265 23.16 -40.84 -11.53
N GLN C 266 23.35 -40.17 -12.66
CA GLN C 266 24.16 -38.96 -12.73
C GLN C 266 23.24 -37.76 -12.62
N CYS C 267 23.52 -36.86 -11.68
CA CYS C 267 22.57 -35.81 -11.39
C CYS C 267 23.33 -34.51 -11.18
N LYS C 268 22.74 -33.41 -11.61
CA LYS C 268 23.41 -32.12 -11.69
C LYS C 268 22.70 -31.10 -10.81
N LEU C 269 23.49 -30.35 -10.04
CA LEU C 269 23.00 -29.19 -9.30
C LEU C 269 23.00 -28.00 -10.24
N ILE C 270 21.85 -27.35 -10.40
CA ILE C 270 21.67 -26.43 -11.51
C ILE C 270 21.72 -24.96 -11.12
N ALA C 271 21.75 -24.65 -9.83
CA ALA C 271 21.82 -23.26 -9.38
C ALA C 271 23.17 -22.91 -8.79
N VAL C 272 24.17 -23.77 -8.91
CA VAL C 272 25.48 -23.50 -8.33
C VAL C 272 26.29 -22.54 -9.18
N GLY C 273 25.84 -22.25 -10.40
CA GLY C 273 26.55 -21.32 -11.24
C GLY C 273 26.35 -19.88 -10.82
N VAL C 274 25.13 -19.54 -10.41
CA VAL C 274 24.85 -18.18 -9.96
C VAL C 274 25.17 -17.99 -8.48
N PHE C 275 25.27 -19.08 -7.71
CA PHE C 275 25.62 -18.94 -6.30
C PHE C 275 27.08 -18.57 -6.11
N ARG C 276 27.95 -18.91 -7.05
CA ARG C 276 29.33 -18.45 -6.94
C ARG C 276 29.46 -16.97 -7.23
N LEU C 277 28.62 -16.43 -8.12
CA LEU C 277 28.60 -14.99 -8.30
C LEU C 277 28.03 -14.28 -7.07
N LEU C 278 26.91 -14.77 -6.55
CA LEU C 278 26.32 -14.19 -5.36
C LEU C 278 27.16 -14.42 -4.11
N SER C 279 28.13 -15.32 -4.16
CA SER C 279 29.07 -15.48 -3.05
C SER C 279 30.32 -14.64 -3.23
N TYR C 280 30.78 -14.42 -4.46
CA TYR C 280 31.94 -13.54 -4.66
C TYR C 280 31.58 -12.09 -4.36
N ILE C 281 30.38 -11.66 -4.73
CA ILE C 281 29.95 -10.29 -4.42
C ILE C 281 29.84 -10.10 -2.92
N ASN C 282 29.15 -11.01 -2.25
CA ASN C 282 28.93 -10.96 -0.82
C ASN C 282 30.18 -11.27 -0.01
N LEU C 283 31.24 -11.75 -0.63
CA LEU C 283 32.52 -11.88 0.05
C LEU C 283 33.36 -10.62 -0.12
N ILE C 284 33.38 -10.04 -1.32
CA ILE C 284 34.19 -8.85 -1.56
C ILE C 284 33.66 -7.66 -0.77
N ILE C 285 32.33 -7.47 -0.75
CA ILE C 285 31.79 -6.34 -0.01
C ILE C 285 31.96 -6.55 1.49
N TYR C 286 31.81 -7.79 1.97
CA TYR C 286 31.98 -8.04 3.39
C TYR C 286 33.44 -7.96 3.83
N VAL C 287 34.39 -8.14 2.94
CA VAL C 287 35.77 -7.85 3.30
C VAL C 287 36.02 -6.35 3.31
N LEU C 288 35.40 -5.61 2.38
CA LEU C 288 35.59 -4.17 2.39
C LEU C 288 34.87 -3.47 3.54
N ILE C 289 33.87 -4.11 4.16
CA ILE C 289 33.18 -3.49 5.29
C ILE C 289 34.04 -3.51 6.54
N MET C 290 34.61 -4.66 6.89
CA MET C 290 35.27 -4.96 8.16
C MET C 290 36.33 -3.98 8.66
N PRO C 291 37.14 -3.33 7.81
CA PRO C 291 38.00 -2.26 8.34
C PRO C 291 37.23 -1.12 8.98
N PHE C 292 36.03 -0.80 8.49
CA PHE C 292 35.27 0.27 9.11
C PHE C 292 34.68 -0.14 10.45
N ILE C 293 34.35 -1.41 10.63
CA ILE C 293 33.89 -1.86 11.94
C ILE C 293 35.05 -1.88 12.93
N ILE C 294 36.24 -2.30 12.48
CA ILE C 294 37.41 -2.28 13.34
C ILE C 294 37.78 -0.85 13.71
N TYR C 295 37.61 0.08 12.77
CA TYR C 295 37.91 1.49 13.05
C TYR C 295 36.87 2.09 13.99
N ALA C 296 35.60 1.70 13.86
CA ALA C 296 34.57 2.22 14.73
C ALA C 296 34.67 1.66 16.14
N MET C 297 35.27 0.49 16.32
CA MET C 297 35.46 -0.01 17.67
C MET C 297 36.56 0.73 18.43
N LEU C 298 37.42 1.46 17.74
CA LEU C 298 38.46 2.25 18.39
C LEU C 298 37.90 3.63 18.69
N VAL C 299 37.25 3.76 19.86
CA VAL C 299 36.58 5.00 20.23
C VAL C 299 37.56 6.10 20.63
N PRO C 300 38.49 5.92 21.61
CA PRO C 300 39.30 7.08 22.01
C PRO C 300 40.42 7.44 21.06
N PHE C 301 40.67 6.63 20.03
CA PHE C 301 41.70 6.94 19.05
C PHE C 301 41.14 7.63 17.81
N ARG C 302 39.92 8.16 17.89
CA ARG C 302 39.37 8.97 16.82
C ARG C 302 39.73 10.44 17.06
N LYS C 303 39.17 11.31 16.23
CA LYS C 303 39.47 12.75 16.29
C LYS C 303 38.44 13.39 17.20
N THR C 304 38.86 13.77 18.41
CA THR C 304 37.96 14.24 19.46
C THR C 304 38.42 15.59 19.98
N ALA C 305 37.57 16.18 20.85
CA ALA C 305 37.89 17.36 21.66
C ALA C 305 38.20 18.59 20.81
N ASN C 306 37.33 18.85 19.84
CA ASN C 306 37.43 20.07 19.04
C ASN C 306 36.37 21.12 19.38
N VAL C 307 35.40 20.77 20.22
CA VAL C 307 34.18 21.53 20.42
C VAL C 307 34.22 22.36 21.69
N LEU C 308 34.89 21.90 22.73
CA LEU C 308 35.02 22.73 23.92
C LEU C 308 36.09 23.80 23.76
N LYS C 309 37.09 23.56 22.90
CA LYS C 309 38.10 24.58 22.62
C LYS C 309 37.51 25.79 21.92
N VAL C 310 36.39 25.62 21.24
CA VAL C 310 35.67 26.76 20.70
C VAL C 310 34.97 27.52 21.82
N TYR C 311 34.44 26.80 22.80
CA TYR C 311 33.63 27.41 23.84
C TYR C 311 34.45 27.98 24.99
N GLU C 312 35.77 27.77 25.04
CA GLU C 312 36.56 28.40 26.08
C GLU C 312 36.76 29.90 25.89
N VAL C 313 36.20 30.49 24.83
CA VAL C 313 36.27 31.94 24.66
C VAL C 313 35.43 32.62 25.74
N LEU C 314 34.31 32.01 26.10
CA LEU C 314 33.46 32.57 27.15
C LEU C 314 34.14 32.43 28.51
N PRO C 315 34.10 33.45 29.36
CA PRO C 315 34.74 33.35 30.68
C PRO C 315 34.01 32.43 31.64
N THR C 316 32.74 32.12 31.40
CA THR C 316 32.00 31.18 32.24
C THR C 316 32.00 29.76 31.68
N PHE C 317 32.90 29.48 30.75
CA PHE C 317 33.09 28.15 30.14
C PHE C 317 31.81 27.57 29.52
N SER C 324 41.85 12.39 26.99
CA SER C 324 40.78 11.53 26.48
C SER C 324 41.35 10.32 25.77
N LYS C 325 41.77 9.33 26.54
CA LYS C 325 42.34 8.10 26.00
C LYS C 325 41.72 6.83 26.56
N THR C 326 40.98 6.91 27.66
CA THR C 326 40.39 5.72 28.24
C THR C 326 38.97 5.53 27.72
N TYR C 327 38.40 4.37 28.02
CA TYR C 327 37.19 3.87 27.36
C TYR C 327 35.92 4.11 28.16
N ASP C 328 35.86 5.14 28.98
CA ASP C 328 34.58 5.45 29.60
C ASP C 328 33.72 6.22 28.61
N ASP C 329 32.45 6.40 28.93
CA ASP C 329 31.50 6.92 27.96
C ASP C 329 31.51 8.45 27.87
N HIS C 330 32.45 9.10 28.54
CA HIS C 330 32.69 10.51 28.23
C HIS C 330 33.25 10.67 26.83
N SER C 331 34.13 9.76 26.42
CA SER C 331 34.66 9.77 25.05
C SER C 331 33.56 9.53 24.03
N LEU C 332 32.70 8.54 24.28
CA LEU C 332 31.61 8.26 23.36
C LEU C 332 30.61 9.40 23.32
N PHE C 333 30.33 10.03 24.46
CA PHE C 333 29.43 11.16 24.43
C PHE C 333 30.04 12.35 23.72
N LEU C 334 31.36 12.52 23.80
CA LEU C 334 31.98 13.59 23.04
C LEU C 334 31.94 13.30 21.54
N LEU C 335 32.04 12.03 21.15
CA LEU C 335 31.87 11.69 19.74
C LEU C 335 30.46 12.00 19.26
N PHE C 336 29.46 11.64 20.07
CA PHE C 336 28.08 11.91 19.70
C PHE C 336 27.74 13.39 19.79
N LEU C 337 28.54 14.18 20.49
CA LEU C 337 28.33 15.62 20.57
C LEU C 337 29.00 16.37 19.43
N GLU C 338 30.22 15.98 19.05
CA GLU C 338 30.83 16.55 17.86
C GLU C 338 30.16 16.09 16.58
N GLU C 339 29.39 14.99 16.64
CA GLU C 339 28.74 14.53 15.42
C GLU C 339 27.58 15.42 15.03
N ASN C 340 26.89 16.05 15.99
CA ASN C 340 25.86 17.03 15.66
C ASN C 340 26.06 18.31 16.48
N VAL C 341 26.95 19.17 15.99
CA VAL C 341 27.00 20.56 16.40
C VAL C 341 26.31 21.44 15.36
N SER C 342 25.51 20.85 14.49
CA SER C 342 24.69 21.62 13.57
C SER C 342 23.54 22.28 14.29
N GLU C 343 23.00 21.63 15.33
CA GLU C 343 21.87 22.17 16.06
C GLU C 343 22.27 23.31 16.99
N LEU C 344 23.54 23.40 17.35
CA LEU C 344 24.02 24.50 18.18
C LEU C 344 24.17 25.74 17.32
N LYS C 345 23.29 26.72 17.52
CA LYS C 345 23.39 27.97 16.76
C LYS C 345 24.52 28.86 17.25
N SER C 346 24.92 28.72 18.52
CA SER C 346 26.02 29.51 19.05
C SER C 346 27.38 29.05 18.53
N TYR C 347 27.46 27.84 18.00
CA TYR C 347 28.73 27.30 17.57
C TYR C 347 29.33 28.06 16.40
N LYS C 348 28.48 28.53 15.48
CA LYS C 348 28.99 29.25 14.33
C LYS C 348 29.56 30.61 14.74
N PHE C 349 28.86 31.32 15.63
CA PHE C 349 29.35 32.59 16.13
C PHE C 349 30.65 32.43 16.88
N LEU C 350 30.74 31.40 17.71
CA LEU C 350 31.97 31.22 18.47
C LEU C 350 33.12 30.74 17.58
N LYS C 351 32.81 30.02 16.50
CA LYS C 351 33.86 29.65 15.55
C LYS C 351 34.37 30.85 14.79
N VAL C 352 33.48 31.77 14.44
CA VAL C 352 33.87 33.02 13.79
C VAL C 352 34.77 33.83 14.73
N LEU C 353 34.36 33.99 15.99
CA LEU C 353 35.15 34.75 16.94
C LEU C 353 36.45 34.05 17.31
N GLU C 354 36.53 32.72 17.13
CA GLU C 354 37.81 32.04 17.23
C GLU C 354 38.69 32.36 16.05
N ASN C 355 38.11 32.43 14.84
CA ASN C 355 38.89 32.75 13.65
C ASN C 355 39.41 34.18 13.68
N ILE C 356 38.70 35.08 14.34
CA ILE C 356 39.24 36.42 14.55
C ILE C 356 40.42 36.37 15.53
N LYS C 357 40.34 35.51 16.53
CA LYS C 357 41.35 35.41 17.58
C LYS C 357 42.57 34.60 17.17
N ASN C 358 42.75 34.30 15.88
CA ASN C 358 43.93 33.57 15.44
C ASN C 358 44.70 34.37 14.40
N TYR D 25 5.51 14.70 27.18
CA TYR D 25 5.60 13.26 27.38
C TYR D 25 5.12 12.51 26.16
N LYS D 26 5.78 12.76 25.03
CA LYS D 26 5.45 12.03 23.82
C LYS D 26 6.05 10.63 23.84
N GLY D 27 7.32 10.52 24.21
CA GLY D 27 8.02 9.26 24.18
C GLY D 27 8.04 8.51 25.49
N LEU D 28 6.86 8.20 26.02
CA LEU D 28 6.74 7.41 27.23
C LEU D 28 6.73 5.94 26.84
N ARG D 29 7.60 5.14 27.44
CA ARG D 29 7.91 3.82 26.88
C ARG D 29 6.88 2.78 27.23
N LEU D 30 6.56 2.63 28.52
CA LEU D 30 5.59 1.66 29.06
C LEU D 30 5.94 0.19 28.81
N GLU D 31 7.16 -0.10 28.33
CA GLU D 31 7.63 -1.47 28.16
C GLU D 31 9.12 -1.49 28.47
N LEU D 32 9.55 -2.49 29.24
CA LEU D 32 10.98 -2.67 29.59
C LEU D 32 11.73 -3.02 28.30
N ALA D 33 12.94 -2.50 28.12
CA ALA D 33 13.71 -2.75 26.87
C ALA D 33 13.93 -4.24 26.67
N VAL D 34 14.33 -4.96 27.74
CA VAL D 34 14.57 -6.43 27.65
C VAL D 34 13.29 -7.14 27.18
N ASP D 35 12.15 -6.80 27.78
CA ASP D 35 10.83 -7.42 27.44
C ASP D 35 10.50 -7.12 25.98
N LYS D 36 10.73 -5.88 25.53
CA LYS D 36 10.41 -5.49 24.13
C LYS D 36 11.29 -6.30 23.18
N LEU D 37 12.57 -6.46 23.50
CA LEU D 37 13.50 -7.23 22.62
C LEU D 37 13.08 -8.71 22.58
N VAL D 38 12.76 -9.28 23.74
CA VAL D 38 12.38 -10.72 23.86
C VAL D 38 11.14 -11.01 23.01
N SER D 39 10.09 -10.20 23.17
CA SER D 39 8.82 -10.40 22.41
C SER D 39 9.08 -10.40 20.89
N CYS D 40 9.87 -9.44 20.40
CA CYS D 40 10.13 -9.33 18.94
C CYS D 40 10.86 -10.60 18.46
N ILE D 41 11.85 -11.06 19.21
CA ILE D 41 12.65 -12.28 18.84
C ILE D 41 11.67 -13.46 18.82
N ALA D 42 10.92 -13.65 19.92
CA ALA D 42 9.99 -14.80 20.06
C ALA D 42 8.82 -14.77 19.08
N VAL D 43 8.53 -13.63 18.46
CA VAL D 43 7.42 -13.57 17.52
C VAL D 43 7.91 -13.47 16.09
N GLY D 44 8.87 -12.59 15.82
CA GLY D 44 9.36 -12.44 14.47
C GLY D 44 10.28 -13.52 13.98
N LEU D 45 10.71 -14.44 14.83
CA LEU D 45 11.53 -15.53 14.32
C LEU D 45 10.70 -16.67 13.70
N PRO D 46 9.63 -17.19 14.34
CA PRO D 46 8.82 -18.20 13.64
C PRO D 46 8.10 -17.66 12.42
N LEU D 47 7.82 -16.36 12.35
CA LEU D 47 7.17 -15.82 11.16
C LEU D 47 8.08 -15.90 9.94
N LEU D 48 9.34 -15.51 10.09
CA LEU D 48 10.26 -15.65 8.96
C LEU D 48 10.60 -17.10 8.68
N LEU D 49 10.63 -17.95 9.71
CA LEU D 49 10.91 -19.36 9.46
C LEU D 49 9.78 -20.03 8.68
N ILE D 50 8.53 -19.75 9.01
CA ILE D 50 7.46 -20.34 8.21
C ILE D 50 7.25 -19.61 6.90
N SER D 51 7.70 -18.36 6.76
CA SER D 51 7.67 -17.73 5.45
C SER D 51 8.66 -18.42 4.51
N LEU D 52 9.84 -18.77 5.03
CA LEU D 52 10.78 -19.58 4.26
C LEU D 52 10.23 -20.95 3.94
N ALA D 53 9.58 -21.59 4.92
CA ALA D 53 9.04 -22.93 4.69
C ALA D 53 7.93 -22.91 3.64
N PHE D 54 7.07 -21.89 3.68
CA PHE D 54 5.99 -21.80 2.70
C PHE D 54 6.51 -21.45 1.32
N ALA D 55 7.52 -20.59 1.22
CA ALA D 55 8.11 -20.32 -0.08
C ALA D 55 8.77 -21.57 -0.66
N GLN D 56 9.45 -22.35 0.18
CA GLN D 56 10.01 -23.62 -0.25
C GLN D 56 8.92 -24.60 -0.68
N GLU D 57 7.78 -24.59 -0.01
CA GLU D 57 6.71 -25.53 -0.35
C GLU D 57 6.02 -25.15 -1.66
N ILE D 58 5.96 -23.86 -1.99
CA ILE D 58 5.43 -23.46 -3.29
C ILE D 58 6.46 -23.58 -4.42
N THR D 59 7.76 -23.57 -4.11
CA THR D 59 8.70 -23.94 -5.18
C THR D 59 8.70 -25.44 -5.44
N LEU D 60 8.80 -26.25 -4.39
CA LEU D 60 8.88 -27.70 -4.60
C LEU D 60 7.54 -28.32 -4.95
N GLY D 61 6.44 -27.62 -4.71
CA GLY D 61 5.13 -28.10 -5.10
C GLY D 61 4.49 -29.06 -4.11
N SER D 62 5.11 -30.21 -3.89
CA SER D 62 4.57 -31.24 -3.02
C SER D 62 5.52 -31.49 -1.85
N GLN D 63 5.04 -32.26 -0.87
CA GLN D 63 5.85 -32.55 0.35
C GLN D 63 6.20 -34.04 0.43
N ILE D 64 5.79 -34.83 -0.55
CA ILE D 64 6.08 -36.26 -0.53
C ILE D 64 6.37 -36.71 -1.97
N SER D 65 7.09 -37.83 -2.09
CA SER D 65 7.35 -38.40 -3.41
C SER D 65 7.39 -39.91 -3.27
N CYS D 66 6.41 -40.59 -3.87
CA CYS D 66 6.34 -42.04 -3.81
C CYS D 66 6.83 -42.63 -5.13
N PHE D 67 7.21 -43.91 -5.07
CA PHE D 67 7.71 -44.63 -6.24
C PHE D 67 6.59 -45.53 -6.74
N ALA D 68 5.74 -44.98 -7.60
CA ALA D 68 4.65 -45.75 -8.17
C ALA D 68 5.20 -46.70 -9.24
N PRO D 69 4.57 -47.84 -9.44
CA PRO D 69 5.02 -48.78 -10.47
C PRO D 69 4.83 -48.22 -11.88
N THR D 70 5.45 -48.91 -12.84
CA THR D 70 5.57 -48.40 -14.21
C THR D 70 4.26 -48.39 -14.97
N SER D 71 3.32 -49.26 -14.61
CA SER D 71 2.05 -49.38 -15.31
C SER D 71 1.00 -48.42 -14.80
N PHE D 72 1.40 -47.38 -14.07
CA PHE D 72 0.48 -46.42 -13.51
C PHE D 72 0.46 -45.17 -14.38
N SER D 73 -0.73 -44.67 -14.69
CA SER D 73 -0.86 -43.37 -15.32
C SER D 73 -0.55 -42.26 -14.31
N TRP D 74 -0.62 -41.02 -14.78
CA TRP D 74 -0.33 -39.89 -13.90
C TRP D 74 -1.31 -39.83 -12.73
N ARG D 75 -2.60 -40.04 -13.01
CA ARG D 75 -3.60 -39.82 -11.96
C ARG D 75 -3.53 -40.90 -10.89
N GLN D 76 -3.23 -42.14 -11.27
CA GLN D 76 -3.08 -43.20 -10.28
C GLN D 76 -1.86 -42.97 -9.40
N ALA D 77 -0.75 -42.51 -9.99
CA ALA D 77 0.44 -42.19 -9.20
C ALA D 77 0.19 -41.00 -8.29
N ALA D 78 -0.57 -40.01 -8.77
CA ALA D 78 -0.94 -38.88 -7.93
C ALA D 78 -1.83 -39.33 -6.78
N TYR D 79 -2.72 -40.29 -7.04
CA TYR D 79 -3.50 -40.89 -5.96
C TYR D 79 -2.60 -41.59 -4.95
N VAL D 80 -1.57 -42.29 -5.42
CA VAL D 80 -0.67 -42.99 -4.51
C VAL D 80 0.09 -42.00 -3.64
N ASP D 81 0.56 -40.92 -4.27
CA ASP D 81 1.28 -39.85 -3.56
C ASP D 81 0.43 -39.12 -2.52
N SER D 82 -0.82 -38.78 -2.86
CA SER D 82 -1.69 -38.09 -1.92
C SER D 82 -2.33 -39.03 -0.92
N PHE D 83 -2.37 -40.33 -1.22
CA PHE D 83 -2.87 -41.30 -0.25
C PHE D 83 -1.83 -41.61 0.81
N CYS D 84 -0.59 -41.87 0.40
CA CYS D 84 0.46 -42.11 1.38
C CYS D 84 0.86 -40.84 2.11
N TRP D 85 0.48 -39.67 1.61
CA TRP D 85 0.73 -38.44 2.36
C TRP D 85 -0.30 -38.21 3.45
N ALA D 86 -1.58 -38.42 3.14
CA ALA D 86 -2.66 -38.20 4.10
C ALA D 86 -2.92 -39.40 4.99
N ALA D 87 -2.03 -40.38 5.01
CA ALA D 87 -2.19 -41.53 5.90
C ALA D 87 -1.16 -41.54 7.02
N LEU D 103 5.60 -39.07 10.96
CA LEU D 103 4.31 -38.97 11.55
C LEU D 103 3.52 -37.68 11.40
N TRP D 104 2.57 -37.46 12.31
CA TRP D 104 1.72 -36.24 12.26
C TRP D 104 2.52 -35.00 12.62
N LEU D 105 3.64 -35.18 13.33
CA LEU D 105 4.52 -34.05 13.73
C LEU D 105 5.02 -33.33 12.48
N HIS D 106 5.60 -34.10 11.55
CA HIS D 106 6.13 -33.53 10.30
C HIS D 106 5.17 -32.79 9.38
N LYS D 107 3.96 -33.29 9.26
CA LYS D 107 2.95 -32.69 8.39
C LYS D 107 2.35 -31.41 8.98
N PHE D 108 2.36 -31.31 10.30
CA PHE D 108 1.81 -30.14 10.98
C PHE D 108 2.89 -29.22 11.52
N PHE D 109 3.99 -29.07 10.81
CA PHE D 109 5.06 -28.21 11.30
C PHE D 109 4.76 -26.72 11.13
N PRO D 110 4.42 -26.20 9.92
CA PRO D 110 4.22 -24.74 9.82
C PRO D 110 2.98 -24.25 10.54
N TYR D 111 1.93 -25.07 10.65
CA TYR D 111 0.76 -24.64 11.41
C TYR D 111 1.09 -24.52 12.90
N ILE D 112 1.91 -25.41 13.42
CA ILE D 112 2.29 -25.35 14.83
C ILE D 112 3.19 -24.15 15.08
N LEU D 113 4.12 -23.87 14.16
CA LEU D 113 4.98 -22.71 14.37
C LEU D 113 4.23 -21.39 14.23
N LEU D 114 3.24 -21.31 13.32
CA LEU D 114 2.45 -20.09 13.27
C LEU D 114 1.54 -19.95 14.48
N LEU D 115 1.04 -21.07 15.02
CA LEU D 115 0.27 -21.02 16.26
C LEU D 115 1.13 -20.51 17.41
N VAL D 116 2.40 -20.91 17.47
CA VAL D 116 3.29 -20.43 18.51
C VAL D 116 3.58 -18.94 18.34
N ALA D 117 3.74 -18.48 17.08
CA ALA D 117 3.96 -17.05 16.86
C ALA D 117 2.75 -16.22 17.27
N VAL D 118 1.54 -16.69 16.96
CA VAL D 118 0.35 -15.93 17.33
C VAL D 118 0.14 -15.95 18.85
N LEU D 119 0.33 -17.11 19.47
CA LEU D 119 0.19 -17.19 20.92
C LEU D 119 1.26 -16.42 21.67
N LEU D 120 2.41 -16.14 21.05
CA LEU D 120 3.39 -15.28 21.67
C LEU D 120 3.16 -13.80 21.39
N TYR D 121 2.45 -13.47 20.32
CA TYR D 121 2.01 -12.09 20.15
C TYR D 121 0.85 -11.74 21.08
N LEU D 122 0.11 -12.74 21.54
CA LEU D 122 -1.03 -12.47 22.41
C LEU D 122 -0.72 -11.76 23.74
N PRO D 123 0.36 -12.07 24.49
CA PRO D 123 0.53 -11.40 25.79
C PRO D 123 0.80 -9.91 25.72
N ASN D 124 1.51 -9.40 24.72
CA ASN D 124 1.68 -7.95 24.70
C ASN D 124 0.42 -7.25 24.24
N LEU D 125 -0.44 -7.92 23.51
CA LEU D 125 -1.78 -7.39 23.25
C LEU D 125 -2.59 -7.31 24.55
N PHE D 126 -2.49 -8.34 25.39
CA PHE D 126 -3.17 -8.32 26.68
C PHE D 126 -2.66 -7.18 27.56
N TRP D 127 -1.35 -6.99 27.60
CA TRP D 127 -0.75 -5.92 28.40
C TRP D 127 -1.09 -4.55 27.83
N ARG D 128 -1.17 -4.42 26.52
CA ARG D 128 -1.46 -3.13 25.92
C ARG D 128 -2.90 -2.73 26.13
N PHE D 129 -3.83 -3.68 26.06
CA PHE D 129 -5.23 -3.32 26.23
C PHE D 129 -5.62 -3.19 27.69
N THR D 130 -5.00 -3.96 28.58
CA THR D 130 -5.52 -4.03 29.94
C THR D 130 -4.78 -3.13 30.93
N ALA D 131 -3.44 -3.13 30.92
CA ALA D 131 -2.69 -2.42 31.94
C ALA D 131 -1.82 -1.29 31.43
N ALA D 132 -1.71 -1.09 30.14
CA ALA D 132 -0.87 -0.01 29.63
C ALA D 132 -1.48 1.38 29.72
N PRO D 133 -2.79 1.60 29.52
CA PRO D 133 -3.31 2.96 29.75
C PRO D 133 -3.50 3.32 31.21
N HIS D 134 -3.57 2.36 32.12
CA HIS D 134 -3.65 2.68 33.54
C HIS D 134 -2.29 3.02 34.13
N LEU D 135 -1.21 2.79 33.38
CA LEU D 135 0.14 3.08 33.82
C LEU D 135 0.67 4.38 33.24
N SER D 136 0.24 4.74 32.03
CA SER D 136 0.70 5.97 31.40
C SER D 136 0.24 7.19 32.18
N SER D 137 -0.99 7.17 32.69
CA SER D 137 -1.47 8.30 33.48
C SER D 137 -0.75 8.40 34.81
N ASP D 138 -0.39 7.28 35.42
CA ASP D 138 0.33 7.33 36.68
C ASP D 138 1.75 7.84 36.49
N LEU D 139 2.40 7.41 35.42
CA LEU D 139 3.73 7.91 35.11
C LEU D 139 3.70 9.41 34.82
N LYS D 140 2.70 9.86 34.06
CA LYS D 140 2.61 11.28 33.76
C LYS D 140 2.29 12.11 35.00
N PHE D 141 1.48 11.57 35.92
CA PHE D 141 1.19 12.28 37.16
C PHE D 141 2.43 12.40 38.03
N VAL D 142 3.18 11.31 38.21
CA VAL D 142 4.35 11.39 39.09
C VAL D 142 5.44 12.25 38.47
N MET D 143 5.60 12.22 37.14
CA MET D 143 6.60 13.06 36.51
C MET D 143 6.24 14.54 36.60
N GLU D 144 4.96 14.88 36.38
CA GLU D 144 4.56 16.28 36.50
C GLU D 144 4.65 16.77 37.93
N GLU D 145 4.33 15.90 38.88
CA GLU D 145 4.42 16.24 40.30
C GLU D 145 5.87 16.51 40.72
N LEU D 146 6.80 15.71 40.21
CA LEU D 146 8.20 15.90 40.56
C LEU D 146 8.76 17.17 39.94
N ASP D 147 8.39 17.46 38.68
CA ASP D 147 8.83 18.70 38.06
C ASP D 147 8.28 19.92 38.79
N LYS D 148 7.00 19.88 39.19
CA LYS D 148 6.43 21.03 39.88
C LYS D 148 7.02 21.21 41.27
N CYS D 149 7.35 20.11 41.96
CA CYS D 149 7.99 20.25 43.26
C CYS D 149 9.39 20.84 43.14
N TYR D 150 10.13 20.44 42.10
CA TYR D 150 11.45 21.03 41.88
C TYR D 150 11.35 22.52 41.57
N ASN D 151 10.38 22.92 40.73
CA ASN D 151 10.26 24.33 40.40
C ASN D 151 9.80 25.16 41.59
N ARG D 152 8.89 24.62 42.41
CA ARG D 152 8.48 25.35 43.61
C ARG D 152 9.63 25.48 44.59
N ASP D 153 10.48 24.46 44.70
CA ASP D 153 11.62 24.59 45.61
C ASP D 153 12.66 25.58 45.09
N ILE D 154 12.86 25.63 43.77
CA ILE D 154 13.80 26.61 43.23
C ILE D 154 13.26 28.02 43.38
N LYS D 155 11.95 28.22 43.16
CA LYS D 155 11.37 29.54 43.39
C LYS D 155 11.31 29.91 44.87
N ASP D 156 11.33 28.93 45.77
CA ASP D 156 11.37 29.24 47.19
C ASP D 156 12.77 29.48 47.71
N ILE D 157 13.79 28.93 47.05
CA ILE D 157 15.17 29.20 47.47
C ILE D 157 15.65 30.53 46.92
N LYS D 158 15.38 30.79 45.64
CA LYS D 158 15.88 32.00 44.99
C LYS D 158 15.14 33.26 45.40
N ALA D 159 14.02 33.14 46.11
CA ALA D 159 13.25 34.31 46.55
C ALA D 159 13.18 34.42 48.06
N ALA D 160 14.08 33.76 48.78
CA ALA D 160 14.12 33.84 50.23
C ALA D 160 15.54 33.66 50.76
N PRO D 196 4.19 16.38 51.24
CA PRO D 196 4.80 15.36 50.39
C PRO D 196 3.74 14.58 49.63
N ILE D 197 3.45 14.99 48.40
CA ILE D 197 2.37 14.34 47.66
C ILE D 197 2.86 13.11 46.91
N VAL D 198 4.07 13.15 46.36
CA VAL D 198 4.55 12.00 45.59
C VAL D 198 4.95 10.86 46.50
N GLU D 199 5.42 11.14 47.71
CA GLU D 199 5.71 10.05 48.64
C GLU D 199 4.43 9.40 49.14
N GLN D 200 3.39 10.19 49.37
CA GLN D 200 2.12 9.62 49.80
C GLN D 200 1.38 8.93 48.66
N TYR D 201 1.67 9.31 47.41
CA TYR D 201 1.07 8.61 46.28
C TYR D 201 1.82 7.33 45.96
N LEU D 202 3.10 7.26 46.30
CA LEU D 202 3.84 5.99 46.10
C LEU D 202 3.38 5.05 47.23
N LYS D 203 3.01 5.62 48.37
CA LYS D 203 2.54 4.85 49.55
C LYS D 203 1.21 4.19 49.23
N THR D 204 0.36 4.84 48.41
CA THR D 204 -0.93 4.24 48.01
C THR D 204 -0.68 2.96 47.21
N LYS D 205 0.36 2.95 46.36
CA LYS D 205 0.69 1.77 45.53
C LYS D 205 1.66 0.85 46.30
N ASN D 206 1.31 0.50 47.54
CA ASN D 206 2.15 -0.35 48.36
C ASN D 206 1.44 -1.64 48.78
N ASN D 207 0.12 -1.68 48.70
CA ASN D 207 -0.65 -2.87 49.07
C ASN D 207 -1.78 -3.09 48.08
N SER D 208 -1.49 -3.03 46.78
CA SER D 208 -2.52 -3.15 45.77
C SER D 208 -2.46 -4.46 44.99
N TYR D 209 -1.27 -4.87 44.52
CA TYR D 209 -1.06 -6.11 43.77
C TYR D 209 -1.92 -6.16 42.51
N GLY D 210 -2.04 -5.04 41.82
CA GLY D 210 -2.90 -4.97 40.66
C GLY D 210 -2.15 -4.98 39.35
N LEU D 211 -0.98 -4.34 39.34
CA LEU D 211 -0.14 -4.23 38.12
C LEU D 211 0.90 -5.35 38.07
N ILE D 212 1.29 -5.90 39.23
CA ILE D 212 2.26 -6.98 39.25
C ILE D 212 1.63 -8.29 38.78
N ILE D 213 0.31 -8.42 38.99
CA ILE D 213 -0.44 -9.65 38.60
C ILE D 213 -0.46 -9.77 37.08
N LYS D 214 -0.96 -8.74 36.39
CA LYS D 214 -1.06 -8.77 34.90
C LYS D 214 0.35 -8.93 34.32
N TYR D 215 1.33 -8.20 34.88
CA TYR D 215 2.72 -8.28 34.35
C TYR D 215 3.24 -9.72 34.50
N LEU D 216 3.00 -10.34 35.67
CA LEU D 216 3.47 -11.73 35.92
C LEU D 216 2.77 -12.69 34.94
N ILE D 217 1.47 -12.47 34.70
CA ILE D 217 0.69 -13.34 33.77
C ILE D 217 1.30 -13.23 32.37
N CYS D 218 1.67 -12.02 31.96
CA CYS D 218 2.27 -11.78 30.61
C CYS D 218 3.61 -12.52 30.52
N ARG D 219 4.40 -12.54 31.59
CA ARG D 219 5.71 -13.17 31.58
C ARG D 219 5.61 -14.69 31.72
N VAL D 220 4.68 -15.19 32.54
CA VAL D 220 4.54 -16.63 32.72
C VAL D 220 3.93 -17.26 31.47
N VAL D 221 2.99 -16.58 30.81
CA VAL D 221 2.43 -17.11 29.58
C VAL D 221 3.49 -17.16 28.48
N THR D 222 4.33 -16.12 28.39
CA THR D 222 5.42 -16.15 27.42
C THR D 222 6.40 -17.27 27.72
N LEU D 223 6.74 -17.49 28.99
CA LEU D 223 7.68 -18.55 29.35
C LEU D 223 7.10 -19.94 29.07
N ILE D 224 5.81 -20.14 29.33
CA ILE D 224 5.20 -21.44 29.10
C ILE D 224 5.12 -21.75 27.61
N ILE D 225 4.75 -20.76 26.79
CA ILE D 225 4.66 -21.02 25.36
C ILE D 225 6.05 -21.26 24.77
N VAL D 226 7.06 -20.53 25.24
CA VAL D 226 8.41 -20.71 24.74
C VAL D 226 8.96 -22.09 25.16
N PHE D 227 8.65 -22.53 26.37
CA PHE D 227 9.14 -23.82 26.83
C PHE D 227 8.43 -24.97 26.13
N THR D 228 7.14 -24.84 25.84
CA THR D 228 6.44 -25.91 25.12
C THR D 228 6.90 -25.98 23.67
N ALA D 229 7.13 -24.84 23.02
CA ALA D 229 7.69 -24.87 21.68
C ALA D 229 9.10 -25.44 21.67
N CYS D 230 9.87 -25.22 22.75
CA CYS D 230 11.20 -25.82 22.83
C CYS D 230 11.12 -27.33 23.01
N ILE D 231 10.15 -27.82 23.78
CA ILE D 231 9.95 -29.27 23.90
C ILE D 231 9.59 -29.88 22.56
N TYR D 232 8.67 -29.25 21.83
CA TYR D 232 8.25 -29.79 20.54
C TYR D 232 9.38 -29.79 19.53
N LEU D 233 10.15 -28.70 19.47
CA LEU D 233 11.26 -28.65 18.53
C LEU D 233 12.44 -29.50 18.96
N GLY D 234 12.50 -29.94 20.21
CA GLY D 234 13.50 -30.92 20.58
C GLY D 234 13.05 -32.32 20.22
N TYR D 235 11.75 -32.58 20.39
CA TYR D 235 11.23 -33.89 20.03
C TYR D 235 11.23 -34.11 18.52
N TYR D 236 11.12 -33.05 17.74
CA TYR D 236 11.16 -33.20 16.29
C TYR D 236 12.54 -33.63 15.81
N ILE D 237 13.61 -33.08 16.40
CA ILE D 237 14.94 -33.55 16.03
C ILE D 237 15.22 -34.92 16.62
N SER D 238 14.64 -35.23 17.78
CA SER D 238 14.78 -36.59 18.31
C SER D 238 13.97 -37.60 17.52
N LEU D 239 13.04 -37.17 16.67
CA LEU D 239 12.25 -38.09 15.87
C LEU D 239 12.82 -38.31 14.47
N PHE D 240 12.92 -37.24 13.69
CA PHE D 240 13.32 -37.35 12.28
C PHE D 240 14.83 -37.15 12.13
N SER D 241 15.58 -38.00 12.83
CA SER D 241 17.04 -37.97 12.75
C SER D 241 17.60 -39.04 11.82
N LEU D 242 16.83 -40.07 11.51
CA LEU D 242 17.27 -41.12 10.62
C LEU D 242 16.06 -41.76 9.95
N THR D 243 16.32 -42.41 8.82
CA THR D 243 15.36 -43.10 7.94
C THR D 243 14.04 -42.32 7.79
N ASP D 244 14.16 -41.12 7.24
CA ASP D 244 13.00 -40.26 6.99
C ASP D 244 12.03 -40.85 5.97
N GLU D 245 12.49 -41.73 5.10
CA GLU D 245 11.59 -42.41 4.18
C GLU D 245 10.79 -43.48 4.92
N PHE D 246 9.70 -43.91 4.29
CA PHE D 246 8.85 -44.91 4.92
C PHE D 246 8.12 -45.71 3.85
N THR D 247 7.65 -46.88 4.25
CA THR D 247 6.84 -47.72 3.39
C THR D 247 5.37 -47.42 3.62
N CYS D 248 4.56 -47.66 2.59
CA CYS D 248 3.14 -47.32 2.65
C CYS D 248 2.35 -48.34 1.86
N ASN D 249 1.21 -48.75 2.42
CA ASN D 249 0.31 -49.67 1.75
C ASN D 249 -0.80 -48.89 1.06
N ILE D 250 -1.30 -49.45 -0.04
CA ILE D 250 -2.30 -48.79 -0.87
C ILE D 250 -3.66 -49.45 -0.75
N ARG D 251 -3.69 -50.79 -0.66
CA ARG D 251 -4.94 -51.52 -0.70
C ARG D 251 -5.76 -51.36 0.56
N THR D 252 -6.62 -50.34 0.61
CA THR D 252 -7.59 -50.18 1.68
C THR D 252 -8.97 -50.07 1.06
N GLY D 253 -9.82 -51.06 1.30
CA GLY D 253 -11.17 -51.03 0.79
C GLY D 253 -11.41 -51.92 -0.41
N ILE D 254 -11.81 -51.31 -1.53
CA ILE D 254 -12.15 -52.08 -2.72
C ILE D 254 -10.90 -52.65 -3.37
N LEU D 255 -9.76 -51.99 -3.23
CA LEU D 255 -8.53 -52.39 -3.89
C LEU D 255 -7.80 -53.53 -3.19
N ARG D 256 -8.44 -54.21 -2.24
CA ARG D 256 -7.81 -55.27 -1.48
C ARG D 256 -7.92 -56.64 -2.13
N ASN D 257 -8.20 -56.69 -3.43
CA ASN D 257 -8.36 -57.97 -4.10
C ASN D 257 -7.43 -58.15 -5.29
N ASP D 258 -7.20 -57.10 -6.07
CA ASP D 258 -6.39 -57.24 -7.27
C ASP D 258 -4.91 -57.29 -6.94
N THR D 259 -4.18 -58.05 -7.74
CA THR D 259 -2.74 -58.20 -7.57
C THR D 259 -1.94 -57.27 -8.47
N ALA D 260 -2.61 -56.42 -9.26
CA ALA D 260 -1.89 -55.48 -10.10
C ALA D 260 -1.25 -54.37 -9.27
N LEU D 261 -1.84 -54.06 -8.11
CA LEU D 261 -1.30 -53.05 -7.21
C LEU D 261 -0.20 -53.67 -6.35
N PRO D 262 0.85 -52.93 -6.04
CA PRO D 262 1.94 -53.47 -5.25
C PRO D 262 1.56 -53.58 -3.79
N PRO D 263 2.18 -54.50 -3.04
CA PRO D 263 1.84 -54.61 -1.62
C PRO D 263 2.34 -53.45 -0.78
N LEU D 264 3.52 -52.92 -1.09
CA LEU D 264 4.08 -51.81 -0.34
C LEU D 264 4.89 -50.92 -1.29
N VAL D 265 4.66 -49.62 -1.22
CA VAL D 265 5.43 -48.65 -1.98
C VAL D 265 6.41 -47.95 -1.04
N GLN D 266 7.57 -47.61 -1.59
CA GLN D 266 8.59 -46.86 -0.85
C GLN D 266 8.42 -45.39 -1.15
N CYS D 267 8.29 -44.57 -0.12
CA CYS D 267 7.92 -43.18 -0.33
C CYS D 267 8.75 -42.31 0.59
N LYS D 268 9.12 -41.12 0.10
CA LYS D 268 10.10 -40.26 0.75
C LYS D 268 9.47 -38.93 1.11
N LEU D 269 9.72 -38.48 2.34
CA LEU D 269 9.36 -37.13 2.77
C LEU D 269 10.48 -36.19 2.34
N ILE D 270 10.14 -35.15 1.59
CA ILE D 270 11.14 -34.40 0.85
C ILE D 270 11.48 -33.05 1.45
N ALA D 271 10.74 -32.60 2.47
CA ALA D 271 11.02 -31.32 3.10
C ALA D 271 11.60 -31.48 4.50
N VAL D 272 11.96 -32.70 4.91
CA VAL D 272 12.47 -32.93 6.26
C VAL D 272 13.94 -32.51 6.38
N GLY D 273 14.61 -32.24 5.26
CA GLY D 273 15.99 -31.82 5.32
C GLY D 273 16.13 -30.39 5.77
N VAL D 274 15.23 -29.51 5.33
CA VAL D 274 15.28 -28.11 5.72
C VAL D 274 14.55 -27.87 7.04
N PHE D 275 13.65 -28.77 7.44
CA PHE D 275 12.97 -28.60 8.71
C PHE D 275 13.88 -28.85 9.89
N ARG D 276 14.93 -29.65 9.74
CA ARG D 276 15.88 -29.81 10.82
C ARG D 276 16.74 -28.57 11.00
N LEU D 277 17.05 -27.86 9.92
CA LEU D 277 17.73 -26.57 10.05
C LEU D 277 16.81 -25.54 10.70
N LEU D 278 15.58 -25.43 10.23
CA LEU D 278 14.62 -24.50 10.81
C LEU D 278 14.20 -24.88 12.22
N SER D 279 14.48 -26.10 12.65
CA SER D 279 14.24 -26.48 14.03
C SER D 279 15.46 -26.26 14.91
N TYR D 280 16.67 -26.45 14.39
CA TYR D 280 17.87 -26.17 15.18
C TYR D 280 18.01 -24.67 15.45
N ILE D 281 17.70 -23.83 14.46
CA ILE D 281 17.76 -22.39 14.68
C ILE D 281 16.74 -21.96 15.72
N ASN D 282 15.50 -22.40 15.56
CA ASN D 282 14.41 -22.06 16.45
C ASN D 282 14.50 -22.74 17.80
N LEU D 283 15.39 -23.72 17.97
CA LEU D 283 15.66 -24.25 19.29
C LEU D 283 16.80 -23.50 19.97
N ILE D 284 17.86 -23.15 19.24
CA ILE D 284 18.98 -22.47 19.85
C ILE D 284 18.59 -21.07 20.29
N ILE D 285 17.84 -20.34 19.46
CA ILE D 285 17.43 -18.99 19.85
C ILE D 285 16.43 -19.04 21.00
N TYR D 286 15.53 -20.02 21.00
CA TYR D 286 14.57 -20.12 22.09
C TYR D 286 15.19 -20.59 23.39
N VAL D 287 16.32 -21.29 23.34
CA VAL D 287 17.04 -21.56 24.58
C VAL D 287 17.77 -20.32 25.06
N LEU D 288 18.31 -19.51 24.13
CA LEU D 288 19.00 -18.30 24.55
C LEU D 288 18.04 -17.21 25.03
N ILE D 289 16.76 -17.28 24.68
CA ILE D 289 15.79 -16.28 25.15
C ILE D 289 15.48 -16.48 26.63
N MET D 290 15.14 -17.71 27.02
CA MET D 290 14.55 -18.07 28.31
C MET D 290 15.25 -17.56 29.58
N PRO D 291 16.58 -17.43 29.64
CA PRO D 291 17.17 -16.76 30.80
C PRO D 291 16.72 -15.32 30.97
N PHE D 292 16.44 -14.61 29.89
CA PHE D 292 15.97 -13.24 30.04
C PHE D 292 14.52 -13.18 30.53
N ILE D 293 13.69 -14.15 30.19
CA ILE D 293 12.33 -14.18 30.73
C ILE D 293 12.37 -14.55 32.22
N ILE D 294 13.25 -15.49 32.59
CA ILE D 294 13.39 -15.84 34.00
C ILE D 294 13.93 -14.66 34.80
N TYR D 295 14.84 -13.88 34.20
CA TYR D 295 15.37 -12.71 34.87
C TYR D 295 14.34 -11.60 34.97
N ALA D 296 13.50 -11.43 33.95
CA ALA D 296 12.47 -10.41 34.00
C ALA D 296 11.35 -10.76 34.96
N MET D 297 11.14 -12.03 35.26
CA MET D 297 10.13 -12.38 36.26
C MET D 297 10.58 -12.07 37.68
N LEU D 298 11.87 -11.87 37.90
CA LEU D 298 12.38 -11.50 39.23
C LEU D 298 12.37 -9.99 39.34
N VAL D 299 11.23 -9.44 39.76
CA VAL D 299 11.04 -7.99 39.85
C VAL D 299 11.81 -7.37 41.01
N PRO D 300 11.65 -7.77 42.27
CA PRO D 300 12.32 -7.01 43.34
C PRO D 300 13.80 -7.29 43.48
N PHE D 301 14.35 -8.26 42.74
CA PHE D 301 15.77 -8.56 42.79
C PHE D 301 16.54 -7.87 41.67
N ARG D 302 15.94 -6.88 41.02
CA ARG D 302 16.65 -6.07 40.05
C ARG D 302 17.29 -4.87 40.74
N LYS D 303 17.86 -3.97 39.95
CA LYS D 303 18.55 -2.80 40.48
C LYS D 303 17.55 -1.65 40.58
N THR D 304 17.14 -1.32 41.80
CA THR D 304 16.06 -0.38 42.04
C THR D 304 16.52 0.72 43.00
N ALA D 305 15.62 1.71 43.17
CA ALA D 305 15.74 2.75 44.20
C ALA D 305 16.99 3.61 44.04
N ASN D 306 17.22 4.08 42.81
CA ASN D 306 18.31 5.01 42.55
C ASN D 306 17.83 6.44 42.30
N VAL D 307 16.52 6.66 42.18
CA VAL D 307 15.93 7.87 41.66
C VAL D 307 15.42 8.79 42.77
N LEU D 308 14.93 8.23 43.87
CA LEU D 308 14.53 9.09 44.97
C LEU D 308 15.73 9.58 45.78
N LYS D 309 16.84 8.83 45.79
CA LYS D 309 18.04 9.28 46.47
C LYS D 309 18.64 10.51 45.81
N VAL D 310 18.35 10.74 44.54
CA VAL D 310 18.72 11.99 43.89
C VAL D 310 17.82 13.12 44.39
N TYR D 311 16.54 12.84 44.59
CA TYR D 311 15.58 13.87 44.92
C TYR D 311 15.52 14.19 46.41
N GLU D 312 16.22 13.46 47.28
CA GLU D 312 16.25 13.83 48.69
C GLU D 312 17.09 15.08 48.98
N VAL D 313 17.70 15.69 47.97
CA VAL D 313 18.42 16.95 48.17
C VAL D 313 17.44 18.06 48.52
N LEU D 314 16.25 18.03 47.91
CA LEU D 314 15.24 19.02 48.21
C LEU D 314 14.68 18.80 49.62
N PRO D 315 14.48 19.86 50.40
CA PRO D 315 13.93 19.69 51.76
C PRO D 315 12.46 19.30 51.77
N THR D 316 11.71 19.51 50.70
CA THR D 316 10.32 19.10 50.61
C THR D 316 10.15 17.75 49.94
N PHE D 317 11.23 16.98 49.81
CA PHE D 317 11.23 15.63 49.24
C PHE D 317 10.65 15.56 47.82
N SER D 324 12.58 -2.63 49.67
CA SER D 324 11.94 -3.01 48.43
C SER D 324 12.31 -4.44 48.06
N LYS D 325 11.64 -5.40 48.69
CA LYS D 325 11.88 -6.81 48.44
C LYS D 325 10.62 -7.62 48.17
N THR D 326 9.44 -7.09 48.49
CA THR D 326 8.21 -7.81 48.28
C THR D 326 7.61 -7.46 46.91
N TYR D 327 6.61 -8.24 46.52
CA TYR D 327 6.12 -8.27 45.14
C TYR D 327 4.89 -7.41 44.92
N ASP D 328 4.69 -6.34 45.66
CA ASP D 328 3.60 -5.44 45.32
C ASP D 328 4.05 -4.53 44.19
N ASP D 329 3.11 -3.79 43.61
CA ASP D 329 3.40 -3.07 42.39
C ASP D 329 4.06 -1.72 42.62
N HIS D 330 4.46 -1.42 43.86
CA HIS D 330 5.36 -0.30 44.08
C HIS D 330 6.73 -0.59 43.48
N SER D 331 7.19 -1.83 43.59
CA SER D 331 8.45 -2.23 42.97
C SER D 331 8.37 -2.13 41.45
N LEU D 332 7.29 -2.63 40.87
CA LEU D 332 7.13 -2.55 39.42
C LEU D 332 6.98 -1.11 38.95
N PHE D 333 6.28 -0.28 39.71
CA PHE D 333 6.19 1.12 39.31
C PHE D 333 7.52 1.83 39.44
N LEU D 334 8.34 1.43 40.41
CA LEU D 334 9.67 2.03 40.49
C LEU D 334 10.55 1.58 39.34
N LEU D 335 10.38 0.34 38.87
CA LEU D 335 11.11 -0.08 37.67
C LEU D 335 10.68 0.72 36.45
N PHE D 336 9.37 0.92 36.29
CA PHE D 336 8.88 1.70 35.16
C PHE D 336 9.19 3.18 35.29
N LEU D 337 9.51 3.64 36.50
CA LEU D 337 9.90 5.04 36.69
C LEU D 337 11.39 5.27 36.47
N GLU D 338 12.24 4.35 36.94
CA GLU D 338 13.66 4.45 36.60
C GLU D 338 13.93 4.14 35.14
N GLU D 339 13.00 3.48 34.45
CA GLU D 339 13.24 3.17 33.05
C GLU D 339 13.13 4.41 32.17
N ASN D 340 12.31 5.39 32.54
CA ASN D 340 12.28 6.66 31.80
C ASN D 340 12.35 7.82 32.78
N VAL D 341 13.57 8.16 33.19
CA VAL D 341 13.88 9.44 33.79
C VAL D 341 14.50 10.38 32.77
N SER D 342 14.36 10.06 31.48
CA SER D 342 14.80 10.97 30.44
C SER D 342 13.84 12.14 30.30
N GLU D 343 12.56 11.92 30.57
CA GLU D 343 11.57 12.98 30.45
C GLU D 343 11.63 13.97 31.60
N LEU D 344 12.21 13.58 32.74
CA LEU D 344 12.36 14.47 33.87
C LEU D 344 13.53 15.41 33.59
N LYS D 345 13.25 16.68 33.35
CA LYS D 345 14.31 17.65 33.12
C LYS D 345 15.02 18.04 34.41
N SER D 346 14.36 17.94 35.55
CA SER D 346 14.97 18.26 36.83
C SER D 346 15.99 17.22 37.26
N TYR D 347 15.92 16.01 36.70
CA TYR D 347 16.78 14.93 37.14
C TYR D 347 18.24 15.20 36.83
N LYS D 348 18.55 15.84 35.71
CA LYS D 348 19.93 16.13 35.37
C LYS D 348 20.53 17.17 36.31
N PHE D 349 19.77 18.22 36.62
CA PHE D 349 20.23 19.23 37.55
C PHE D 349 20.46 18.64 38.94
N LEU D 350 19.54 17.79 39.39
CA LEU D 350 19.71 17.22 40.72
C LEU D 350 20.84 16.19 40.75
N LYS D 351 21.10 15.52 39.63
CA LYS D 351 22.25 14.61 39.57
C LYS D 351 23.56 15.38 39.60
N VAL D 352 23.61 16.53 38.93
CA VAL D 352 24.78 17.40 38.99
C VAL D 352 25.02 17.88 40.42
N LEU D 353 23.97 18.36 41.07
CA LEU D 353 24.10 18.85 42.45
C LEU D 353 24.38 17.72 43.43
N GLU D 354 24.03 16.48 43.09
CA GLU D 354 24.47 15.35 43.89
C GLU D 354 25.96 15.10 43.69
N ASN D 355 26.44 15.24 42.45
CA ASN D 355 27.87 15.03 42.18
C ASN D 355 28.73 16.09 42.83
N ILE D 356 28.19 17.30 43.02
CA ILE D 356 28.91 18.32 43.79
C ILE D 356 28.95 17.91 45.27
N LYS D 357 27.88 17.31 45.75
CA LYS D 357 27.74 16.94 47.16
C LYS D 357 28.46 15.65 47.53
N ASN D 358 29.33 15.13 46.67
CA ASN D 358 30.08 13.92 46.99
C ASN D 358 31.58 14.18 46.91
N TYR E 25 -9.26 14.67 26.20
CA TYR E 25 -9.89 13.36 26.13
C TYR E 25 -9.65 12.71 24.79
N LYS E 26 -8.39 12.52 24.45
CA LYS E 26 -8.06 11.83 23.20
C LYS E 26 -8.25 10.33 23.34
N GLY E 27 -7.74 9.75 24.43
CA GLY E 27 -7.77 8.32 24.63
C GLY E 27 -8.95 7.82 25.44
N LEU E 28 -10.16 8.10 24.98
CA LEU E 28 -11.37 7.61 25.63
C LEU E 28 -11.68 6.23 25.04
N ARG E 29 -11.85 5.22 25.91
CA ARG E 29 -11.79 3.85 25.44
C ARG E 29 -13.09 3.38 24.80
N LEU E 30 -14.22 3.55 25.50
CA LEU E 30 -15.56 3.15 25.06
C LEU E 30 -15.75 1.65 24.81
N GLU E 31 -14.78 0.82 25.21
CA GLU E 31 -14.90 -0.63 25.14
C GLU E 31 -14.18 -1.22 26.34
N LEU E 32 -14.84 -2.19 26.99
CA LEU E 32 -14.24 -2.90 28.16
C LEU E 32 -13.04 -3.71 27.65
N ALA E 33 -11.95 -3.78 28.42
CA ALA E 33 -10.73 -4.48 27.97
C ALA E 33 -11.04 -5.94 27.68
N VAL E 34 -11.79 -6.60 28.56
CA VAL E 34 -12.16 -8.04 28.38
C VAL E 34 -12.91 -8.21 27.05
N ASP E 35 -13.89 -7.35 26.80
CA ASP E 35 -14.72 -7.40 25.56
C ASP E 35 -13.83 -7.20 24.33
N LYS E 36 -12.90 -6.24 24.41
CA LYS E 36 -12.00 -5.94 23.26
C LYS E 36 -11.12 -7.17 22.99
N LEU E 37 -10.60 -7.80 24.04
CA LEU E 37 -9.73 -9.00 23.87
C LEU E 37 -10.55 -10.15 23.28
N VAL E 38 -11.75 -10.39 23.79
CA VAL E 38 -12.64 -11.50 23.34
C VAL E 38 -12.94 -11.37 21.84
N SER E 39 -13.39 -10.18 21.42
CA SER E 39 -13.74 -9.93 20.00
C SER E 39 -12.56 -10.24 19.07
N CYS E 40 -11.36 -9.78 19.42
CA CYS E 40 -10.15 -9.99 18.57
C CYS E 40 -9.87 -11.49 18.44
N ILE E 41 -9.94 -12.22 19.57
CA ILE E 41 -9.68 -13.69 19.57
C ILE E 41 -10.73 -14.35 18.68
N ALA E 42 -12.01 -14.07 18.95
CA ALA E 42 -13.14 -14.69 18.21
C ALA E 42 -13.20 -14.31 16.73
N VAL E 43 -12.51 -13.24 16.31
CA VAL E 43 -12.54 -12.85 14.91
C VAL E 43 -11.23 -13.17 14.22
N GLY E 44 -10.10 -12.81 14.84
CA GLY E 44 -8.82 -13.06 14.22
C GLY E 44 -8.35 -14.48 14.24
N LEU E 45 -9.01 -15.38 14.97
CA LEU E 45 -8.58 -16.77 14.92
C LEU E 45 -9.12 -17.52 13.70
N PRO E 46 -10.42 -17.47 13.35
CA PRO E 46 -10.85 -18.12 12.12
C PRO E 46 -10.27 -17.51 10.86
N LEU E 47 -9.88 -16.24 10.88
CA LEU E 47 -9.28 -15.65 9.69
C LEU E 47 -7.92 -16.25 9.40
N LEU E 48 -7.07 -16.42 10.42
CA LEU E 48 -5.78 -17.05 10.18
C LEU E 48 -5.95 -18.55 9.91
N LEU E 49 -6.96 -19.18 10.52
CA LEU E 49 -7.17 -20.60 10.25
C LEU E 49 -7.60 -20.85 8.79
N ILE E 50 -8.50 -20.03 8.26
CA ILE E 50 -8.86 -20.22 6.87
C ILE E 50 -7.82 -19.65 5.91
N SER E 51 -6.96 -18.73 6.36
CA SER E 51 -5.84 -18.34 5.52
C SER E 51 -4.87 -19.49 5.36
N LEU E 52 -4.61 -20.23 6.44
CA LEU E 52 -3.81 -21.44 6.36
C LEU E 52 -4.49 -22.49 5.48
N ALA E 53 -5.80 -22.67 5.63
CA ALA E 53 -6.50 -23.68 4.85
C ALA E 53 -6.48 -23.34 3.36
N PHE E 54 -6.65 -22.07 3.02
CA PHE E 54 -6.62 -21.66 1.61
C PHE E 54 -5.23 -21.75 1.02
N ALA E 55 -4.19 -21.41 1.80
CA ALA E 55 -2.83 -21.59 1.29
C ALA E 55 -2.52 -23.07 1.07
N GLN E 56 -2.97 -23.93 1.97
CA GLN E 56 -2.82 -25.38 1.78
C GLN E 56 -3.59 -25.86 0.55
N GLU E 57 -4.76 -25.29 0.29
CA GLU E 57 -5.56 -25.73 -0.85
C GLU E 57 -4.96 -25.28 -2.17
N ILE E 58 -4.27 -24.13 -2.20
CA ILE E 58 -3.55 -23.74 -3.42
C ILE E 58 -2.20 -24.43 -3.57
N THR E 59 -1.59 -24.91 -2.49
CA THR E 59 -0.43 -25.77 -2.72
C THR E 59 -0.83 -27.16 -3.20
N LEU E 60 -1.79 -27.80 -2.53
CA LEU E 60 -2.17 -29.15 -2.92
C LEU E 60 -3.01 -29.21 -4.18
N GLY E 61 -3.59 -28.09 -4.60
CA GLY E 61 -4.34 -28.03 -5.84
C GLY E 61 -5.77 -28.48 -5.73
N SER E 62 -5.98 -29.75 -5.39
CA SER E 62 -7.31 -30.34 -5.33
C SER E 62 -7.60 -30.80 -3.91
N GLN E 63 -8.87 -31.16 -3.65
CA GLN E 63 -9.30 -31.59 -2.29
C GLN E 63 -9.72 -33.07 -2.30
N ILE E 64 -9.63 -33.75 -3.45
CA ILE E 64 -10.00 -35.15 -3.52
C ILE E 64 -9.03 -35.87 -4.44
N SER E 65 -8.94 -37.18 -4.29
CA SER E 65 -8.10 -37.98 -5.17
C SER E 65 -8.76 -39.34 -5.35
N CYS E 66 -9.23 -39.63 -6.56
CA CYS E 66 -9.88 -40.89 -6.86
C CYS E 66 -8.92 -41.82 -7.60
N PHE E 67 -9.21 -43.11 -7.56
CA PHE E 67 -8.39 -44.12 -8.21
C PHE E 67 -9.10 -44.54 -9.50
N ALA E 68 -8.85 -43.80 -10.57
CA ALA E 68 -9.43 -44.12 -11.85
C ALA E 68 -8.73 -45.34 -12.46
N PRO E 69 -9.45 -46.14 -13.25
CA PRO E 69 -8.82 -47.30 -13.88
C PRO E 69 -7.78 -46.92 -14.91
N THR E 70 -7.00 -47.92 -15.34
CA THR E 70 -5.80 -47.69 -16.14
C THR E 70 -6.11 -47.24 -17.56
N SER E 71 -7.29 -47.59 -18.09
CA SER E 71 -7.63 -47.27 -19.46
C SER E 71 -8.27 -45.89 -19.59
N PHE E 72 -8.11 -45.03 -18.60
CA PHE E 72 -8.68 -43.69 -18.62
C PHE E 72 -7.62 -42.69 -19.00
N SER E 73 -7.96 -41.79 -19.92
CA SER E 73 -7.12 -40.66 -20.21
C SER E 73 -7.16 -39.66 -19.05
N TRP E 74 -6.41 -38.56 -19.19
CA TRP E 74 -6.38 -37.55 -18.14
C TRP E 74 -7.76 -36.93 -17.94
N ARG E 75 -8.45 -36.62 -19.02
CA ARG E 75 -9.71 -35.87 -18.89
C ARG E 75 -10.81 -36.72 -18.28
N GLN E 76 -10.84 -38.02 -18.60
CA GLN E 76 -11.83 -38.90 -17.99
C GLN E 76 -11.58 -39.08 -16.50
N ALA E 77 -10.30 -39.20 -16.11
CA ALA E 77 -9.98 -39.31 -14.69
C ALA E 77 -10.28 -38.00 -13.95
N ALA E 78 -10.04 -36.87 -14.61
CA ALA E 78 -10.41 -35.58 -14.02
C ALA E 78 -11.92 -35.46 -13.87
N TYR E 79 -12.68 -35.99 -14.83
CA TYR E 79 -14.12 -36.06 -14.69
C TYR E 79 -14.52 -36.93 -13.51
N VAL E 80 -13.83 -38.05 -13.30
CA VAL E 80 -14.16 -38.94 -12.19
C VAL E 80 -13.88 -38.24 -10.86
N ASP E 81 -12.74 -37.55 -10.78
CA ASP E 81 -12.37 -36.80 -9.59
C ASP E 81 -13.30 -35.63 -9.25
N SER E 82 -13.73 -34.86 -10.26
CA SER E 82 -14.63 -33.74 -10.02
C SER E 82 -16.08 -34.20 -9.90
N PHE E 83 -16.41 -35.39 -10.39
CA PHE E 83 -17.76 -35.92 -10.22
C PHE E 83 -17.95 -36.49 -8.83
N CYS E 84 -16.99 -37.30 -8.36
CA CYS E 84 -17.09 -37.81 -7.00
C CYS E 84 -16.84 -36.74 -5.95
N TRP E 85 -16.29 -35.59 -6.34
CA TRP E 85 -16.15 -34.50 -5.39
C TRP E 85 -17.44 -33.71 -5.24
N ALA E 86 -18.12 -33.41 -6.35
CA ALA E 86 -19.35 -32.63 -6.32
C ALA E 86 -20.59 -33.48 -6.09
N ALA E 87 -20.43 -34.73 -5.67
CA ALA E 87 -21.57 -35.58 -5.36
C ALA E 87 -21.71 -35.87 -3.87
N LEU E 103 -19.19 -35.93 3.93
CA LEU E 103 -20.36 -35.23 3.53
C LEU E 103 -20.24 -33.75 3.14
N TRP E 104 -21.36 -33.03 3.22
CA TRP E 104 -21.39 -31.59 2.86
C TRP E 104 -20.64 -30.76 3.90
N LEU E 105 -20.50 -31.30 5.12
CA LEU E 105 -19.78 -30.58 6.22
C LEU E 105 -18.33 -30.33 5.79
N HIS E 106 -17.63 -31.37 5.34
CA HIS E 106 -16.25 -31.26 4.91
C HIS E 106 -15.93 -30.31 3.74
N LYS E 107 -16.80 -30.28 2.75
CA LYS E 107 -16.61 -29.43 1.58
C LYS E 107 -16.88 -27.95 1.86
N PHE E 108 -17.74 -27.69 2.85
CA PHE E 108 -18.09 -26.32 3.20
C PHE E 108 -17.41 -25.86 4.49
N PHE E 109 -16.20 -26.28 4.73
CA PHE E 109 -15.51 -25.89 5.96
C PHE E 109 -15.00 -24.44 5.94
N PRO E 110 -14.20 -24.00 4.94
CA PRO E 110 -13.70 -22.62 5.02
C PRO E 110 -14.76 -21.56 4.81
N TYR E 111 -15.81 -21.84 4.05
CA TYR E 111 -16.88 -20.88 3.91
C TYR E 111 -17.63 -20.70 5.22
N ILE E 112 -17.83 -21.78 5.97
CA ILE E 112 -18.53 -21.68 7.24
C ILE E 112 -17.66 -20.95 8.27
N LEU E 113 -16.35 -21.20 8.26
CA LEU E 113 -15.50 -20.49 9.22
C LEU E 113 -15.37 -19.02 8.88
N LEU E 114 -15.34 -18.65 7.59
CA LEU E 114 -15.31 -17.23 7.26
C LEU E 114 -16.65 -16.56 7.56
N LEU E 115 -17.76 -17.29 7.41
CA LEU E 115 -19.05 -16.76 7.80
C LEU E 115 -19.10 -16.50 9.30
N VAL E 116 -18.50 -17.39 10.09
CA VAL E 116 -18.46 -17.18 11.55
C VAL E 116 -17.59 -15.98 11.90
N ALA E 117 -16.46 -15.81 11.19
CA ALA E 117 -15.61 -14.65 11.46
C ALA E 117 -16.32 -13.34 11.11
N VAL E 118 -17.05 -13.30 10.00
CA VAL E 118 -17.75 -12.07 9.64
C VAL E 118 -18.92 -11.79 10.59
N LEU E 119 -19.67 -12.84 10.94
CA LEU E 119 -20.78 -12.65 11.87
C LEU E 119 -20.31 -12.30 13.28
N LEU E 120 -19.07 -12.61 13.64
CA LEU E 120 -18.53 -12.17 14.92
C LEU E 120 -17.91 -10.78 14.85
N TYR E 121 -17.50 -10.33 13.67
CA TYR E 121 -17.13 -8.93 13.52
C TYR E 121 -18.34 -8.01 13.50
N LEU E 122 -19.51 -8.54 13.15
CA LEU E 122 -20.71 -7.70 13.08
C LEU E 122 -21.14 -7.01 14.38
N PRO E 123 -21.09 -7.63 15.58
CA PRO E 123 -21.59 -6.93 16.77
C PRO E 123 -20.80 -5.71 17.19
N ASN E 124 -19.48 -5.68 17.03
CA ASN E 124 -18.80 -4.46 17.42
C ASN E 124 -19.00 -3.36 16.40
N LEU E 125 -19.31 -3.70 15.16
CA LEU E 125 -19.76 -2.71 14.19
C LEU E 125 -21.10 -2.12 14.61
N PHE E 126 -22.02 -2.97 15.09
CA PHE E 126 -23.32 -2.50 15.57
C PHE E 126 -23.15 -1.57 16.77
N TRP E 127 -22.27 -1.95 17.71
CA TRP E 127 -22.03 -1.11 18.88
C TRP E 127 -21.33 0.19 18.52
N ARG E 128 -20.43 0.15 17.53
CA ARG E 128 -19.69 1.35 17.17
C ARG E 128 -20.59 2.34 16.45
N PHE E 129 -21.49 1.86 15.59
CA PHE E 129 -22.34 2.79 14.87
C PHE E 129 -23.53 3.26 15.69
N THR E 130 -24.05 2.43 16.59
CA THR E 130 -25.31 2.77 17.23
C THR E 130 -25.16 3.41 18.61
N ALA E 131 -24.33 2.85 19.48
CA ALA E 131 -24.28 3.32 20.86
C ALA E 131 -22.94 3.90 21.29
N ALA E 132 -21.92 3.85 20.47
CA ALA E 132 -20.63 4.40 20.86
C ALA E 132 -20.54 5.93 20.80
N PRO E 133 -21.13 6.65 19.84
CA PRO E 133 -21.08 8.12 19.92
C PRO E 133 -22.05 8.72 20.93
N HIS E 134 -23.08 8.01 21.35
CA HIS E 134 -23.96 8.51 22.38
C HIS E 134 -23.38 8.33 23.78
N LEU E 135 -22.30 7.59 23.91
CA LEU E 135 -21.63 7.34 25.18
C LEU E 135 -20.40 8.21 25.37
N SER E 136 -19.72 8.55 24.28
CA SER E 136 -18.52 9.38 24.36
C SER E 136 -18.85 10.77 24.86
N SER E 137 -19.98 11.34 24.41
CA SER E 137 -20.36 12.66 24.89
C SER E 137 -20.78 12.64 26.35
N ASP E 138 -21.41 11.55 26.81
CA ASP E 138 -21.80 11.47 28.21
C ASP E 138 -20.58 11.32 29.11
N LEU E 139 -19.61 10.51 28.68
CA LEU E 139 -18.38 10.37 29.43
C LEU E 139 -17.62 11.69 29.50
N LYS E 140 -17.56 12.41 28.38
CA LYS E 140 -16.86 13.68 28.38
C LYS E 140 -17.58 14.72 29.23
N PHE E 141 -18.91 14.70 29.25
CA PHE E 141 -19.65 15.63 30.10
C PHE E 141 -19.41 15.34 31.58
N VAL E 142 -19.50 14.08 31.99
CA VAL E 142 -19.33 13.76 33.41
C VAL E 142 -17.89 14.01 33.86
N MET E 143 -16.91 13.74 33.00
CA MET E 143 -15.53 14.00 33.36
C MET E 143 -15.24 15.50 33.48
N GLU E 144 -15.75 16.30 32.53
CA GLU E 144 -15.54 17.74 32.64
C GLU E 144 -16.26 18.34 33.83
N GLU E 145 -17.44 17.82 34.13
CA GLU E 145 -18.22 18.27 35.28
C GLU E 145 -17.49 17.97 36.60
N LEU E 146 -16.88 16.79 36.70
CA LEU E 146 -16.16 16.41 37.91
C LEU E 146 -14.90 17.26 38.08
N ASP E 147 -14.17 17.50 36.98
CA ASP E 147 -12.99 18.35 37.06
C ASP E 147 -13.34 19.77 37.47
N LYS E 148 -14.42 20.32 36.91
CA LYS E 148 -14.81 21.69 37.25
C LYS E 148 -15.31 21.79 38.69
N CYS E 149 -16.00 20.76 39.19
CA CYS E 149 -16.43 20.80 40.59
C CYS E 149 -15.24 20.73 41.54
N TYR E 150 -14.23 19.92 41.20
CA TYR E 150 -13.03 19.87 42.02
C TYR E 150 -12.30 21.21 42.03
N ASN E 151 -12.18 21.86 40.86
CA ASN E 151 -11.48 23.14 40.82
C ASN E 151 -12.25 24.24 41.53
N ARG E 152 -13.58 24.24 41.43
CA ARG E 152 -14.36 25.23 42.17
C ARG E 152 -14.26 24.99 43.67
N ASP E 153 -14.20 23.74 44.11
CA ASP E 153 -14.06 23.50 45.54
C ASP E 153 -12.67 23.88 46.05
N ILE E 154 -11.63 23.68 45.24
CA ILE E 154 -10.29 24.09 45.65
C ILE E 154 -10.18 25.61 45.68
N LYS E 155 -10.77 26.30 44.71
CA LYS E 155 -10.78 27.77 44.74
C LYS E 155 -11.66 28.32 45.84
N ASP E 156 -12.66 27.55 46.31
CA ASP E 156 -13.47 28.01 47.43
C ASP E 156 -12.85 27.71 48.79
N ILE E 157 -11.98 26.69 48.87
CA ILE E 157 -11.30 26.42 50.14
C ILE E 157 -10.11 27.36 50.32
N LYS E 158 -9.31 27.53 49.26
CA LYS E 158 -8.08 28.32 49.36
C LYS E 158 -8.33 29.81 49.42
N ALA E 159 -9.56 30.27 49.17
CA ALA E 159 -9.88 31.70 49.20
C ALA E 159 -10.92 32.03 50.28
N ALA E 160 -11.09 31.15 51.27
CA ALA E 160 -12.02 31.41 52.36
C ALA E 160 -11.56 30.72 53.64
N PRO E 196 -25.71 19.97 43.09
CA PRO E 196 -25.14 18.68 42.66
C PRO E 196 -25.60 18.32 41.27
N ILE E 197 -24.80 18.64 40.26
CA ILE E 197 -25.21 18.41 38.88
C ILE E 197 -24.88 17.00 38.43
N VAL E 198 -23.74 16.45 38.83
CA VAL E 198 -23.36 15.11 38.37
C VAL E 198 -24.18 14.04 39.06
N GLU E 199 -24.60 14.26 40.31
CA GLU E 199 -25.46 13.29 40.96
C GLU E 199 -26.86 13.31 40.35
N GLN E 200 -27.36 14.49 39.98
CA GLN E 200 -28.67 14.55 39.33
C GLN E 200 -28.61 14.08 37.89
N TYR E 201 -27.45 14.13 37.25
CA TYR E 201 -27.32 13.61 35.90
C TYR E 201 -27.15 12.09 35.91
N LEU E 202 -26.59 11.55 36.99
CA LEU E 202 -26.50 10.07 37.09
C LEU E 202 -27.91 9.56 37.41
N LYS E 203 -28.69 10.40 38.11
CA LYS E 203 -30.09 10.06 38.50
C LYS E 203 -30.96 9.97 37.24
N THR E 204 -30.68 10.80 36.24
CA THR E 204 -31.46 10.73 34.97
C THR E 204 -31.25 9.37 34.30
N LYS E 205 -30.04 8.82 34.37
CA LYS E 205 -29.72 7.50 33.75
C LYS E 205 -30.00 6.39 34.77
N ASN E 206 -31.19 6.38 35.37
CA ASN E 206 -31.56 5.37 36.34
C ASN E 206 -32.79 4.56 35.94
N ASN E 207 -33.58 5.07 35.00
CA ASN E 207 -34.77 4.37 34.52
C ASN E 207 -34.89 4.50 33.01
N SER E 208 -33.80 4.26 32.28
CA SER E 208 -33.80 4.45 30.84
C SER E 208 -33.75 3.14 30.05
N TYR E 209 -32.86 2.22 30.42
CA TYR E 209 -32.70 0.91 29.76
C TYR E 209 -32.40 1.05 28.28
N GLY E 210 -31.57 2.03 27.92
CA GLY E 210 -31.30 2.28 26.52
C GLY E 210 -29.94 1.79 26.07
N LEU E 211 -28.96 1.88 26.98
CA LEU E 211 -27.56 1.46 26.66
C LEU E 211 -27.32 0.01 27.09
N ILE E 212 -28.08 -0.49 28.08
CA ILE E 212 -27.91 -1.86 28.53
C ILE E 212 -28.49 -2.83 27.51
N ILE E 213 -29.51 -2.38 26.76
CA ILE E 213 -30.19 -3.24 25.75
C ILE E 213 -29.22 -3.54 24.59
N LYS E 214 -28.67 -2.50 23.98
CA LYS E 214 -27.74 -2.68 22.84
C LYS E 214 -26.51 -3.48 23.31
N TYR E 215 -26.00 -3.16 24.50
CA TYR E 215 -24.81 -3.88 25.03
C TYR E 215 -25.15 -5.37 25.20
N LEU E 216 -26.33 -5.67 25.76
CA LEU E 216 -26.75 -7.09 25.98
C LEU E 216 -26.90 -7.78 24.62
N ILE E 217 -27.46 -7.08 23.63
CA ILE E 217 -27.66 -7.66 22.27
C ILE E 217 -26.29 -8.00 21.67
N CYS E 218 -25.31 -7.12 21.86
CA CYS E 218 -23.93 -7.35 21.33
C CYS E 218 -23.31 -8.58 22.01
N ARG E 219 -23.56 -8.78 23.30
CA ARG E 219 -22.97 -9.90 24.03
C ARG E 219 -23.72 -11.20 23.77
N VAL E 220 -25.05 -11.15 23.66
CA VAL E 220 -25.82 -12.37 23.40
C VAL E 220 -25.61 -12.86 21.97
N VAL E 221 -25.48 -11.94 21.02
CA VAL E 221 -25.21 -12.35 19.63
C VAL E 221 -23.82 -12.98 19.53
N THR E 222 -22.83 -12.42 20.23
CA THR E 222 -21.50 -13.02 20.25
C THR E 222 -21.53 -14.40 20.88
N LEU E 223 -22.27 -14.56 21.98
CA LEU E 223 -22.32 -15.86 22.66
C LEU E 223 -23.03 -16.90 21.81
N ILE E 224 -24.11 -16.51 21.10
CA ILE E 224 -24.83 -17.46 20.27
C ILE E 224 -24.00 -17.90 19.08
N ILE E 225 -23.29 -16.98 18.43
CA ILE E 225 -22.47 -17.36 17.29
C ILE E 225 -21.30 -18.23 17.73
N VAL E 226 -20.71 -17.93 18.89
CA VAL E 226 -19.60 -18.73 19.38
C VAL E 226 -20.08 -20.13 19.78
N PHE E 227 -21.27 -20.23 20.36
CA PHE E 227 -21.77 -21.54 20.77
C PHE E 227 -22.19 -22.39 19.56
N THR E 228 -22.75 -21.76 18.52
CA THR E 228 -23.11 -22.52 17.33
C THR E 228 -21.88 -22.99 16.57
N ALA E 229 -20.85 -22.14 16.48
CA ALA E 229 -19.59 -22.58 15.87
C ALA E 229 -18.94 -23.68 16.69
N CYS E 230 -19.10 -23.65 18.02
CA CYS E 230 -18.55 -24.73 18.84
C CYS E 230 -19.31 -26.04 18.62
N ILE E 231 -20.63 -25.97 18.43
CA ILE E 231 -21.40 -27.17 18.11
C ILE E 231 -20.96 -27.75 16.77
N TYR E 232 -20.80 -26.89 15.76
CA TYR E 232 -20.40 -27.39 14.45
C TYR E 232 -19.00 -27.99 14.46
N LEU E 233 -18.06 -27.35 15.15
CA LEU E 233 -16.71 -27.88 15.21
C LEU E 233 -16.59 -29.09 16.13
N GLY E 234 -17.58 -29.33 16.99
CA GLY E 234 -17.59 -30.58 17.73
C GLY E 234 -18.16 -31.70 16.88
N TYR E 235 -19.19 -31.37 16.11
CA TYR E 235 -19.80 -32.38 15.23
C TYR E 235 -18.87 -32.79 14.11
N TYR E 236 -17.98 -31.89 13.68
CA TYR E 236 -17.03 -32.24 12.62
C TYR E 236 -16.01 -33.26 13.10
N ILE E 237 -15.53 -33.14 14.34
CA ILE E 237 -14.63 -34.16 14.87
C ILE E 237 -15.40 -35.43 15.20
N SER E 238 -16.66 -35.31 15.61
CA SER E 238 -17.45 -36.52 15.81
C SER E 238 -17.83 -37.21 14.51
N LEU E 239 -17.65 -36.55 13.36
CA LEU E 239 -17.98 -37.14 12.08
C LEU E 239 -16.75 -37.77 11.40
N PHE E 240 -15.74 -36.96 11.10
CA PHE E 240 -14.59 -37.41 10.34
C PHE E 240 -13.46 -37.88 11.26
N SER E 241 -13.80 -38.86 12.10
CA SER E 241 -12.82 -39.45 13.01
C SER E 241 -12.27 -40.76 12.50
N LEU E 242 -12.93 -41.41 11.56
CA LEU E 242 -12.47 -42.67 11.01
C LEU E 242 -13.02 -42.83 9.59
N THR E 243 -12.33 -43.67 8.81
CA THR E 243 -12.61 -44.00 7.40
C THR E 243 -13.04 -42.79 6.58
N ASP E 244 -12.11 -41.83 6.49
CA ASP E 244 -12.35 -40.61 5.72
C ASP E 244 -12.49 -40.87 4.23
N GLU E 245 -11.95 -41.97 3.72
CA GLU E 245 -12.16 -42.33 2.33
C GLU E 245 -13.56 -42.86 2.12
N PHE E 246 -13.99 -42.88 0.86
CA PHE E 246 -15.35 -43.34 0.55
C PHE E 246 -15.39 -43.90 -0.85
N THR E 247 -16.40 -44.71 -1.11
CA THR E 247 -16.65 -45.24 -2.43
C THR E 247 -17.62 -44.33 -3.18
N CYS E 248 -17.52 -44.35 -4.50
CA CYS E 248 -18.31 -43.45 -5.32
C CYS E 248 -18.68 -44.14 -6.63
N ASN E 249 -19.92 -43.96 -7.06
CA ASN E 249 -20.39 -44.50 -8.32
C ASN E 249 -20.31 -43.43 -9.39
N ILE E 250 -20.08 -43.88 -10.64
CA ILE E 250 -19.89 -42.98 -11.76
C ILE E 250 -21.08 -43.00 -12.71
N ARG E 251 -21.68 -44.17 -12.93
CA ARG E 251 -22.72 -44.32 -13.93
C ARG E 251 -24.04 -43.66 -13.52
N THR E 252 -24.21 -42.39 -13.86
CA THR E 252 -25.47 -41.68 -13.69
C THR E 252 -25.87 -41.09 -15.03
N GLY E 253 -26.94 -41.61 -15.62
CA GLY E 253 -27.44 -41.08 -16.87
C GLY E 253 -27.12 -41.94 -18.08
N ILE E 254 -26.37 -41.38 -19.03
CA ILE E 254 -26.08 -42.09 -20.27
C ILE E 254 -25.08 -43.22 -20.03
N LEU E 255 -24.22 -43.07 -19.05
CA LEU E 255 -23.15 -44.03 -18.79
C LEU E 255 -23.61 -45.27 -18.02
N ARG E 256 -24.92 -45.48 -17.90
CA ARG E 256 -25.46 -46.60 -17.13
C ARG E 256 -25.62 -47.88 -17.95
N ASN E 257 -24.94 -47.98 -19.08
CA ASN E 257 -25.07 -49.16 -19.93
C ASN E 257 -23.76 -49.86 -20.21
N ASP E 258 -22.68 -49.12 -20.41
CA ASP E 258 -21.42 -49.74 -20.78
C ASP E 258 -20.74 -50.36 -19.57
N THR E 259 -20.02 -51.46 -19.81
CA THR E 259 -19.31 -52.16 -18.76
C THR E 259 -17.84 -51.78 -18.70
N ALA E 260 -17.39 -50.85 -19.55
CA ALA E 260 -16.01 -50.40 -19.50
C ALA E 260 -15.74 -49.57 -18.26
N LEU E 261 -16.76 -48.89 -17.74
CA LEU E 261 -16.65 -48.09 -16.54
C LEU E 261 -16.78 -48.98 -15.31
N PRO E 262 -16.04 -48.70 -14.24
CA PRO E 262 -16.11 -49.55 -13.05
C PRO E 262 -17.38 -49.29 -12.28
N PRO E 263 -17.86 -50.27 -11.50
CA PRO E 263 -19.08 -50.04 -10.73
C PRO E 263 -18.88 -49.08 -9.56
N LEU E 264 -17.73 -49.15 -8.89
CA LEU E 264 -17.45 -48.27 -7.76
C LEU E 264 -15.96 -47.94 -7.74
N VAL E 265 -15.65 -46.66 -7.58
CA VAL E 265 -14.26 -46.22 -7.43
C VAL E 265 -14.02 -45.87 -5.97
N GLN E 266 -12.79 -46.11 -5.53
CA GLN E 266 -12.36 -45.76 -4.18
C GLN E 266 -11.69 -44.40 -4.22
N CYS E 267 -12.15 -43.47 -3.38
CA CYS E 267 -11.69 -42.11 -3.52
C CYS E 267 -11.45 -41.55 -2.12
N LYS E 268 -10.43 -40.70 -2.01
CA LYS E 268 -9.93 -40.25 -0.72
C LYS E 268 -10.05 -38.73 -0.60
N LEU E 269 -10.54 -38.27 0.53
CA LEU E 269 -10.53 -36.85 0.87
C LEU E 269 -9.18 -36.52 1.49
N ILE E 270 -8.48 -35.54 0.92
CA ILE E 270 -7.05 -35.39 1.20
C ILE E 270 -6.73 -34.24 2.13
N ALA E 271 -7.70 -33.40 2.46
CA ALA E 271 -7.46 -32.27 3.37
C ALA E 271 -8.11 -32.46 4.72
N VAL E 272 -8.63 -33.65 5.01
CA VAL E 272 -9.31 -33.88 6.29
C VAL E 272 -8.33 -34.11 7.42
N GLY E 273 -7.04 -34.29 7.11
CA GLY E 273 -6.05 -34.48 8.15
C GLY E 273 -5.71 -33.19 8.86
N VAL E 274 -5.63 -32.09 8.11
CA VAL E 274 -5.33 -30.80 8.71
C VAL E 274 -6.58 -30.09 9.23
N PHE E 275 -7.76 -30.49 8.75
CA PHE E 275 -8.98 -29.87 9.24
C PHE E 275 -9.30 -30.32 10.66
N ARG E 276 -8.85 -31.50 11.07
CA ARG E 276 -9.06 -31.89 12.46
C ARG E 276 -8.16 -31.10 13.40
N LEU E 277 -6.96 -30.74 12.96
CA LEU E 277 -6.12 -29.85 13.75
C LEU E 277 -6.73 -28.45 13.83
N LEU E 278 -7.14 -27.90 12.68
CA LEU E 278 -7.76 -26.59 12.66
C LEU E 278 -9.13 -26.57 13.33
N SER E 279 -9.72 -27.72 13.58
CA SER E 279 -10.95 -27.78 14.36
C SER E 279 -10.71 -27.98 15.84
N TYR E 280 -9.66 -28.71 16.22
CA TYR E 280 -9.36 -28.84 17.65
C TYR E 280 -8.86 -27.53 18.22
N ILE E 281 -8.05 -26.78 17.47
CA ILE E 281 -7.60 -25.47 17.96
C ILE E 281 -8.77 -24.52 18.12
N ASN E 282 -9.62 -24.43 17.09
CA ASN E 282 -10.76 -23.54 17.08
C ASN E 282 -11.89 -24.01 17.99
N LEU E 283 -11.82 -25.23 18.51
CA LEU E 283 -12.76 -25.66 19.54
C LEU E 283 -12.22 -25.37 20.93
N ILE E 284 -10.93 -25.59 21.16
CA ILE E 284 -10.37 -25.36 22.49
C ILE E 284 -10.38 -23.87 22.83
N ILE E 285 -9.99 -23.02 21.87
CA ILE E 285 -9.99 -21.58 22.15
C ILE E 285 -11.41 -21.06 22.31
N TYR E 286 -12.35 -21.57 21.52
CA TYR E 286 -13.74 -21.11 21.65
C TYR E 286 -14.40 -21.62 22.92
N VAL E 287 -13.93 -22.72 23.49
CA VAL E 287 -14.43 -23.08 24.81
C VAL E 287 -13.81 -22.21 25.88
N LEU E 288 -12.53 -21.85 25.73
CA LEU E 288 -11.91 -20.97 26.71
C LEU E 288 -12.41 -19.54 26.65
N ILE E 289 -13.00 -19.11 25.54
CA ILE E 289 -13.54 -17.74 25.44
C ILE E 289 -14.82 -17.59 26.25
N MET E 290 -15.76 -18.51 26.07
CA MET E 290 -17.15 -18.41 26.55
C MET E 290 -17.38 -18.08 28.03
N PRO E 291 -16.53 -18.51 28.98
CA PRO E 291 -16.69 -17.99 30.34
C PRO E 291 -16.53 -16.48 30.45
N PHE E 292 -15.69 -15.88 29.62
CA PHE E 292 -15.55 -14.42 29.69
C PHE E 292 -16.76 -13.71 29.10
N ILE E 293 -17.42 -14.29 28.10
CA ILE E 293 -18.65 -13.68 27.61
C ILE E 293 -19.78 -13.82 28.62
N ILE E 294 -19.85 -14.98 29.30
CA ILE E 294 -20.86 -15.16 30.34
C ILE E 294 -20.60 -14.22 31.50
N TYR E 295 -19.32 -13.98 31.82
CA TYR E 295 -18.99 -13.05 32.90
C TYR E 295 -19.27 -11.61 32.51
N ALA E 296 -19.04 -11.25 31.24
CA ALA E 296 -19.32 -9.90 30.79
C ALA E 296 -20.80 -9.61 30.69
N MET E 297 -21.64 -10.63 30.50
CA MET E 297 -23.08 -10.39 30.49
C MET E 297 -23.63 -10.10 31.88
N LEU E 298 -22.89 -10.42 32.95
CA LEU E 298 -23.33 -10.13 34.31
C LEU E 298 -22.83 -8.74 34.68
N VAL E 299 -23.61 -7.73 34.34
CA VAL E 299 -23.22 -6.34 34.56
C VAL E 299 -23.28 -5.94 36.04
N PRO E 300 -24.40 -6.07 36.77
CA PRO E 300 -24.41 -5.52 38.13
C PRO E 300 -23.69 -6.37 39.15
N PHE E 301 -23.23 -7.56 38.79
CA PHE E 301 -22.48 -8.41 39.70
C PHE E 301 -20.97 -8.27 39.54
N ARG E 302 -20.52 -7.21 38.87
CA ARG E 302 -19.10 -6.91 38.79
C ARG E 302 -18.71 -6.01 39.95
N LYS E 303 -17.47 -5.54 39.94
CA LYS E 303 -16.93 -4.71 41.01
C LYS E 303 -17.17 -3.25 40.64
N THR E 304 -18.14 -2.61 41.32
CA THR E 304 -18.60 -1.28 40.97
C THR E 304 -18.53 -0.35 42.18
N ALA E 305 -18.83 0.93 41.92
CA ALA E 305 -19.05 1.97 42.94
C ALA E 305 -17.82 2.18 43.81
N ASN E 306 -16.66 2.35 43.18
CA ASN E 306 -15.43 2.71 43.88
C ASN E 306 -15.01 4.15 43.67
N VAL E 307 -15.67 4.88 42.76
CA VAL E 307 -15.20 6.14 42.23
C VAL E 307 -15.92 7.33 42.88
N LEU E 308 -17.19 7.17 43.25
CA LEU E 308 -17.86 8.27 43.95
C LEU E 308 -17.46 8.33 45.42
N LYS E 309 -17.06 7.18 46.01
CA LYS E 309 -16.59 7.19 47.40
C LYS E 309 -15.30 7.95 47.56
N VAL E 310 -14.53 8.11 46.48
CA VAL E 310 -13.37 8.98 46.51
C VAL E 310 -13.83 10.44 46.50
N TYR E 311 -14.88 10.75 45.74
CA TYR E 311 -15.30 12.12 45.55
C TYR E 311 -16.22 12.64 46.65
N GLU E 312 -16.65 11.80 47.59
CA GLU E 312 -17.44 12.33 48.71
C GLU E 312 -16.64 13.14 49.72
N VAL E 313 -15.32 13.29 49.51
CA VAL E 313 -14.52 14.15 50.38
C VAL E 313 -14.94 15.60 50.20
N LEU E 314 -15.27 15.99 48.98
CA LEU E 314 -15.73 17.34 48.72
C LEU E 314 -17.12 17.56 49.31
N PRO E 315 -17.35 18.71 49.97
CA PRO E 315 -18.69 18.96 50.54
C PRO E 315 -19.76 19.22 49.51
N THR E 316 -19.42 19.58 48.28
CA THR E 316 -20.39 19.78 47.22
C THR E 316 -20.58 18.55 46.35
N PHE E 317 -20.11 17.39 46.81
CA PHE E 317 -20.24 16.10 46.14
C PHE E 317 -19.69 16.08 44.71
N SER E 324 -26.81 -0.83 43.76
CA SER E 324 -26.52 -1.08 42.35
C SER E 324 -26.60 -2.56 42.04
N LYS E 325 -27.82 -3.07 41.87
CA LYS E 325 -28.05 -4.47 41.58
C LYS E 325 -28.97 -4.70 40.39
N THR E 326 -29.72 -3.70 39.95
CA THR E 326 -30.63 -3.87 38.82
C THR E 326 -29.93 -3.49 37.51
N TYR E 327 -30.60 -3.81 36.41
CA TYR E 327 -29.98 -3.83 35.09
C TYR E 327 -30.27 -2.57 34.28
N ASP E 328 -30.49 -1.43 34.90
CA ASP E 328 -30.58 -0.22 34.11
C ASP E 328 -29.18 0.27 33.76
N ASP E 329 -29.08 1.24 32.86
CA ASP E 329 -27.79 1.61 32.32
C ASP E 329 -27.01 2.58 33.20
N HIS E 330 -27.49 2.85 34.41
CA HIS E 330 -26.64 3.51 35.39
C HIS E 330 -25.50 2.61 35.80
N SER E 331 -25.76 1.30 35.94
CA SER E 331 -24.71 0.34 36.24
C SER E 331 -23.69 0.26 35.12
N LEU E 332 -24.17 0.19 33.87
CA LEU E 332 -23.25 0.12 32.73
C LEU E 332 -22.47 1.41 32.58
N PHE E 333 -23.09 2.56 32.84
CA PHE E 333 -22.34 3.80 32.75
C PHE E 333 -21.32 3.91 33.87
N LEU E 334 -21.61 3.34 35.05
CA LEU E 334 -20.61 3.33 36.10
C LEU E 334 -19.45 2.41 35.76
N LEU E 335 -19.72 1.30 35.06
CA LEU E 335 -18.63 0.45 34.59
C LEU E 335 -17.75 1.19 33.59
N PHE E 336 -18.38 1.89 32.65
CA PHE E 336 -17.62 2.64 31.65
C PHE E 336 -16.94 3.86 32.24
N LEU E 337 -17.36 4.31 33.42
CA LEU E 337 -16.72 5.43 34.10
C LEU E 337 -15.55 4.99 34.96
N GLU E 338 -15.69 3.87 35.68
CA GLU E 338 -14.53 3.33 36.40
C GLU E 338 -13.51 2.74 35.46
N GLU E 339 -13.87 2.45 34.21
CA GLU E 339 -12.89 1.87 33.30
C GLU E 339 -11.89 2.90 32.83
N ASN E 340 -12.26 4.18 32.74
CA ASN E 340 -11.29 5.24 32.45
C ASN E 340 -11.45 6.39 33.43
N VAL E 341 -10.84 6.24 34.60
CA VAL E 341 -10.56 7.35 35.49
C VAL E 341 -9.10 7.80 35.35
N SER E 342 -8.44 7.39 34.26
CA SER E 342 -7.11 7.89 33.97
C SER E 342 -7.16 9.33 33.48
N GLU E 343 -8.23 9.69 32.78
CA GLU E 343 -8.35 11.04 32.25
C GLU E 343 -8.72 12.06 33.32
N LEU E 344 -9.27 11.62 34.44
CA LEU E 344 -9.59 12.52 35.54
C LEU E 344 -8.31 12.83 36.30
N LYS E 345 -7.83 14.07 36.18
CA LYS E 345 -6.63 14.46 36.90
C LYS E 345 -6.90 14.70 38.39
N SER E 346 -8.13 15.03 38.75
CA SER E 346 -8.49 15.24 40.15
C SER E 346 -8.55 13.93 40.94
N TYR E 347 -8.68 12.80 40.24
CA TYR E 347 -8.87 11.53 40.92
C TYR E 347 -7.64 11.13 41.72
N LYS E 348 -6.44 11.43 41.22
CA LYS E 348 -5.23 11.06 41.95
C LYS E 348 -5.10 11.87 43.24
N PHE E 349 -5.37 13.18 43.16
CA PHE E 349 -5.31 14.02 44.35
C PHE E 349 -6.34 13.58 45.38
N LEU E 350 -7.55 13.26 44.94
CA LEU E 350 -8.56 12.86 45.90
C LEU E 350 -8.29 11.46 46.46
N LYS E 351 -7.62 10.60 45.70
CA LYS E 351 -7.23 9.30 46.23
C LYS E 351 -6.12 9.45 47.28
N VAL E 352 -5.20 10.38 47.05
CA VAL E 352 -4.16 10.67 48.03
C VAL E 352 -4.79 11.20 49.33
N LEU E 353 -5.70 12.17 49.19
CA LEU E 353 -6.36 12.73 50.38
C LEU E 353 -7.30 11.73 51.06
N GLU E 354 -7.77 10.73 50.32
CA GLU E 354 -8.47 9.62 50.97
C GLU E 354 -7.50 8.75 51.76
N ASN E 355 -6.31 8.51 51.21
CA ASN E 355 -5.32 7.69 51.92
C ASN E 355 -4.80 8.38 53.17
N ILE E 356 -4.79 9.72 53.19
CA ILE E 356 -4.47 10.43 54.42
C ILE E 356 -5.60 10.25 55.44
N LYS E 357 -6.85 10.22 54.96
CA LYS E 357 -8.02 10.13 55.83
C LYS E 357 -8.32 8.72 56.30
N ASN E 358 -7.40 7.78 56.15
CA ASN E 358 -7.63 6.42 56.64
C ASN E 358 -6.53 6.02 57.63
N TYR F 25 -17.76 20.51 15.80
CA TYR F 25 -18.62 19.60 15.05
C TYR F 25 -17.82 18.73 14.11
N LYS F 26 -16.88 17.97 14.67
CA LYS F 26 -16.10 17.05 13.85
C LYS F 26 -16.91 15.80 13.54
N GLY F 27 -17.55 15.22 14.54
CA GLY F 27 -18.27 13.98 14.37
C GLY F 27 -19.75 14.13 14.07
N LEU F 28 -20.08 14.83 12.99
CA LEU F 28 -21.46 14.98 12.56
C LEU F 28 -21.79 13.80 11.65
N ARG F 29 -22.89 13.09 11.96
CA ARG F 29 -23.08 11.77 11.39
C ARG F 29 -23.63 11.80 9.97
N LEU F 30 -24.74 12.53 9.77
CA LEU F 30 -25.42 12.67 8.47
C LEU F 30 -25.96 11.38 7.87
N GLU F 31 -25.97 10.28 8.63
CA GLU F 31 -26.56 9.02 8.21
C GLU F 31 -27.17 8.35 9.44
N LEU F 32 -28.39 7.84 9.28
CA LEU F 32 -29.10 7.12 10.37
C LEU F 32 -28.33 5.82 10.64
N ALA F 33 -28.21 5.42 11.91
CA ALA F 33 -27.42 4.22 12.25
C ALA F 33 -28.00 2.98 11.54
N VAL F 34 -29.33 2.83 11.55
CA VAL F 34 -30.00 1.67 10.88
C VAL F 34 -29.61 1.66 9.40
N ASP F 35 -29.72 2.80 8.73
CA ASP F 35 -29.42 2.93 7.28
C ASP F 35 -27.95 2.57 7.03
N LYS F 36 -27.05 3.05 7.89
CA LYS F 36 -25.59 2.78 7.73
C LYS F 36 -25.35 1.27 7.87
N LEU F 37 -25.99 0.63 8.85
CA LEU F 37 -25.81 -0.84 9.07
C LEU F 37 -26.36 -1.61 7.86
N VAL F 38 -27.55 -1.23 7.39
CA VAL F 38 -28.23 -1.93 6.25
C VAL F 38 -27.35 -1.89 5.00
N SER F 39 -26.87 -0.70 4.63
CA SER F 39 -26.02 -0.52 3.42
C SER F 39 -24.79 -1.42 3.48
N CYS F 40 -24.10 -1.47 4.62
CA CYS F 40 -22.86 -2.28 4.76
C CYS F 40 -23.19 -3.76 4.56
N ILE F 41 -24.28 -4.23 5.18
CA ILE F 41 -24.70 -5.66 5.06
C ILE F 41 -25.02 -5.93 3.59
N ALA F 42 -25.87 -5.10 2.98
CA ALA F 42 -26.31 -5.29 1.59
C ALA F 42 -25.20 -5.13 0.54
N VAL F 43 -24.07 -4.52 0.92
CA VAL F 43 -22.98 -4.35 -0.03
C VAL F 43 -21.82 -5.28 0.28
N GLY F 44 -21.40 -5.36 1.54
CA GLY F 44 -20.28 -6.20 1.89
C GLY F 44 -20.57 -7.67 1.95
N LEU F 45 -21.83 -8.09 1.85
CA LEU F 45 -22.09 -9.52 1.83
C LEU F 45 -21.89 -10.15 0.44
N PRO F 46 -22.43 -9.60 -0.67
CA PRO F 46 -22.11 -10.18 -1.97
C PRO F 46 -20.66 -10.04 -2.37
N LEU F 47 -19.93 -9.06 -1.85
CA LEU F 47 -18.52 -8.94 -2.18
C LEU F 47 -17.71 -10.11 -1.60
N LEU F 48 -17.95 -10.47 -0.34
CA LEU F 48 -17.25 -11.62 0.20
C LEU F 48 -17.76 -12.92 -0.39
N LEU F 49 -19.04 -12.98 -0.75
CA LEU F 49 -19.55 -14.20 -1.38
C LEU F 49 -18.93 -14.44 -2.75
N ILE F 50 -18.79 -13.40 -3.57
CA ILE F 50 -18.14 -13.62 -4.85
C ILE F 50 -16.63 -13.68 -4.73
N SER F 51 -16.04 -13.15 -3.66
CA SER F 51 -14.62 -13.39 -3.43
C SER F 51 -14.37 -14.85 -3.14
N LEU F 52 -15.23 -15.46 -2.34
CA LEU F 52 -15.16 -16.91 -2.11
C LEU F 52 -15.39 -17.69 -3.39
N ALA F 53 -16.38 -17.27 -4.19
CA ALA F 53 -16.68 -17.99 -5.43
C ALA F 53 -15.52 -17.90 -6.42
N PHE F 54 -14.88 -16.73 -6.53
CA PHE F 54 -13.75 -16.58 -7.44
C PHE F 54 -12.53 -17.33 -6.95
N ALA F 55 -12.28 -17.35 -5.64
CA ALA F 55 -11.17 -18.16 -5.13
C ALA F 55 -11.41 -19.64 -5.38
N GLN F 56 -12.65 -20.10 -5.20
CA GLN F 56 -12.99 -21.49 -5.53
C GLN F 56 -12.82 -21.77 -7.03
N GLU F 57 -13.14 -20.80 -7.88
CA GLU F 57 -13.03 -21.02 -9.32
C GLU F 57 -11.58 -21.04 -9.79
N ILE F 58 -10.69 -20.32 -9.12
CA ILE F 58 -9.26 -20.42 -9.44
C ILE F 58 -8.59 -21.63 -8.79
N THR F 59 -9.15 -22.18 -7.70
CA THR F 59 -8.61 -23.47 -7.26
C THR F 59 -9.08 -24.61 -8.16
N LEU F 60 -10.37 -24.69 -8.45
CA LEU F 60 -10.88 -25.81 -9.24
C LEU F 60 -10.56 -25.67 -10.73
N GLY F 61 -10.20 -24.48 -11.18
CA GLY F 61 -9.78 -24.28 -12.56
C GLY F 61 -10.93 -24.07 -13.54
N SER F 62 -11.79 -25.08 -13.68
CA SER F 62 -12.89 -25.04 -14.62
C SER F 62 -14.22 -25.12 -13.90
N GLN F 63 -15.31 -24.88 -14.63
CA GLN F 63 -16.67 -24.91 -14.02
C GLN F 63 -17.52 -26.04 -14.60
N ILE F 64 -16.94 -26.85 -15.50
CA ILE F 64 -17.69 -27.96 -16.08
C ILE F 64 -16.74 -29.14 -16.25
N SER F 65 -17.31 -30.34 -16.33
CA SER F 65 -16.50 -31.53 -16.58
C SER F 65 -17.33 -32.49 -17.42
N CYS F 66 -16.91 -32.72 -18.65
CA CYS F 66 -17.61 -33.63 -19.55
C CYS F 66 -16.87 -34.96 -19.63
N PHE F 67 -17.59 -35.99 -20.05
CA PHE F 67 -17.03 -37.34 -20.19
C PHE F 67 -16.76 -37.59 -21.67
N ALA F 68 -15.59 -37.18 -22.12
CA ALA F 68 -15.20 -37.40 -23.50
C ALA F 68 -14.85 -38.88 -23.71
N PRO F 69 -15.06 -39.41 -24.91
CA PRO F 69 -14.71 -40.80 -25.19
C PRO F 69 -13.20 -41.03 -25.17
N THR F 70 -12.84 -42.31 -25.15
CA THR F 70 -11.46 -42.73 -24.89
C THR F 70 -10.51 -42.38 -26.03
N SER F 71 -11.01 -42.29 -27.25
CA SER F 71 -10.17 -42.04 -28.41
C SER F 71 -9.92 -40.55 -28.66
N PHE F 72 -10.17 -39.71 -27.66
CA PHE F 72 -9.98 -38.28 -27.78
C PHE F 72 -8.66 -37.87 -27.15
N SER F 73 -7.90 -37.05 -27.87
CA SER F 73 -6.72 -36.42 -27.27
C SER F 73 -7.15 -35.35 -26.28
N TRP F 74 -6.15 -34.71 -25.66
CA TRP F 74 -6.46 -33.66 -24.68
C TRP F 74 -7.20 -32.50 -25.33
N ARG F 75 -6.77 -32.07 -26.52
CA ARG F 75 -7.33 -30.87 -27.10
C ARG F 75 -8.77 -31.08 -27.57
N GLN F 76 -9.08 -32.26 -28.08
CA GLN F 76 -10.46 -32.56 -28.47
C GLN F 76 -11.38 -32.62 -27.26
N ALA F 77 -10.91 -33.22 -26.16
CA ALA F 77 -11.72 -33.25 -24.95
C ALA F 77 -11.89 -31.86 -24.34
N ALA F 78 -10.84 -31.02 -24.45
CA ALA F 78 -10.96 -29.63 -24.01
C ALA F 78 -11.96 -28.87 -24.86
N TYR F 79 -11.98 -29.16 -26.17
CA TYR F 79 -13.00 -28.60 -27.04
C TYR F 79 -14.39 -29.04 -26.63
N VAL F 80 -14.54 -30.31 -26.25
CA VAL F 80 -15.85 -30.81 -25.84
C VAL F 80 -16.31 -30.12 -24.56
N ASP F 81 -15.38 -29.97 -23.61
CA ASP F 81 -15.67 -29.29 -22.35
C ASP F 81 -16.02 -27.80 -22.49
N SER F 82 -15.29 -27.07 -23.35
CA SER F 82 -15.57 -25.66 -23.56
C SER F 82 -16.73 -25.43 -24.53
N PHE F 83 -17.06 -26.44 -25.34
CA PHE F 83 -18.22 -26.33 -26.22
C PHE F 83 -19.51 -26.57 -25.45
N CYS F 84 -19.56 -27.61 -24.63
CA CYS F 84 -20.75 -27.86 -23.83
C CYS F 84 -20.89 -26.86 -22.69
N TRP F 85 -19.83 -26.11 -22.38
CA TRP F 85 -19.96 -25.06 -21.38
C TRP F 85 -20.54 -23.79 -21.97
N ALA F 86 -20.09 -23.38 -23.16
CA ALA F 86 -20.56 -22.16 -23.80
C ALA F 86 -21.82 -22.37 -24.64
N ALA F 87 -22.50 -23.50 -24.48
CA ALA F 87 -23.75 -23.74 -25.18
C ALA F 87 -24.96 -23.74 -24.25
N LEU F 103 -28.73 -23.76 -16.97
CA LEU F 103 -28.90 -22.70 -17.90
C LEU F 103 -27.99 -21.48 -17.80
N TRP F 104 -28.46 -20.36 -18.36
CA TRP F 104 -27.65 -19.11 -18.34
C TRP F 104 -27.57 -18.53 -16.92
N LEU F 105 -28.52 -18.90 -16.06
CA LEU F 105 -28.55 -18.41 -14.65
C LEU F 105 -27.25 -18.84 -13.95
N HIS F 106 -26.93 -20.14 -14.01
CA HIS F 106 -25.73 -20.67 -13.38
C HIS F 106 -24.38 -20.12 -13.81
N LYS F 107 -24.23 -19.87 -15.11
CA LYS F 107 -22.97 -19.35 -15.65
C LYS F 107 -22.75 -17.87 -15.34
N PHE F 108 -23.85 -17.14 -15.14
CA PHE F 108 -23.77 -15.71 -14.84
C PHE F 108 -24.04 -15.40 -13.38
N PHE F 109 -23.62 -16.27 -12.47
CA PHE F 109 -23.87 -16.03 -11.06
C PHE F 109 -22.97 -14.96 -10.45
N PRO F 110 -21.63 -15.03 -10.54
CA PRO F 110 -20.82 -13.99 -9.87
C PRO F 110 -20.92 -12.63 -10.51
N TYR F 111 -21.16 -12.54 -11.82
CA TYR F 111 -21.35 -11.25 -12.45
C TYR F 111 -22.64 -10.58 -11.97
N ILE F 112 -23.69 -11.37 -11.78
CA ILE F 112 -24.95 -10.82 -11.29
C ILE F 112 -24.82 -10.37 -9.84
N LEU F 113 -24.11 -11.16 -9.02
CA LEU F 113 -23.95 -10.74 -7.62
C LEU F 113 -23.04 -9.52 -7.48
N LEU F 114 -22.02 -9.39 -8.32
CA LEU F 114 -21.22 -8.17 -8.26
C LEU F 114 -21.98 -6.97 -8.80
N LEU F 115 -22.86 -7.18 -9.79
CA LEU F 115 -23.71 -6.10 -10.26
C LEU F 115 -24.67 -5.64 -9.17
N VAL F 116 -25.18 -6.58 -8.37
CA VAL F 116 -26.06 -6.21 -7.26
C VAL F 116 -25.28 -5.46 -6.18
N ALA F 117 -24.04 -5.86 -5.91
CA ALA F 117 -23.24 -5.14 -4.92
C ALA F 117 -22.92 -3.72 -5.37
N VAL F 118 -22.61 -3.53 -6.65
CA VAL F 118 -22.30 -2.19 -7.14
C VAL F 118 -23.56 -1.32 -7.18
N LEU F 119 -24.69 -1.89 -7.62
CA LEU F 119 -25.93 -1.13 -7.65
C LEU F 119 -26.45 -0.81 -6.26
N LEU F 120 -26.06 -1.58 -5.23
CA LEU F 120 -26.42 -1.21 -3.87
C LEU F 120 -25.43 -0.24 -3.24
N TYR F 121 -24.20 -0.18 -3.71
CA TYR F 121 -23.32 0.90 -3.29
C TYR F 121 -23.69 2.23 -3.93
N LEU F 122 -24.38 2.21 -5.07
CA LEU F 122 -24.74 3.45 -5.74
C LEU F 122 -25.63 4.43 -4.95
N PRO F 123 -26.65 4.01 -4.18
CA PRO F 123 -27.49 5.03 -3.53
C PRO F 123 -26.81 5.85 -2.45
N ASN F 124 -25.88 5.29 -1.68
CA ASN F 124 -25.24 6.15 -0.70
C ASN F 124 -24.23 7.09 -1.34
N LEU F 125 -23.72 6.73 -2.52
CA LEU F 125 -22.95 7.69 -3.31
C LEU F 125 -23.83 8.83 -3.79
N PHE F 126 -25.05 8.52 -4.23
CA PHE F 126 -25.99 9.56 -4.64
C PHE F 126 -26.34 10.47 -3.48
N TRP F 127 -26.58 9.91 -2.30
CA TRP F 127 -26.91 10.71 -1.13
C TRP F 127 -25.71 11.54 -0.66
N ARG F 128 -24.50 10.99 -0.78
CA ARG F 128 -23.33 11.71 -0.32
C ARG F 128 -23.00 12.88 -1.23
N PHE F 129 -23.16 12.70 -2.54
CA PHE F 129 -22.83 13.79 -3.45
C PHE F 129 -23.94 14.82 -3.54
N THR F 130 -25.20 14.43 -3.40
CA THR F 130 -26.28 15.36 -3.73
C THR F 130 -26.87 16.05 -2.50
N ALA F 131 -27.17 15.33 -1.43
CA ALA F 131 -27.89 15.90 -0.31
C ALA F 131 -27.13 15.92 1.01
N ALA F 132 -25.96 15.35 1.09
CA ALA F 132 -25.21 15.35 2.34
C ALA F 132 -24.51 16.67 2.66
N PRO F 133 -23.93 17.43 1.72
CA PRO F 133 -23.39 18.73 2.10
C PRO F 133 -24.42 19.83 2.30
N HIS F 134 -25.64 19.68 1.78
CA HIS F 134 -26.69 20.65 2.04
C HIS F 134 -27.35 20.44 3.39
N LEU F 135 -27.04 19.33 4.06
CA LEU F 135 -27.60 19.01 5.36
C LEU F 135 -26.63 19.29 6.50
N SER F 136 -25.32 19.16 6.23
CA SER F 136 -24.32 19.41 7.25
C SER F 136 -24.32 20.87 7.67
N SER F 137 -24.49 21.78 6.71
CA SER F 137 -24.53 23.19 7.06
C SER F 137 -25.79 23.55 7.84
N ASP F 138 -26.91 22.92 7.53
CA ASP F 138 -28.14 23.19 8.27
C ASP F 138 -28.06 22.67 9.69
N LEU F 139 -27.48 21.48 9.86
CA LEU F 139 -27.30 20.95 11.20
C LEU F 139 -26.34 21.81 12.01
N LYS F 140 -25.26 22.27 11.40
CA LYS F 140 -24.33 23.12 12.11
C LYS F 140 -24.93 24.48 12.46
N PHE F 141 -25.78 25.02 11.58
CA PHE F 141 -26.45 26.28 11.88
C PHE F 141 -27.42 26.14 13.05
N VAL F 142 -28.25 25.09 13.04
CA VAL F 142 -29.24 24.94 14.11
C VAL F 142 -28.55 24.62 15.43
N MET F 143 -27.47 23.84 15.40
CA MET F 143 -26.76 23.54 16.64
C MET F 143 -26.08 24.77 17.22
N GLU F 144 -25.44 25.58 16.36
CA GLU F 144 -24.80 26.79 16.87
C GLU F 144 -25.83 27.80 17.36
N GLU F 145 -26.97 27.87 16.69
CA GLU F 145 -28.05 28.77 17.11
C GLU F 145 -28.61 28.38 18.47
N LEU F 146 -28.77 27.08 18.71
CA LEU F 146 -29.29 26.61 20.00
C LEU F 146 -28.29 26.85 21.12
N ASP F 147 -27.00 26.61 20.87
CA ASP F 147 -25.99 26.89 21.87
C ASP F 147 -25.93 28.38 22.21
N LYS F 148 -26.00 29.24 21.20
CA LYS F 148 -25.93 30.68 21.47
C LYS F 148 -27.17 31.17 22.18
N CYS F 149 -28.35 30.61 21.88
CA CYS F 149 -29.55 31.02 22.61
C CYS F 149 -29.48 30.59 24.07
N TYR F 150 -28.95 29.39 24.34
CA TYR F 150 -28.79 28.96 25.72
C TYR F 150 -27.82 29.86 26.47
N ASN F 151 -26.69 30.22 25.85
CA ASN F 151 -25.72 31.07 26.54
C ASN F 151 -26.25 32.48 26.76
N ARG F 152 -27.00 33.03 25.80
CA ARG F 152 -27.60 34.33 26.01
C ARG F 152 -28.65 34.30 27.11
N ASP F 153 -29.41 33.21 27.22
CA ASP F 153 -30.39 33.13 28.29
C ASP F 153 -29.72 32.96 29.66
N ILE F 154 -28.61 32.23 29.72
CA ILE F 154 -27.90 32.10 31.00
C ILE F 154 -27.26 33.42 31.40
N LYS F 155 -26.68 34.15 30.43
CA LYS F 155 -26.13 35.47 30.75
C LYS F 155 -27.21 36.49 31.07
N ASP F 156 -28.44 36.29 30.60
CA ASP F 156 -29.53 37.20 30.95
C ASP F 156 -30.18 36.84 32.28
N ILE F 157 -30.11 35.59 32.71
CA ILE F 157 -30.66 35.23 34.02
C ILE F 157 -29.68 35.59 35.13
N LYS F 158 -28.39 35.26 34.94
CA LYS F 158 -27.40 35.46 35.98
C LYS F 158 -26.99 36.93 36.15
N ALA F 159 -27.41 37.81 35.26
CA ALA F 159 -27.07 39.23 35.35
C ALA F 159 -28.30 40.11 35.51
N ALA F 160 -29.43 39.54 35.93
CA ALA F 160 -30.64 40.31 36.15
C ALA F 160 -31.49 39.69 37.23
N PRO F 196 -37.31 34.52 18.08
CA PRO F 196 -37.18 33.08 17.90
C PRO F 196 -36.66 32.75 16.51
N ILE F 197 -35.36 32.55 16.38
CA ILE F 197 -34.76 32.34 15.07
C ILE F 197 -34.81 30.86 14.67
N VAL F 198 -34.59 29.95 15.62
CA VAL F 198 -34.57 28.53 15.27
C VAL F 198 -35.97 28.01 15.02
N GLU F 199 -36.99 28.56 15.68
CA GLU F 199 -38.35 28.14 15.38
C GLU F 199 -38.79 28.65 14.02
N GLN F 200 -38.39 29.87 13.65
CA GLN F 200 -38.72 30.38 12.33
C GLN F 200 -37.90 29.74 11.22
N TYR F 201 -36.72 29.21 11.55
CA TYR F 201 -35.93 28.49 10.56
C TYR F 201 -36.42 27.07 10.38
N LEU F 202 -37.04 26.51 11.42
CA LEU F 202 -37.63 25.15 11.25
C LEU F 202 -38.92 25.33 10.45
N LYS F 203 -39.55 26.50 10.60
CA LYS F 203 -40.81 26.84 9.89
C LYS F 203 -40.54 26.95 8.38
N THR F 204 -39.34 27.43 8.01
CA THR F 204 -38.99 27.54 6.56
C THR F 204 -38.95 26.13 5.95
N LYS F 205 -38.46 25.14 6.70
CA LYS F 205 -38.37 23.74 6.20
C LYS F 205 -39.67 22.99 6.53
N ASN F 206 -40.82 23.57 6.16
CA ASN F 206 -42.11 22.96 6.42
C ASN F 206 -42.90 22.70 5.15
N ASN F 207 -42.56 23.36 4.04
CA ASN F 207 -43.25 23.15 2.78
C ASN F 207 -42.23 23.12 1.63
N SER F 208 -41.16 22.34 1.78
CA SER F 208 -40.11 22.32 0.77
C SER F 208 -40.06 21.02 -0.02
N TYR F 209 -40.13 19.86 0.66
CA TYR F 209 -40.11 18.53 0.03
C TYR F 209 -38.85 18.32 -0.82
N GLY F 210 -37.71 18.80 -0.32
CA GLY F 210 -36.49 18.71 -1.10
C GLY F 210 -35.54 17.64 -0.63
N LEU F 211 -35.51 17.43 0.69
CA LEU F 211 -34.59 16.43 1.31
C LEU F 211 -35.32 15.09 1.50
N ILE F 212 -36.65 15.10 1.61
CA ILE F 212 -37.39 13.86 1.77
C ILE F 212 -37.44 13.09 0.45
N ILE F 213 -37.39 13.81 -0.67
CA ILE F 213 -37.46 13.20 -2.02
C ILE F 213 -36.20 12.37 -2.28
N LYS F 214 -35.01 12.98 -2.14
CA LYS F 214 -33.74 12.26 -2.38
C LYS F 214 -33.62 11.10 -1.39
N TYR F 215 -33.99 11.33 -0.13
CA TYR F 215 -33.90 10.26 0.89
C TYR F 215 -34.81 9.10 0.50
N LEU F 216 -36.04 9.39 0.06
CA LEU F 216 -37.00 8.33 -0.35
C LEU F 216 -36.44 7.58 -1.56
N ILE F 217 -35.85 8.30 -2.50
CA ILE F 217 -35.27 7.68 -3.74
C ILE F 217 -34.16 6.71 -3.32
N CYS F 218 -33.33 7.12 -2.35
CA CYS F 218 -32.21 6.26 -1.87
C CYS F 218 -32.76 4.99 -1.22
N ARG F 219 -33.88 5.10 -0.49
CA ARG F 219 -34.46 3.95 0.20
C ARG F 219 -35.25 3.06 -0.75
N VAL F 220 -35.98 3.64 -1.70
CA VAL F 220 -36.76 2.84 -2.64
C VAL F 220 -35.86 2.12 -3.63
N VAL F 221 -34.76 2.76 -4.04
CA VAL F 221 -33.82 2.08 -4.94
C VAL F 221 -33.15 0.92 -4.22
N THR F 222 -32.78 1.11 -2.95
CA THR F 222 -32.21 0.00 -2.17
C THR F 222 -33.20 -1.13 -2.01
N LEU F 223 -34.47 -0.81 -1.74
CA LEU F 223 -35.48 -1.85 -1.56
C LEU F 223 -35.75 -2.61 -2.85
N ILE F 224 -35.77 -1.91 -3.99
CA ILE F 224 -36.04 -2.57 -5.26
C ILE F 224 -34.89 -3.49 -5.65
N ILE F 225 -33.64 -3.03 -5.46
CA ILE F 225 -32.51 -3.89 -5.82
C ILE F 225 -32.44 -5.10 -4.90
N VAL F 226 -32.73 -4.91 -3.61
CA VAL F 226 -32.70 -6.04 -2.68
C VAL F 226 -33.81 -7.03 -2.99
N PHE F 227 -34.99 -6.54 -3.38
CA PHE F 227 -36.09 -7.45 -3.69
C PHE F 227 -35.87 -8.19 -5.00
N THR F 228 -35.26 -7.54 -5.99
CA THR F 228 -34.97 -8.23 -7.25
C THR F 228 -33.88 -9.28 -7.07
N ALA F 229 -32.84 -8.97 -6.27
CA ALA F 229 -31.83 -9.97 -5.97
C ALA F 229 -32.42 -11.13 -5.16
N CYS F 230 -33.40 -10.85 -4.31
CA CYS F 230 -34.05 -11.93 -3.58
C CYS F 230 -34.88 -12.82 -4.50
N ILE F 231 -35.55 -12.21 -5.49
CA ILE F 231 -36.28 -13.02 -6.48
C ILE F 231 -35.33 -13.90 -7.26
N TYR F 232 -34.21 -13.35 -7.71
CA TYR F 232 -33.26 -14.14 -8.50
C TYR F 232 -32.64 -15.27 -7.68
N LEU F 233 -32.27 -14.99 -6.43
CA LEU F 233 -31.70 -16.03 -5.59
C LEU F 233 -32.72 -17.04 -5.09
N GLY F 234 -34.01 -16.73 -5.18
CA GLY F 234 -35.01 -17.73 -4.91
C GLY F 234 -35.24 -18.62 -6.11
N TYR F 235 -35.21 -18.00 -7.30
CA TYR F 235 -35.39 -18.77 -8.52
C TYR F 235 -34.21 -19.68 -8.80
N TYR F 236 -33.01 -19.30 -8.34
CA TYR F 236 -31.85 -20.16 -8.53
C TYR F 236 -31.95 -21.45 -7.72
N ILE F 237 -32.45 -21.36 -6.48
CA ILE F 237 -32.65 -22.58 -5.72
C ILE F 237 -33.85 -23.35 -6.24
N SER F 238 -34.86 -22.66 -6.76
CA SER F 238 -35.96 -23.38 -7.39
C SER F 238 -35.58 -24.02 -8.71
N LEU F 239 -34.44 -23.65 -9.29
CA LEU F 239 -34.01 -24.24 -10.55
C LEU F 239 -33.04 -25.40 -10.35
N PHE F 240 -31.89 -25.14 -9.72
CA PHE F 240 -30.83 -26.14 -9.60
C PHE F 240 -30.96 -26.91 -8.29
N SER F 241 -32.11 -27.53 -8.09
CA SER F 241 -32.36 -28.34 -6.91
C SER F 241 -32.19 -29.83 -7.16
N LEU F 242 -32.21 -30.25 -8.42
CA LEU F 242 -32.05 -31.66 -8.77
C LEU F 242 -31.49 -31.76 -10.17
N THR F 243 -30.88 -32.92 -10.46
CA THR F 243 -30.22 -33.29 -11.72
C THR F 243 -29.43 -32.14 -12.35
N ASP F 244 -28.43 -31.68 -11.61
CA ASP F 244 -27.57 -30.59 -12.07
C ASP F 244 -26.74 -30.97 -13.30
N GLU F 245 -26.50 -32.26 -13.53
CA GLU F 245 -25.83 -32.68 -14.74
C GLU F 245 -26.77 -32.60 -15.93
N PHE F 246 -26.19 -32.61 -17.12
CA PHE F 246 -26.99 -32.50 -18.34
C PHE F 246 -26.28 -33.17 -19.49
N THR F 247 -27.06 -33.51 -20.51
CA THR F 247 -26.52 -34.07 -21.74
C THR F 247 -26.24 -32.95 -22.73
N CYS F 248 -25.30 -33.20 -23.63
CA CYS F 248 -24.86 -32.16 -24.56
C CYS F 248 -24.48 -32.81 -25.88
N ASN F 249 -24.88 -32.19 -26.97
CA ASN F 249 -24.54 -32.65 -28.31
C ASN F 249 -23.32 -31.87 -28.82
N ILE F 250 -22.53 -32.54 -29.65
CA ILE F 250 -21.29 -31.97 -30.15
C ILE F 250 -21.38 -31.62 -31.64
N ARG F 251 -22.07 -32.44 -32.42
CA ARG F 251 -22.09 -32.28 -33.87
C ARG F 251 -22.92 -31.08 -34.31
N THR F 252 -22.28 -29.91 -34.41
CA THR F 252 -22.91 -28.73 -34.99
C THR F 252 -22.01 -28.22 -36.11
N GLY F 253 -22.48 -28.31 -37.34
CA GLY F 253 -21.72 -27.81 -38.47
C GLY F 253 -21.05 -28.88 -39.29
N ILE F 254 -19.72 -28.82 -39.37
CA ILE F 254 -18.97 -29.75 -40.21
C ILE F 254 -18.96 -31.15 -39.60
N LEU F 255 -19.04 -31.25 -38.28
CA LEU F 255 -18.93 -32.53 -37.58
C LEU F 255 -20.23 -33.32 -37.58
N ARG F 256 -21.21 -32.95 -38.40
CA ARG F 256 -22.50 -33.62 -38.44
C ARG F 256 -22.55 -34.80 -39.39
N ASN F 257 -21.40 -35.35 -39.77
CA ASN F 257 -21.38 -36.46 -40.72
C ASN F 257 -20.65 -37.69 -40.18
N ASP F 258 -19.54 -37.51 -39.47
CA ASP F 258 -18.76 -38.64 -39.02
C ASP F 258 -19.41 -39.32 -37.81
N THR F 259 -19.23 -40.63 -37.73
CA THR F 259 -19.78 -41.42 -36.65
C THR F 259 -18.77 -41.69 -35.55
N ALA F 260 -17.55 -41.16 -35.68
CA ALA F 260 -16.56 -41.33 -34.63
C ALA F 260 -16.90 -40.52 -33.39
N LEU F 261 -17.62 -39.41 -33.56
CA LEU F 261 -18.04 -38.58 -32.46
C LEU F 261 -19.32 -39.15 -31.85
N PRO F 262 -19.48 -39.06 -30.52
CA PRO F 262 -20.66 -39.63 -29.88
C PRO F 262 -21.88 -38.76 -30.12
N PRO F 263 -23.08 -39.32 -30.07
CA PRO F 263 -24.27 -38.49 -30.28
C PRO F 263 -24.57 -37.56 -29.12
N LEU F 264 -24.33 -38.01 -27.88
CA LEU F 264 -24.59 -37.19 -26.70
C LEU F 264 -23.54 -37.51 -25.64
N VAL F 265 -22.95 -36.48 -25.05
CA VAL F 265 -22.03 -36.64 -23.95
C VAL F 265 -22.73 -36.23 -22.66
N GLN F 266 -22.37 -36.90 -21.57
CA GLN F 266 -22.88 -36.58 -20.25
C GLN F 266 -21.90 -35.65 -19.56
N CYS F 267 -22.39 -34.51 -19.08
CA CYS F 267 -21.48 -33.49 -18.59
C CYS F 267 -22.05 -32.89 -17.32
N LYS F 268 -21.17 -32.55 -16.39
CA LYS F 268 -21.56 -32.18 -15.03
C LYS F 268 -21.10 -30.75 -14.73
N LEU F 269 -22.01 -29.97 -14.14
CA LEU F 269 -21.67 -28.66 -13.61
C LEU F 269 -21.12 -28.84 -12.20
N ILE F 270 -19.92 -28.34 -11.95
CA ILE F 270 -19.17 -28.76 -10.77
C ILE F 270 -19.14 -27.74 -9.66
N ALA F 271 -19.63 -26.52 -9.89
CA ALA F 271 -19.65 -25.50 -8.86
C ALA F 271 -21.06 -25.21 -8.34
N VAL F 272 -22.04 -26.01 -8.73
CA VAL F 272 -23.43 -25.76 -8.30
C VAL F 272 -23.67 -26.22 -6.88
N GLY F 273 -22.75 -26.97 -6.29
CA GLY F 273 -22.91 -27.40 -4.92
C GLY F 273 -22.67 -26.30 -3.92
N VAL F 274 -21.68 -25.45 -4.19
CA VAL F 274 -21.38 -24.34 -3.29
C VAL F 274 -22.23 -23.11 -3.61
N PHE F 275 -22.79 -23.03 -4.82
CA PHE F 275 -23.65 -21.89 -5.15
C PHE F 275 -24.98 -21.96 -4.44
N ARG F 276 -25.46 -23.15 -4.08
CA ARG F 276 -26.68 -23.21 -3.29
C ARG F 276 -26.45 -22.77 -1.86
N LEU F 277 -25.26 -23.00 -1.30
CA LEU F 277 -24.94 -22.44 0.00
C LEU F 277 -24.81 -20.92 -0.07
N LEU F 278 -24.07 -20.42 -1.06
CA LEU F 278 -23.93 -18.98 -1.22
C LEU F 278 -25.21 -18.30 -1.65
N SER F 279 -26.21 -19.06 -2.09
CA SER F 279 -27.51 -18.48 -2.37
C SER F 279 -28.45 -18.55 -1.17
N TYR F 280 -28.35 -19.60 -0.35
CA TYR F 280 -29.18 -19.65 0.86
C TYR F 280 -28.75 -18.60 1.87
N ILE F 281 -27.44 -18.36 2.01
CA ILE F 281 -26.98 -17.33 2.92
C ILE F 281 -27.44 -15.95 2.44
N ASN F 282 -27.23 -15.65 1.17
CA ASN F 282 -27.58 -14.38 0.58
C ASN F 282 -29.08 -14.20 0.38
N LEU F 283 -29.87 -15.26 0.55
CA LEU F 283 -31.31 -15.10 0.59
C LEU F 283 -31.81 -14.87 2.01
N ILE F 284 -31.26 -15.58 2.99
CA ILE F 284 -31.72 -15.42 4.36
C ILE F 284 -31.37 -14.04 4.90
N ILE F 285 -30.14 -13.58 4.64
CA ILE F 285 -29.77 -12.25 5.13
C ILE F 285 -30.54 -11.15 4.41
N TYR F 286 -30.79 -11.33 3.11
CA TYR F 286 -31.55 -10.32 2.37
C TYR F 286 -33.03 -10.31 2.75
N VAL F 287 -33.57 -11.42 3.24
CA VAL F 287 -34.92 -11.36 3.79
C VAL F 287 -34.92 -10.69 5.15
N LEU F 288 -33.87 -10.92 5.96
CA LEU F 288 -33.83 -10.26 7.26
C LEU F 288 -33.51 -8.77 7.17
N ILE F 289 -32.96 -8.29 6.05
CA ILE F 289 -32.68 -6.86 5.91
C ILE F 289 -33.97 -6.07 5.68
N MET F 290 -34.79 -6.51 4.73
CA MET F 290 -35.93 -5.79 4.18
C MET F 290 -36.95 -5.19 5.16
N PRO F 291 -37.24 -5.79 6.32
CA PRO F 291 -38.06 -5.07 7.30
C PRO F 291 -37.44 -3.78 7.78
N PHE F 292 -36.12 -3.69 7.86
CA PHE F 292 -35.50 -2.45 8.30
C PHE F 292 -35.56 -1.37 7.21
N ILE F 293 -35.53 -1.75 5.93
CA ILE F 293 -35.71 -0.76 4.88
C ILE F 293 -37.15 -0.27 4.84
N ILE F 294 -38.11 -1.19 5.05
CA ILE F 294 -39.51 -0.79 5.09
C ILE F 294 -39.77 0.12 6.30
N TYR F 295 -39.10 -0.16 7.42
CA TYR F 295 -39.26 0.68 8.61
C TYR F 295 -38.61 2.04 8.42
N ALA F 296 -37.47 2.08 7.73
CA ALA F 296 -36.79 3.35 7.51
C ALA F 296 -37.53 4.22 6.49
N MET F 297 -38.33 3.63 5.61
CA MET F 297 -39.11 4.45 4.69
C MET F 297 -40.29 5.13 5.38
N LEU F 298 -40.68 4.68 6.56
CA LEU F 298 -41.76 5.32 7.31
C LEU F 298 -41.16 6.40 8.19
N VAL F 299 -41.00 7.60 7.63
CA VAL F 299 -40.36 8.70 8.33
C VAL F 299 -41.24 9.29 9.43
N PRO F 300 -42.48 9.75 9.19
CA PRO F 300 -43.20 10.43 10.28
C PRO F 300 -43.78 9.51 11.33
N PHE F 301 -43.73 8.20 11.13
CA PHE F 301 -44.22 7.25 12.12
C PHE F 301 -43.12 6.72 13.02
N ARG F 302 -41.97 7.38 13.05
CA ARG F 302 -40.92 7.04 14.00
C ARG F 302 -41.11 7.85 15.28
N LYS F 303 -40.14 7.75 16.18
CA LYS F 303 -40.22 8.42 17.48
C LYS F 303 -39.55 9.78 17.35
N THR F 304 -40.35 10.85 17.32
CA THR F 304 -39.87 12.18 17.02
C THR F 304 -40.28 13.16 18.13
N ALA F 305 -39.77 14.39 18.00
CA ALA F 305 -40.21 15.56 18.79
C ALA F 305 -39.95 15.37 20.28
N ASN F 306 -38.74 14.93 20.63
CA ASN F 306 -38.32 14.84 22.02
C ASN F 306 -37.34 15.93 22.44
N VAL F 307 -36.84 16.72 21.50
CA VAL F 307 -35.70 17.59 21.68
C VAL F 307 -36.11 19.05 21.91
N LEU F 308 -37.21 19.49 21.31
CA LEU F 308 -37.66 20.84 21.59
C LEU F 308 -38.40 20.93 22.91
N LYS F 309 -39.00 19.83 23.38
CA LYS F 309 -39.65 19.82 24.68
C LYS F 309 -38.66 19.99 25.81
N VAL F 310 -37.40 19.65 25.58
CA VAL F 310 -36.35 19.97 26.55
C VAL F 310 -36.05 21.46 26.52
N TYR F 311 -36.06 22.06 25.34
CA TYR F 311 -35.66 23.46 25.20
C TYR F 311 -36.76 24.46 25.49
N GLU F 312 -37.99 24.01 25.71
CA GLU F 312 -39.05 24.97 26.09
C GLU F 312 -38.91 25.50 27.52
N VAL F 313 -37.89 25.06 28.26
CA VAL F 313 -37.66 25.61 29.59
C VAL F 313 -37.22 27.06 29.49
N LEU F 314 -36.44 27.39 28.46
CA LEU F 314 -36.00 28.76 28.24
C LEU F 314 -37.19 29.61 27.80
N PRO F 315 -37.32 30.84 28.33
CA PRO F 315 -38.44 31.70 27.92
C PRO F 315 -38.30 32.25 26.50
N THR F 316 -37.10 32.25 25.92
CA THR F 316 -36.91 32.69 24.55
C THR F 316 -36.91 31.54 23.55
N PHE F 317 -37.41 30.38 23.97
CA PHE F 317 -37.54 29.17 23.14
C PHE F 317 -36.23 28.74 22.48
N SER F 324 -46.66 16.44 13.67
CA SER F 324 -45.62 15.89 12.80
C SER F 324 -46.05 14.55 12.23
N LYS F 325 -46.88 14.59 11.19
CA LYS F 325 -47.38 13.39 10.55
C LYS F 325 -47.23 13.40 9.03
N THR F 326 -47.00 14.55 8.42
CA THR F 326 -46.86 14.63 6.98
C THR F 326 -45.40 14.50 6.56
N TYR F 327 -45.19 14.32 5.26
CA TYR F 327 -43.91 13.87 4.71
C TYR F 327 -43.04 15.00 4.20
N ASP F 328 -43.14 16.21 4.73
CA ASP F 328 -42.18 17.22 4.34
C ASP F 328 -40.89 17.02 5.13
N ASP F 329 -39.85 17.74 4.73
CA ASP F 329 -38.53 17.45 5.27
C ASP F 329 -38.26 18.11 6.61
N HIS F 330 -39.27 18.73 7.22
CA HIS F 330 -39.15 19.10 8.63
C HIS F 330 -39.08 17.85 9.50
N SER F 331 -39.85 16.82 9.17
CA SER F 331 -39.79 15.56 9.88
C SER F 331 -38.42 14.89 9.74
N LEU F 332 -37.90 14.85 8.51
CA LEU F 332 -36.60 14.25 8.29
C LEU F 332 -35.49 15.07 8.96
N PHE F 333 -35.60 16.39 8.95
CA PHE F 333 -34.59 17.17 9.65
C PHE F 333 -34.68 17.00 11.15
N LEU F 334 -35.88 16.77 11.69
CA LEU F 334 -35.98 16.50 13.11
C LEU F 334 -35.39 15.13 13.44
N LEU F 335 -35.53 14.14 12.54
CA LEU F 335 -34.87 12.86 12.76
C LEU F 335 -33.35 13.02 12.76
N PHE F 336 -32.82 13.78 11.82
CA PHE F 336 -31.39 14.00 11.75
C PHE F 336 -30.88 14.89 12.87
N LEU F 337 -31.76 15.64 13.53
CA LEU F 337 -31.38 16.46 14.67
C LEU F 337 -31.43 15.70 15.98
N GLU F 338 -32.44 14.86 16.19
CA GLU F 338 -32.43 13.98 17.36
C GLU F 338 -31.38 12.89 17.24
N GLU F 339 -30.88 12.61 16.04
CA GLU F 339 -29.88 11.55 15.93
C GLU F 339 -28.53 11.99 16.47
N ASN F 340 -28.20 13.28 16.41
CA ASN F 340 -26.98 13.78 17.04
C ASN F 340 -27.30 15.02 17.89
N VAL F 341 -27.77 14.78 19.10
CA VAL F 341 -27.76 15.79 20.15
C VAL F 341 -26.59 15.56 21.11
N SER F 342 -25.61 14.77 20.68
CA SER F 342 -24.39 14.61 21.45
C SER F 342 -23.52 15.85 21.35
N GLU F 343 -23.56 16.54 20.21
CA GLU F 343 -22.74 17.72 20.02
C GLU F 343 -23.28 18.93 20.75
N LEU F 344 -24.57 18.93 21.10
CA LEU F 344 -25.16 20.02 21.86
C LEU F 344 -24.76 19.86 23.33
N LYS F 345 -23.90 20.76 23.81
CA LYS F 345 -23.49 20.71 25.20
C LYS F 345 -24.57 21.24 26.13
N SER F 346 -25.45 22.10 25.64
CA SER F 346 -26.54 22.63 26.46
C SER F 346 -27.63 21.60 26.72
N TYR F 347 -27.68 20.55 25.91
CA TYR F 347 -28.76 19.57 26.02
C TYR F 347 -28.71 18.81 27.33
N LYS F 348 -27.51 18.51 27.83
CA LYS F 348 -27.40 17.77 29.08
C LYS F 348 -27.87 18.61 30.26
N PHE F 349 -27.47 19.89 30.29
CA PHE F 349 -27.91 20.78 31.35
C PHE F 349 -29.42 20.97 31.32
N LEU F 350 -30.00 21.12 30.13
CA LEU F 350 -31.43 21.32 30.08
C LEU F 350 -32.19 20.04 30.38
N LYS F 351 -31.60 18.88 30.10
CA LYS F 351 -32.24 17.63 30.49
C LYS F 351 -32.21 17.44 32.00
N VAL F 352 -31.11 17.85 32.64
CA VAL F 352 -31.03 17.82 34.10
C VAL F 352 -32.09 18.73 34.71
N LEU F 353 -32.18 19.97 34.20
CA LEU F 353 -33.17 20.90 34.73
C LEU F 353 -34.59 20.50 34.40
N GLU F 354 -34.80 19.69 33.36
CA GLU F 354 -36.10 19.08 33.14
C GLU F 354 -36.39 18.01 34.18
N ASN F 355 -35.37 17.21 34.53
CA ASN F 355 -35.56 16.17 35.53
C ASN F 355 -35.83 16.75 36.91
N ILE F 356 -35.29 17.94 37.19
CA ILE F 356 -35.66 18.61 38.45
C ILE F 356 -37.11 19.07 38.38
N LYS F 357 -37.57 19.50 37.21
CA LYS F 357 -38.92 20.04 37.04
C LYS F 357 -39.99 18.96 36.90
N ASN F 358 -39.69 17.70 37.21
CA ASN F 358 -40.70 16.65 37.14
C ASN F 358 -40.85 15.96 38.50
N TYR G 25 -13.60 28.00 3.62
CA TYR G 25 -14.01 27.45 2.34
C TYR G 25 -13.21 26.19 2.02
N LYS G 26 -13.29 25.21 2.89
CA LYS G 26 -12.61 23.94 2.63
C LYS G 26 -13.40 23.11 1.64
N GLY G 27 -14.70 22.99 1.83
CA GLY G 27 -15.54 22.15 1.00
C GLY G 27 -16.20 22.86 -0.15
N LEU G 28 -15.41 23.47 -1.03
CA LEU G 28 -15.94 24.11 -2.22
C LEU G 28 -16.00 23.07 -3.33
N ARG G 29 -17.18 22.93 -3.95
CA ARG G 29 -17.43 21.73 -4.75
C ARG G 29 -16.81 21.80 -6.15
N LEU G 30 -17.09 22.88 -6.89
CA LEU G 30 -16.61 23.12 -8.25
C LEU G 30 -17.04 22.09 -9.28
N GLU G 31 -17.99 21.22 -8.95
CA GLU G 31 -18.57 20.26 -9.89
C GLU G 31 -20.03 20.08 -9.52
N LEU G 32 -20.90 20.11 -10.53
CA LEU G 32 -22.37 19.90 -10.34
C LEU G 32 -22.56 18.44 -9.89
N ALA G 33 -23.49 18.21 -8.96
CA ALA G 33 -23.70 16.85 -8.42
C ALA G 33 -24.07 15.87 -9.55
N VAL G 34 -24.97 16.28 -10.45
CA VAL G 34 -25.41 15.43 -11.59
C VAL G 34 -24.17 15.05 -12.43
N ASP G 35 -23.34 16.04 -12.77
CA ASP G 35 -22.13 15.83 -13.60
C ASP G 35 -21.18 14.87 -12.89
N LYS G 36 -21.00 15.04 -11.57
CA LYS G 36 -20.08 14.18 -10.79
C LYS G 36 -20.60 12.74 -10.81
N LEU G 37 -21.91 12.55 -10.65
CA LEU G 37 -22.51 11.19 -10.65
C LEU G 37 -22.35 10.55 -12.04
N VAL G 38 -22.65 11.32 -13.09
CA VAL G 38 -22.59 10.83 -14.50
C VAL G 38 -21.17 10.33 -14.83
N SER G 39 -20.16 11.16 -14.56
CA SER G 39 -18.75 10.80 -14.85
C SER G 39 -18.36 9.48 -14.17
N CYS G 40 -18.72 9.31 -12.89
CA CYS G 40 -18.34 8.09 -12.13
C CYS G 40 -19.00 6.86 -12.78
N ILE G 41 -20.28 6.97 -13.13
CA ILE G 41 -21.03 5.85 -13.76
C ILE G 41 -20.34 5.53 -15.10
N ALA G 42 -20.15 6.55 -15.94
CA ALA G 42 -19.56 6.37 -17.29
C ALA G 42 -18.10 5.91 -17.28
N VAL G 43 -17.40 6.05 -16.15
CA VAL G 43 -16.01 5.62 -16.10
C VAL G 43 -15.86 4.35 -15.29
N GLY G 44 -16.47 4.29 -14.11
CA GLY G 44 -16.32 3.11 -13.28
C GLY G 44 -17.11 1.91 -13.71
N LEU G 45 -18.01 2.04 -14.68
CA LEU G 45 -18.71 0.85 -15.14
C LEU G 45 -17.89 0.02 -16.14
N PRO G 46 -17.29 0.59 -17.20
CA PRO G 46 -16.44 -0.25 -18.06
C PRO G 46 -15.21 -0.78 -17.37
N LEU G 47 -14.72 -0.12 -16.31
CA LEU G 47 -13.55 -0.66 -15.62
C LEU G 47 -13.88 -1.95 -14.89
N LEU G 48 -15.02 -2.00 -14.19
CA LEU G 48 -15.39 -3.26 -13.55
C LEU G 48 -15.83 -4.30 -14.57
N LEU G 49 -16.41 -3.87 -15.69
CA LEU G 49 -16.80 -4.85 -16.71
C LEU G 49 -15.57 -5.51 -17.35
N ILE G 50 -14.54 -4.73 -17.66
CA ILE G 50 -13.35 -5.38 -18.21
C ILE G 50 -12.50 -6.03 -17.14
N SER G 51 -12.64 -5.66 -15.87
CA SER G 51 -11.98 -6.43 -14.82
C SER G 51 -12.60 -7.82 -14.71
N LEU G 52 -13.92 -7.91 -14.82
CA LEU G 52 -14.59 -9.20 -14.88
C LEU G 52 -14.18 -9.99 -16.12
N ALA G 53 -14.11 -9.31 -17.27
CA ALA G 53 -13.74 -10.00 -18.50
C ALA G 53 -12.32 -10.53 -18.45
N PHE G 54 -11.38 -9.75 -17.88
CA PHE G 54 -10.01 -10.21 -17.78
C PHE G 54 -9.85 -11.33 -16.76
N ALA G 55 -10.58 -11.27 -15.64
CA ALA G 55 -10.53 -12.38 -14.70
C ALA G 55 -11.09 -13.65 -15.33
N GLN G 56 -12.18 -13.54 -16.10
CA GLN G 56 -12.70 -14.69 -16.83
C GLN G 56 -11.72 -15.22 -17.86
N GLU G 57 -10.97 -14.32 -18.51
CA GLU G 57 -10.02 -14.75 -19.53
C GLU G 57 -8.80 -15.45 -18.92
N ILE G 58 -8.40 -15.07 -17.70
CA ILE G 58 -7.33 -15.80 -17.03
C ILE G 58 -7.81 -17.07 -16.35
N THR G 59 -9.10 -17.19 -16.02
CA THR G 59 -9.56 -18.51 -15.59
C THR G 59 -9.71 -19.46 -16.77
N LEU G 60 -10.36 -19.04 -17.85
CA LEU G 60 -10.59 -19.94 -18.97
C LEU G 60 -9.34 -20.16 -19.82
N GLY G 61 -8.33 -19.29 -19.69
CA GLY G 61 -7.08 -19.49 -20.39
C GLY G 61 -7.06 -18.95 -21.80
N SER G 62 -7.90 -19.52 -22.67
CA SER G 62 -7.95 -19.16 -24.08
C SER G 62 -9.31 -18.59 -24.44
N GLN G 63 -9.42 -18.02 -25.64
CA GLN G 63 -10.69 -17.40 -26.09
C GLN G 63 -11.28 -18.15 -27.28
N ILE G 64 -10.63 -19.24 -27.72
CA ILE G 64 -11.14 -20.01 -28.84
C ILE G 64 -10.89 -21.49 -28.56
N SER G 65 -11.67 -22.35 -29.23
CA SER G 65 -11.46 -23.79 -29.11
C SER G 65 -11.80 -24.42 -30.45
N CYS G 66 -10.79 -24.97 -31.12
CA CYS G 66 -10.98 -25.61 -32.41
C CYS G 66 -10.98 -27.13 -32.23
N PHE G 67 -11.56 -27.82 -33.21
CA PHE G 67 -11.64 -29.28 -33.20
C PHE G 67 -10.59 -29.82 -34.15
N ALA G 68 -9.37 -29.99 -33.63
CA ALA G 68 -8.30 -30.55 -34.42
C ALA G 68 -8.51 -32.05 -34.63
N PRO G 69 -8.04 -32.60 -35.75
CA PRO G 69 -8.17 -34.04 -35.98
C PRO G 69 -7.33 -34.87 -35.02
N THR G 70 -7.62 -36.17 -35.01
CA THR G 70 -7.08 -37.07 -34.00
C THR G 70 -5.59 -37.32 -34.14
N SER G 71 -5.04 -37.18 -35.35
CA SER G 71 -3.63 -37.47 -35.59
C SER G 71 -2.73 -36.27 -35.32
N PHE G 72 -3.23 -35.28 -34.60
CA PHE G 72 -2.47 -34.07 -34.29
C PHE G 72 -1.89 -34.17 -32.89
N SER G 73 -0.61 -33.84 -32.75
CA SER G 73 -0.02 -33.68 -31.44
C SER G 73 -0.55 -32.40 -30.77
N TRP G 74 -0.08 -32.15 -29.54
CA TRP G 74 -0.51 -30.95 -28.83
C TRP G 74 -0.10 -29.70 -29.57
N ARG G 75 1.13 -29.64 -30.07
CA ARG G 75 1.64 -28.40 -30.64
C ARG G 75 0.96 -28.06 -31.96
N GLN G 76 0.64 -29.08 -32.77
CA GLN G 76 -0.08 -28.82 -34.01
C GLN G 76 -1.49 -28.34 -33.75
N ALA G 77 -2.17 -28.91 -32.75
CA ALA G 77 -3.50 -28.44 -32.40
C ALA G 77 -3.46 -27.04 -31.81
N ALA G 78 -2.42 -26.73 -31.04
CA ALA G 78 -2.24 -25.37 -30.53
C ALA G 78 -1.99 -24.39 -31.67
N TYR G 79 -1.25 -24.82 -32.69
CA TYR G 79 -1.09 -24.01 -33.88
C TYR G 79 -2.41 -23.78 -34.58
N VAL G 80 -3.26 -24.81 -34.65
CA VAL G 80 -4.56 -24.66 -35.31
C VAL G 80 -5.44 -23.68 -34.54
N ASP G 81 -5.43 -23.79 -33.21
CA ASP G 81 -6.19 -22.89 -32.34
C ASP G 81 -5.72 -21.42 -32.39
N SER G 82 -4.41 -21.19 -32.41
CA SER G 82 -3.90 -19.83 -32.47
C SER G 82 -3.90 -19.28 -33.89
N PHE G 83 -3.95 -20.16 -34.90
CA PHE G 83 -4.05 -19.70 -36.28
C PHE G 83 -5.47 -19.28 -36.61
N CYS G 84 -6.46 -20.09 -36.25
CA CYS G 84 -7.84 -19.71 -36.49
C CYS G 84 -8.31 -18.59 -35.56
N TRP G 85 -7.55 -18.31 -34.49
CA TRP G 85 -7.89 -17.18 -33.64
C TRP G 85 -7.37 -15.87 -34.23
N ALA G 86 -6.13 -15.86 -34.72
CA ALA G 86 -5.51 -14.66 -35.27
C ALA G 86 -5.85 -14.43 -36.73
N ALA G 87 -6.82 -15.15 -37.28
CA ALA G 87 -7.23 -14.94 -38.66
C ALA G 87 -8.60 -14.32 -38.78
N LEU G 103 -15.88 -11.79 -35.95
CA LEU G 103 -14.95 -10.89 -36.53
C LEU G 103 -13.96 -10.16 -35.62
N TRP G 104 -13.44 -9.02 -36.12
CA TRP G 104 -12.45 -8.23 -35.34
C TRP G 104 -13.14 -7.55 -34.14
N LEU G 105 -14.45 -7.37 -34.20
CA LEU G 105 -15.22 -6.73 -33.10
C LEU G 105 -15.05 -7.55 -31.83
N HIS G 106 -15.30 -8.87 -31.91
CA HIS G 106 -15.18 -9.76 -30.76
C HIS G 106 -13.82 -9.88 -30.08
N LYS G 107 -12.76 -9.89 -30.88
CA LYS G 107 -11.40 -10.02 -30.36
C LYS G 107 -10.90 -8.73 -29.70
N PHE G 108 -11.43 -7.59 -30.13
CA PHE G 108 -11.02 -6.30 -29.60
C PHE G 108 -12.07 -5.71 -28.65
N PHE G 109 -12.73 -6.54 -27.87
CA PHE G 109 -13.75 -6.03 -26.96
C PHE G 109 -13.16 -5.35 -25.72
N PRO G 110 -12.29 -5.97 -24.92
CA PRO G 110 -11.83 -5.30 -23.70
C PRO G 110 -10.92 -4.11 -23.97
N TYR G 111 -10.17 -4.12 -25.07
CA TYR G 111 -9.35 -2.95 -25.40
C TYR G 111 -10.23 -1.75 -25.78
N ILE G 112 -11.33 -2.00 -26.48
CA ILE G 112 -12.23 -0.92 -26.85
C ILE G 112 -12.96 -0.38 -25.62
N LEU G 113 -13.37 -1.26 -24.70
CA LEU G 113 -14.03 -0.76 -23.50
C LEU G 113 -13.08 -0.02 -22.57
N LEU G 114 -11.82 -0.44 -22.47
CA LEU G 114 -10.88 0.34 -21.68
C LEU G 114 -10.53 1.66 -22.35
N LEU G 115 -10.50 1.69 -23.68
CA LEU G 115 -10.31 2.96 -24.37
C LEU G 115 -11.46 3.92 -24.11
N VAL G 116 -12.69 3.39 -24.05
CA VAL G 116 -13.84 4.24 -23.76
C VAL G 116 -13.78 4.75 -22.31
N ALA G 117 -13.34 3.90 -21.38
CA ALA G 117 -13.21 4.35 -19.99
C ALA G 117 -12.15 5.45 -19.84
N VAL G 118 -11.02 5.31 -20.53
CA VAL G 118 -9.98 6.32 -20.43
C VAL G 118 -10.41 7.62 -21.12
N LEU G 119 -11.04 7.51 -22.29
CA LEU G 119 -11.51 8.70 -22.98
C LEU G 119 -12.65 9.39 -22.25
N LEU G 120 -13.38 8.68 -21.38
CA LEU G 120 -14.38 9.34 -20.56
C LEU G 120 -13.82 9.90 -19.27
N TYR G 121 -12.69 9.38 -18.79
CA TYR G 121 -11.99 10.05 -17.70
C TYR G 121 -11.28 11.32 -18.16
N LEU G 122 -10.96 11.42 -19.44
CA LEU G 122 -10.25 12.59 -19.94
C LEU G 122 -10.96 13.95 -19.75
N PRO G 123 -12.28 14.10 -19.94
CA PRO G 123 -12.86 15.46 -19.83
C PRO G 123 -12.83 16.06 -18.44
N ASN G 124 -12.97 15.28 -17.37
CA ASN G 124 -12.89 15.92 -16.06
C ASN G 124 -11.45 16.26 -15.70
N LEU G 125 -10.48 15.57 -16.29
CA LEU G 125 -9.10 16.01 -16.17
C LEU G 125 -8.88 17.33 -16.89
N PHE G 126 -9.48 17.49 -18.07
CA PHE G 126 -9.40 18.76 -18.79
C PHE G 126 -10.04 19.90 -17.99
N TRP G 127 -11.20 19.64 -17.40
CA TRP G 127 -11.88 20.66 -16.61
C TRP G 127 -11.11 20.97 -15.32
N ARG G 128 -10.49 19.96 -14.72
CA ARG G 128 -9.76 20.19 -13.47
C ARG G 128 -8.49 20.98 -13.70
N PHE G 129 -7.79 20.72 -14.80
CA PHE G 129 -6.54 21.44 -15.03
C PHE G 129 -6.78 22.81 -15.62
N THR G 130 -7.82 23.00 -16.43
CA THR G 130 -7.92 24.23 -17.20
C THR G 130 -8.84 25.26 -16.57
N ALA G 131 -10.04 24.88 -16.11
CA ALA G 131 -11.02 25.86 -15.66
C ALA G 131 -11.40 25.74 -14.20
N ALA G 132 -10.95 24.73 -13.48
CA ALA G 132 -11.32 24.61 -12.08
C ALA G 132 -10.57 25.55 -11.13
N PRO G 133 -9.28 25.86 -11.30
CA PRO G 133 -8.68 26.87 -10.41
C PRO G 133 -9.05 28.31 -10.73
N HIS G 134 -9.52 28.60 -11.94
CA HIS G 134 -9.98 29.95 -12.25
C HIS G 134 -11.38 30.21 -11.74
N LEU G 135 -12.07 29.18 -11.27
CA LEU G 135 -13.43 29.30 -10.74
C LEU G 135 -13.45 29.30 -9.22
N SER G 136 -12.51 28.61 -8.58
CA SER G 136 -12.46 28.56 -7.13
C SER G 136 -12.16 29.93 -6.55
N SER G 137 -11.27 30.70 -7.18
CA SER G 137 -10.98 32.03 -6.69
C SER G 137 -12.15 32.98 -6.88
N ASP G 138 -12.90 32.83 -7.96
CA ASP G 138 -14.06 33.69 -8.18
C ASP G 138 -15.17 33.38 -7.18
N LEU G 139 -15.39 32.09 -6.91
CA LEU G 139 -16.38 31.71 -5.91
C LEU G 139 -15.99 32.21 -4.53
N LYS G 140 -14.71 32.10 -4.18
CA LYS G 140 -14.27 32.57 -2.87
C LYS G 140 -14.35 34.09 -2.77
N PHE G 141 -14.09 34.81 -3.86
CA PHE G 141 -14.21 36.26 -3.84
C PHE G 141 -15.67 36.69 -3.65
N VAL G 142 -16.59 36.09 -4.41
CA VAL G 142 -18.00 36.50 -4.30
C VAL G 142 -18.58 36.12 -2.95
N MET G 143 -18.18 34.96 -2.41
CA MET G 143 -18.68 34.57 -1.09
C MET G 143 -18.15 35.48 0.01
N GLU G 144 -16.86 35.82 -0.04
CA GLU G 144 -16.32 36.72 0.99
C GLU G 144 -16.90 38.12 0.86
N GLU G 145 -17.15 38.56 -0.36
CA GLU G 145 -17.75 39.87 -0.60
C GLU G 145 -19.17 39.94 -0.05
N LEU G 146 -19.94 38.87 -0.22
CA LEU G 146 -21.31 38.83 0.27
C LEU G 146 -21.35 38.79 1.79
N ASP G 147 -20.46 38.00 2.41
CA ASP G 147 -20.39 37.98 3.87
C ASP G 147 -19.99 39.34 4.44
N LYS G 148 -19.02 40.01 3.82
CA LYS G 148 -18.59 41.31 4.33
C LYS G 148 -19.67 42.37 4.13
N CYS G 149 -20.43 42.31 3.04
CA CYS G 149 -21.51 43.26 2.86
C CYS G 149 -22.62 43.05 3.88
N TYR G 150 -22.93 41.79 4.20
CA TYR G 150 -23.92 41.52 5.24
C TYR G 150 -23.46 42.03 6.60
N ASN G 151 -22.19 41.81 6.94
CA ASN G 151 -21.71 42.26 8.24
C ASN G 151 -21.63 43.78 8.33
N ARG G 152 -21.25 44.45 7.24
CA ARG G 152 -21.26 45.92 7.25
C ARG G 152 -22.67 46.46 7.36
N ASP G 153 -23.65 45.81 6.73
CA ASP G 153 -25.02 46.29 6.86
C ASP G 153 -25.58 46.05 8.26
N ILE G 154 -25.21 44.94 8.90
CA ILE G 154 -25.67 44.70 10.27
C ILE G 154 -25.01 45.68 11.24
N LYS G 155 -23.72 45.97 11.05
CA LYS G 155 -23.07 46.96 11.89
C LYS G 155 -23.57 48.38 11.61
N ASP G 156 -24.10 48.64 10.41
CA ASP G 156 -24.67 49.95 10.13
C ASP G 156 -26.11 50.08 10.62
N ILE G 157 -26.85 48.98 10.74
CA ILE G 157 -28.21 49.07 11.27
C ILE G 157 -28.19 49.13 12.79
N LYS G 158 -27.38 48.29 13.42
CA LYS G 158 -27.37 48.20 14.88
C LYS G 158 -26.67 49.37 15.55
N ALA G 159 -25.97 50.23 14.79
CA ALA G 159 -25.27 51.37 15.36
C ALA G 159 -25.81 52.70 14.83
N ALA G 160 -27.02 52.70 14.29
CA ALA G 160 -27.64 53.93 13.79
C ALA G 160 -29.15 53.86 13.91
N PRO G 196 -22.01 49.01 -4.87
CA PRO G 196 -22.36 47.63 -5.21
C PRO G 196 -21.24 46.93 -5.93
N ILE G 197 -20.40 46.20 -5.19
CA ILE G 197 -19.23 45.59 -5.81
C ILE G 197 -19.58 44.23 -6.41
N VAL G 198 -20.42 43.43 -5.76
CA VAL G 198 -20.73 42.10 -6.26
C VAL G 198 -21.65 42.18 -7.48
N GLU G 199 -22.52 43.18 -7.55
CA GLU G 199 -23.34 43.32 -8.75
C GLU G 199 -22.51 43.77 -9.93
N GLN G 200 -21.54 44.66 -9.70
CA GLN G 200 -20.66 45.09 -10.79
C GLN G 200 -19.66 44.02 -11.17
N TYR G 201 -19.33 43.10 -10.27
CA TYR G 201 -18.46 41.99 -10.61
C TYR G 201 -19.20 40.88 -11.33
N LEU G 202 -20.51 40.77 -11.08
CA LEU G 202 -21.30 39.78 -11.86
C LEU G 202 -21.50 40.36 -13.25
N LYS G 203 -21.54 41.69 -13.33
CA LYS G 203 -21.73 42.41 -14.62
C LYS G 203 -20.50 42.21 -15.52
N THR G 204 -19.31 42.10 -14.91
CA THR G 204 -18.09 41.85 -15.72
C THR G 204 -18.19 40.47 -16.40
N LYS G 205 -18.77 39.48 -15.72
CA LYS G 205 -18.93 38.12 -16.30
C LYS G 205 -20.26 38.04 -17.06
N ASN G 206 -20.52 38.98 -17.96
CA ASN G 206 -21.75 38.98 -18.74
C ASN G 206 -21.50 38.91 -20.24
N ASN G 207 -20.28 39.21 -20.69
CA ASN G 207 -19.94 39.14 -22.11
C ASN G 207 -18.55 38.54 -22.28
N SER G 208 -18.27 37.42 -21.62
CA SER G 208 -16.95 36.82 -21.67
C SER G 208 -16.90 35.52 -22.46
N TYR G 209 -17.84 34.60 -22.23
CA TYR G 209 -17.92 33.30 -22.93
C TYR G 209 -16.65 32.49 -22.76
N GLY G 210 -16.08 32.51 -21.57
CA GLY G 210 -14.82 31.83 -21.35
C GLY G 210 -14.95 30.53 -20.58
N LEU G 211 -15.90 30.51 -19.64
CA LEU G 211 -16.13 29.32 -18.78
C LEU G 211 -17.23 28.43 -19.37
N ILE G 212 -18.15 29.00 -20.17
CA ILE G 212 -19.20 28.21 -20.77
C ILE G 212 -18.66 27.37 -21.92
N ILE G 213 -17.58 27.85 -22.55
CA ILE G 213 -16.96 27.13 -23.71
C ILE G 213 -16.32 25.83 -23.22
N LYS G 214 -15.42 25.91 -22.24
CA LYS G 214 -14.73 24.70 -21.71
C LYS G 214 -15.78 23.74 -21.13
N TYR G 215 -16.77 24.28 -20.41
CA TYR G 215 -17.82 23.41 -19.81
C TYR G 215 -18.59 22.68 -20.91
N LEU G 216 -18.95 23.40 -21.99
CA LEU G 216 -19.70 22.78 -23.11
C LEU G 216 -18.84 21.72 -23.78
N ILE G 217 -17.54 21.99 -23.94
CA ILE G 217 -16.59 21.03 -24.58
C ILE G 217 -16.54 19.76 -23.73
N CYS G 218 -16.52 19.91 -22.41
CA CYS G 218 -16.46 18.74 -21.48
C CYS G 218 -17.75 17.91 -21.61
N ARG G 219 -18.89 18.57 -21.78
CA ARG G 219 -20.17 17.87 -21.88
C ARG G 219 -20.39 17.26 -23.27
N VAL G 220 -19.98 17.97 -24.33
CA VAL G 220 -20.16 17.44 -25.68
C VAL G 220 -19.20 16.27 -25.94
N VAL G 221 -17.98 16.34 -25.41
CA VAL G 221 -17.06 15.23 -25.57
C VAL G 221 -17.56 13.99 -24.82
N THR G 222 -18.11 14.18 -23.61
CA THR G 222 -18.70 13.06 -22.89
C THR G 222 -19.89 12.47 -23.64
N LEU G 223 -20.74 13.33 -24.21
CA LEU G 223 -21.91 12.82 -24.93
C LEU G 223 -21.50 12.08 -26.21
N ILE G 224 -20.48 12.56 -26.92
CA ILE G 224 -20.05 11.91 -28.15
C ILE G 224 -19.43 10.55 -27.85
N ILE G 225 -18.59 10.47 -26.81
CA ILE G 225 -17.98 9.18 -26.49
C ILE G 225 -19.02 8.19 -26.00
N VAL G 226 -19.99 8.65 -25.22
CA VAL G 226 -21.03 7.76 -24.73
C VAL G 226 -21.91 7.28 -25.88
N PHE G 227 -22.21 8.15 -26.84
CA PHE G 227 -23.05 7.75 -27.97
C PHE G 227 -22.33 6.80 -28.91
N THR G 228 -21.02 7.01 -29.12
CA THR G 228 -20.28 6.10 -29.98
C THR G 228 -20.11 4.72 -29.33
N ALA G 229 -19.85 4.69 -28.01
CA ALA G 229 -19.81 3.41 -27.32
C ALA G 229 -21.18 2.72 -27.33
N CYS G 230 -22.27 3.49 -27.30
CA CYS G 230 -23.59 2.89 -27.40
C CYS G 230 -23.84 2.31 -28.79
N ILE G 231 -23.36 2.99 -29.84
CA ILE G 231 -23.47 2.43 -31.20
C ILE G 231 -22.70 1.13 -31.31
N TYR G 232 -21.47 1.10 -30.79
CA TYR G 232 -20.66 -0.11 -30.90
C TYR G 232 -21.25 -1.27 -30.10
N LEU G 233 -21.75 -1.00 -28.90
CA LEU G 233 -22.35 -2.06 -28.10
C LEU G 233 -23.73 -2.47 -28.61
N GLY G 234 -24.36 -1.67 -29.45
CA GLY G 234 -25.57 -2.13 -30.11
C GLY G 234 -25.25 -2.99 -31.30
N TYR G 235 -24.20 -2.61 -32.04
CA TYR G 235 -23.79 -3.39 -33.20
C TYR G 235 -23.21 -4.74 -32.79
N TYR G 236 -22.63 -4.83 -31.60
CA TYR G 236 -22.09 -6.11 -31.15
C TYR G 236 -23.21 -7.11 -30.86
N ILE G 237 -24.31 -6.67 -30.27
CA ILE G 237 -25.44 -7.57 -30.08
C ILE G 237 -26.14 -7.84 -31.39
N SER G 238 -26.16 -6.87 -32.31
CA SER G 238 -26.72 -7.16 -33.62
C SER G 238 -25.84 -8.07 -34.46
N LEU G 239 -24.59 -8.29 -34.06
CA LEU G 239 -23.69 -9.17 -34.80
C LEU G 239 -23.68 -10.59 -34.24
N PHE G 240 -23.27 -10.74 -32.99
CA PHE G 240 -23.07 -12.06 -32.39
C PHE G 240 -24.33 -12.53 -31.66
N SER G 241 -25.43 -12.58 -32.39
CA SER G 241 -26.69 -13.05 -31.85
C SER G 241 -27.00 -14.49 -32.21
N LEU G 242 -26.34 -15.03 -33.23
CA LEU G 242 -26.56 -16.41 -33.64
C LEU G 242 -25.30 -16.93 -34.32
N THR G 243 -25.17 -18.25 -34.34
CA THR G 243 -24.06 -19.05 -34.90
C THR G 243 -22.69 -18.41 -34.63
N ASP G 244 -22.37 -18.31 -33.34
CA ASP G 244 -21.10 -17.76 -32.90
C ASP G 244 -19.89 -18.60 -33.33
N GLU G 245 -20.10 -19.89 -33.59
CA GLU G 245 -19.02 -20.72 -34.11
C GLU G 245 -18.79 -20.42 -35.58
N PHE G 246 -17.63 -20.83 -36.07
CA PHE G 246 -17.28 -20.57 -37.45
C PHE G 246 -16.32 -21.62 -37.97
N THR G 247 -16.26 -21.74 -39.29
CA THR G 247 -15.31 -22.63 -39.93
C THR G 247 -14.04 -21.87 -40.27
N CYS G 248 -12.93 -22.60 -40.34
CA CYS G 248 -11.63 -21.99 -40.54
C CYS G 248 -10.76 -22.91 -41.37
N ASN G 249 -10.04 -22.33 -42.33
CA ASN G 249 -9.11 -23.07 -43.15
C ASN G 249 -7.70 -22.94 -42.59
N ILE G 250 -6.89 -23.97 -42.79
CA ILE G 250 -5.55 -24.05 -42.24
C ILE G 250 -4.48 -23.90 -43.32
N ARG G 251 -4.72 -24.46 -44.50
CA ARG G 251 -3.69 -24.50 -45.53
C ARG G 251 -3.45 -23.14 -46.17
N THR G 252 -2.53 -22.36 -45.62
CA THR G 252 -2.07 -21.12 -46.22
C THR G 252 -0.55 -21.17 -46.34
N GLY G 253 -0.06 -21.24 -47.57
CA GLY G 253 1.37 -21.25 -47.80
C GLY G 253 1.93 -22.60 -48.16
N ILE G 254 2.85 -23.12 -47.34
CA ILE G 254 3.52 -24.38 -47.64
C ILE G 254 2.57 -25.56 -47.46
N LEU G 255 1.60 -25.43 -46.56
CA LEU G 255 0.69 -26.53 -46.22
C LEU G 255 -0.44 -26.72 -47.23
N ARG G 256 -0.36 -26.09 -48.40
CA ARG G 256 -1.41 -26.16 -49.40
C ARG G 256 -1.27 -27.34 -50.35
N ASN G 257 -0.50 -28.35 -49.98
CA ASN G 257 -0.29 -29.49 -50.86
C ASN G 257 -0.66 -30.82 -50.23
N ASP G 258 -0.38 -31.02 -48.95
CA ASP G 258 -0.62 -32.31 -48.33
C ASP G 258 -2.11 -32.48 -48.00
N THR G 259 -2.56 -33.72 -48.08
CA THR G 259 -3.95 -34.06 -47.80
C THR G 259 -4.15 -34.57 -46.38
N ALA G 260 -3.09 -34.61 -45.58
CA ALA G 260 -3.23 -35.04 -44.18
C ALA G 260 -3.96 -33.99 -43.35
N LEU G 261 -3.85 -32.73 -43.74
CA LEU G 261 -4.54 -31.65 -43.06
C LEU G 261 -5.99 -31.55 -43.56
N PRO G 262 -6.93 -31.23 -42.68
CA PRO G 262 -8.33 -31.17 -43.09
C PRO G 262 -8.60 -29.91 -43.90
N PRO G 263 -9.61 -29.92 -44.76
CA PRO G 263 -9.91 -28.71 -45.54
C PRO G 263 -10.51 -27.59 -44.70
N LEU G 264 -11.36 -27.92 -43.74
CA LEU G 264 -11.99 -26.92 -42.88
C LEU G 264 -12.17 -27.50 -41.49
N VAL G 265 -11.78 -26.72 -40.48
CA VAL G 265 -12.00 -27.10 -39.09
C VAL G 265 -13.15 -26.26 -38.53
N GLN G 266 -13.91 -26.87 -37.63
CA GLN G 266 -14.99 -26.20 -36.94
C GLN G 266 -14.48 -25.66 -35.61
N CYS G 267 -14.66 -24.37 -35.36
CA CYS G 267 -14.02 -23.77 -34.22
C CYS G 267 -14.99 -22.82 -33.55
N LYS G 268 -14.93 -22.75 -32.23
CA LYS G 268 -15.93 -22.06 -31.42
C LYS G 268 -15.30 -20.93 -30.63
N LEU G 269 -15.95 -19.77 -30.65
CA LEU G 269 -15.59 -18.66 -29.78
C LEU G 269 -16.26 -18.86 -28.44
N ILE G 270 -15.47 -18.87 -27.36
CA ILE G 270 -15.95 -19.41 -26.10
C ILE G 270 -16.28 -18.34 -25.06
N ALA G 271 -15.96 -17.08 -25.32
CA ALA G 271 -16.26 -15.99 -24.39
C ALA G 271 -17.37 -15.08 -24.88
N VAL G 272 -18.06 -15.45 -25.97
CA VAL G 272 -19.11 -14.60 -26.51
C VAL G 272 -20.41 -14.72 -25.71
N GLY G 273 -20.50 -15.69 -24.82
CA GLY G 273 -21.69 -15.83 -24.02
C GLY G 273 -21.78 -14.80 -22.92
N VAL G 274 -20.65 -14.47 -22.30
CA VAL G 274 -20.63 -13.47 -21.24
C VAL G 274 -20.47 -12.06 -21.81
N PHE G 275 -19.98 -11.93 -23.04
CA PHE G 275 -19.85 -10.60 -23.62
C PHE G 275 -21.20 -10.01 -23.99
N ARG G 276 -22.21 -10.84 -24.26
CA ARG G 276 -23.53 -10.28 -24.51
C ARG G 276 -24.17 -9.78 -23.22
N LEU G 277 -23.89 -10.42 -22.08
CA LEU G 277 -24.34 -9.86 -20.81
C LEU G 277 -23.62 -8.56 -20.50
N LEU G 278 -22.29 -8.54 -20.63
CA LEU G 278 -21.53 -7.33 -20.38
C LEU G 278 -21.78 -6.24 -21.40
N SER G 279 -22.41 -6.56 -22.53
CA SER G 279 -22.83 -5.55 -23.47
C SER G 279 -24.25 -5.07 -23.23
N TYR G 280 -25.15 -5.93 -22.77
CA TYR G 280 -26.49 -5.48 -22.44
C TYR G 280 -26.49 -4.56 -21.23
N ILE G 281 -25.67 -4.88 -20.22
CA ILE G 281 -25.58 -4.00 -19.04
C ILE G 281 -25.01 -2.65 -19.43
N ASN G 282 -23.91 -2.65 -20.17
CA ASN G 282 -23.24 -1.43 -20.59
C ASN G 282 -23.99 -0.69 -21.68
N LEU G 283 -25.02 -1.27 -22.27
CA LEU G 283 -25.89 -0.53 -23.16
C LEU G 283 -27.06 0.08 -22.42
N ILE G 284 -27.66 -0.66 -21.48
CA ILE G 284 -28.80 -0.14 -20.74
C ILE G 284 -28.40 1.03 -19.85
N ILE G 285 -27.27 0.92 -19.15
CA ILE G 285 -26.84 2.01 -18.29
C ILE G 285 -26.42 3.21 -19.12
N TYR G 286 -25.78 2.99 -20.27
CA TYR G 286 -25.37 4.11 -21.11
C TYR G 286 -26.54 4.78 -21.81
N VAL G 287 -27.66 4.07 -22.01
CA VAL G 287 -28.85 4.76 -22.49
C VAL G 287 -29.50 5.54 -21.35
N LEU G 288 -29.47 5.02 -20.13
CA LEU G 288 -30.05 5.77 -19.03
C LEU G 288 -29.21 6.98 -18.60
N ILE G 289 -27.93 7.02 -18.96
CA ILE G 289 -27.11 8.17 -18.62
C ILE G 289 -27.45 9.39 -19.47
N MET G 290 -27.51 9.20 -20.79
CA MET G 290 -27.57 10.25 -21.81
C MET G 290 -28.64 11.34 -21.65
N PRO G 291 -29.84 11.07 -21.11
CA PRO G 291 -30.73 12.20 -20.80
C PRO G 291 -30.16 13.17 -19.78
N PHE G 292 -29.34 12.71 -18.84
CA PHE G 292 -28.76 13.64 -17.88
C PHE G 292 -27.64 14.48 -18.50
N ILE G 293 -26.92 13.96 -19.49
CA ILE G 293 -25.94 14.78 -20.19
C ILE G 293 -26.64 15.80 -21.07
N ILE G 294 -27.73 15.41 -21.72
CA ILE G 294 -28.49 16.36 -22.53
C ILE G 294 -29.11 17.44 -21.65
N TYR G 295 -29.55 17.07 -20.45
CA TYR G 295 -30.11 18.05 -19.53
C TYR G 295 -29.05 18.98 -18.97
N ALA G 296 -27.84 18.46 -18.71
CA ALA G 296 -26.77 19.28 -18.20
C ALA G 296 -26.21 20.23 -19.25
N MET G 297 -26.36 19.91 -20.54
CA MET G 297 -25.92 20.85 -21.57
C MET G 297 -26.85 22.04 -21.70
N LEU G 298 -28.08 21.95 -21.18
CA LEU G 298 -29.01 23.08 -21.22
C LEU G 298 -28.80 23.92 -19.98
N VAL G 299 -27.86 24.86 -20.06
CA VAL G 299 -27.49 25.69 -18.92
C VAL G 299 -28.55 26.74 -18.59
N PRO G 300 -28.99 27.63 -19.48
CA PRO G 300 -29.91 28.68 -19.03
C PRO G 300 -31.34 28.24 -18.82
N PHE G 301 -31.68 27.00 -19.19
CA PHE G 301 -33.03 26.48 -18.97
C PHE G 301 -33.14 25.68 -17.69
N ARG G 302 -32.18 25.81 -16.78
CA ARG G 302 -32.29 25.20 -15.47
C ARG G 302 -32.95 26.18 -14.51
N LYS G 303 -32.99 25.81 -13.23
CA LYS G 303 -33.64 26.62 -12.21
C LYS G 303 -32.59 27.55 -11.60
N THR G 304 -32.67 28.84 -11.94
CA THR G 304 -31.64 29.81 -11.59
C THR G 304 -32.26 31.00 -10.86
N ALA G 305 -31.38 31.90 -10.39
CA ALA G 305 -31.72 33.22 -9.87
C ALA G 305 -32.64 33.15 -8.65
N ASN G 306 -32.26 32.30 -7.69
CA ASN G 306 -32.98 32.24 -6.41
C ASN G 306 -32.22 32.87 -5.25
N VAL G 307 -30.96 33.25 -5.47
CA VAL G 307 -30.01 33.59 -4.42
C VAL G 307 -29.86 35.10 -4.25
N LEU G 308 -29.97 35.86 -5.32
CA LEU G 308 -29.92 37.31 -5.16
C LEU G 308 -31.24 37.88 -4.65
N LYS G 309 -32.36 37.20 -4.92
CA LYS G 309 -33.65 37.64 -4.41
C LYS G 309 -33.71 37.54 -2.88
N VAL G 310 -32.89 36.68 -2.29
CA VAL G 310 -32.76 36.65 -0.84
C VAL G 310 -31.97 37.88 -0.38
N TYR G 311 -30.96 38.26 -1.13
CA TYR G 311 -30.05 39.32 -0.70
C TYR G 311 -30.56 40.72 -1.03
N GLU G 312 -31.66 40.87 -1.77
CA GLU G 312 -32.20 42.22 -1.99
C GLU G 312 -32.86 42.82 -0.76
N VAL G 313 -32.90 42.12 0.37
CA VAL G 313 -33.42 42.69 1.61
C VAL G 313 -32.51 43.81 2.09
N LEU G 314 -31.20 43.63 1.92
CA LEU G 314 -30.24 44.66 2.30
C LEU G 314 -30.35 45.86 1.36
N PRO G 315 -30.32 47.09 1.90
CA PRO G 315 -30.41 48.28 1.02
C PRO G 315 -29.17 48.52 0.19
N THR G 316 -28.02 47.94 0.55
CA THR G 316 -26.80 48.08 -0.24
C THR G 316 -26.60 46.90 -1.18
N PHE G 317 -27.64 46.11 -1.42
CA PHE G 317 -27.63 44.98 -2.35
C PHE G 317 -26.54 43.95 -2.06
N SER G 324 -32.02 35.98 -17.69
CA SER G 324 -31.00 34.94 -17.74
C SER G 324 -31.41 33.84 -18.69
N LYS G 325 -31.22 34.07 -19.99
CA LYS G 325 -31.57 33.11 -21.01
C LYS G 325 -30.46 32.86 -22.02
N THR G 326 -29.46 33.70 -22.09
CA THR G 326 -28.37 33.52 -23.05
C THR G 326 -27.22 32.75 -22.41
N TYR G 327 -26.27 32.33 -23.25
CA TYR G 327 -25.29 31.32 -22.90
C TYR G 327 -23.95 31.91 -22.50
N ASP G 328 -23.90 33.12 -21.94
CA ASP G 328 -22.64 33.57 -21.40
C ASP G 328 -22.43 32.96 -20.02
N ASP G 329 -21.23 33.12 -19.48
CA ASP G 329 -20.86 32.39 -18.28
C ASP G 329 -21.34 33.06 -17.00
N HIS G 330 -22.14 34.11 -17.10
CA HIS G 330 -22.86 34.58 -15.92
C HIS G 330 -23.89 33.56 -15.47
N SER G 331 -24.55 32.90 -16.42
CA SER G 331 -25.50 31.84 -16.10
C SER G 331 -24.80 30.65 -15.44
N LEU G 332 -23.66 30.25 -16.00
CA LEU G 332 -22.91 29.14 -15.42
C LEU G 332 -22.35 29.49 -14.05
N PHE G 333 -21.89 30.74 -13.87
CA PHE G 333 -21.42 31.12 -12.55
C PHE G 333 -22.55 31.20 -11.55
N LEU G 334 -23.75 31.57 -11.99
CA LEU G 334 -24.88 31.54 -11.07
C LEU G 334 -25.27 30.12 -10.70
N LEU G 335 -25.13 29.17 -11.63
CA LEU G 335 -25.36 27.77 -11.28
C LEU G 335 -24.35 27.29 -10.25
N PHE G 336 -23.08 27.63 -10.46
CA PHE G 336 -22.05 27.22 -9.52
C PHE G 336 -22.12 27.96 -8.20
N LEU G 337 -22.83 29.10 -8.15
CA LEU G 337 -23.03 29.82 -6.91
C LEU G 337 -24.24 29.33 -6.13
N GLU G 338 -25.35 29.02 -6.81
CA GLU G 338 -26.47 28.40 -6.12
C GLU G 338 -26.16 26.96 -5.72
N GLU G 339 -25.15 26.35 -6.32
CA GLU G 339 -24.85 24.97 -5.95
C GLU G 339 -24.19 24.87 -4.58
N ASN G 340 -23.43 25.90 -4.17
CA ASN G 340 -22.90 25.93 -2.80
C ASN G 340 -23.17 27.28 -2.16
N VAL G 341 -24.38 27.44 -1.63
CA VAL G 341 -24.68 28.48 -0.66
C VAL G 341 -24.67 27.92 0.76
N SER G 342 -24.08 26.74 0.94
CA SER G 342 -23.89 26.20 2.27
C SER G 342 -22.79 26.94 3.00
N GLU G 343 -21.78 27.42 2.28
CA GLU G 343 -20.67 28.13 2.91
C GLU G 343 -21.03 29.55 3.31
N LEU G 344 -22.08 30.11 2.72
CA LEU G 344 -22.54 31.45 3.09
C LEU G 344 -23.32 31.34 4.40
N LYS G 345 -22.75 31.85 5.48
CA LYS G 345 -23.45 31.83 6.76
C LYS G 345 -24.55 32.89 6.83
N SER G 346 -24.44 33.96 6.06
CA SER G 346 -25.47 35.00 6.04
C SER G 346 -26.73 34.55 5.32
N TYR G 347 -26.64 33.51 4.49
CA TYR G 347 -27.77 33.10 3.69
C TYR G 347 -28.91 32.57 4.53
N LYS G 348 -28.61 31.87 5.62
CA LYS G 348 -29.67 31.33 6.47
C LYS G 348 -30.42 32.45 7.18
N PHE G 349 -29.69 33.44 7.71
CA PHE G 349 -30.33 34.57 8.35
C PHE G 349 -31.19 35.35 7.39
N LEU G 350 -30.70 35.57 6.17
CA LEU G 350 -31.48 36.33 5.22
C LEU G 350 -32.67 35.53 4.70
N LYS G 351 -32.57 34.21 4.66
CA LYS G 351 -33.72 33.38 4.29
C LYS G 351 -34.79 33.41 5.37
N VAL G 352 -34.36 33.41 6.64
CA VAL G 352 -35.30 33.55 7.76
C VAL G 352 -36.02 34.89 7.69
N LEU G 353 -35.26 35.97 7.49
CA LEU G 353 -35.87 37.30 7.40
C LEU G 353 -36.70 37.48 6.15
N GLU G 354 -36.45 36.69 5.10
CA GLU G 354 -37.36 36.65 3.97
C GLU G 354 -38.66 35.95 4.33
N ASN G 355 -38.56 34.86 5.10
CA ASN G 355 -39.76 34.13 5.51
C ASN G 355 -40.63 34.95 6.45
N ILE G 356 -40.02 35.85 7.24
CA ILE G 356 -40.83 36.77 8.03
C ILE G 356 -41.53 37.77 7.13
N LYS G 357 -40.86 38.19 6.05
CA LYS G 357 -41.39 39.21 5.14
C LYS G 357 -42.39 38.67 4.13
N ASN G 358 -42.90 37.45 4.32
CA ASN G 358 -43.90 36.90 3.41
C ASN G 358 -45.17 36.54 4.17
#